data_2M0M
#
_entry.id   2M0M
#
_entity_poly.entity_id   1
_entity_poly.type   'polypeptide(L)'
_entity_poly.pdbx_seq_one_letter_code
;VGTTVASTTSRLSTAEASSRISTAASTLVSGGYLNTAALPSVIADLFAQVGASSPGVSDSEVLIQVLLEIVSSLIHILSS
SSVGQVDFSSVGSSAAAVGQSMQVVMG
;
_entity_poly.pdbx_strand_id   A,B
#
# COMPACT_ATOMS: atom_id res chain seq x y z
N VAL A 1 11.57 -8.57 -10.06
CA VAL A 1 10.33 -8.49 -9.29
C VAL A 1 9.11 -8.52 -10.22
N GLY A 2 9.36 -8.35 -11.51
CA GLY A 2 8.28 -8.37 -12.48
C GLY A 2 7.50 -9.67 -12.46
N THR A 3 8.22 -10.79 -12.53
CA THR A 3 7.58 -12.10 -12.53
C THR A 3 6.83 -12.34 -11.23
N THR A 4 7.27 -11.69 -10.16
CA THR A 4 6.64 -11.84 -8.86
C THR A 4 5.27 -11.17 -8.84
N VAL A 5 5.14 -10.08 -9.59
CA VAL A 5 3.87 -9.36 -9.66
C VAL A 5 2.81 -10.16 -10.41
N ALA A 6 3.25 -10.89 -11.41
CA ALA A 6 2.35 -11.71 -12.21
C ALA A 6 1.98 -13.00 -11.48
N SER A 7 2.61 -13.22 -10.33
CA SER A 7 2.36 -14.42 -9.54
C SER A 7 1.34 -14.14 -8.43
N THR A 8 1.53 -13.02 -7.74
CA THR A 8 0.63 -12.64 -6.65
C THR A 8 -0.71 -12.15 -7.20
N THR A 9 -0.66 -11.47 -8.34
CA THR A 9 -1.87 -10.95 -8.97
C THR A 9 -2.78 -12.08 -9.43
N SER A 10 -2.18 -13.20 -9.81
CA SER A 10 -2.94 -14.36 -10.27
C SER A 10 -3.73 -14.98 -9.13
N ARG A 11 -3.18 -14.91 -7.92
CA ARG A 11 -3.84 -15.47 -6.74
C ARG A 11 -4.74 -14.43 -6.08
N LEU A 12 -4.44 -13.16 -6.33
CA LEU A 12 -5.22 -12.07 -5.74
C LEU A 12 -6.55 -11.89 -6.48
N SER A 13 -6.60 -12.40 -7.72
CA SER A 13 -7.80 -12.30 -8.53
C SER A 13 -8.79 -13.41 -8.17
N THR A 14 -8.46 -14.19 -7.15
CA THR A 14 -9.31 -15.28 -6.71
C THR A 14 -10.23 -14.85 -5.58
N ALA A 15 -11.31 -15.60 -5.37
CA ALA A 15 -12.27 -15.30 -4.31
C ALA A 15 -11.57 -15.19 -2.96
N GLU A 16 -10.46 -15.90 -2.81
CA GLU A 16 -9.71 -15.89 -1.56
C GLU A 16 -9.28 -14.47 -1.20
N ALA A 17 -8.63 -13.79 -2.14
CA ALA A 17 -8.17 -12.43 -1.92
C ALA A 17 -9.35 -11.49 -1.63
N SER A 18 -10.46 -11.71 -2.33
CA SER A 18 -11.65 -10.89 -2.14
C SER A 18 -12.08 -10.87 -0.68
N SER A 19 -12.20 -12.05 -0.09
CA SER A 19 -12.61 -12.18 1.31
C SER A 19 -11.62 -11.44 2.22
N ARG A 20 -10.35 -11.77 2.10
CA ARG A 20 -9.32 -11.15 2.92
C ARG A 20 -9.44 -9.64 2.89
N ILE A 21 -9.55 -9.08 1.69
CA ILE A 21 -9.68 -7.63 1.52
C ILE A 21 -10.87 -7.09 2.30
N SER A 22 -11.97 -7.85 2.29
CA SER A 22 -13.18 -7.45 3.00
C SER A 22 -12.89 -7.20 4.48
N THR A 23 -12.18 -8.14 5.10
CA THR A 23 -11.83 -8.03 6.51
C THR A 23 -10.77 -6.95 6.74
N ALA A 24 -9.89 -6.78 5.76
CA ALA A 24 -8.84 -5.78 5.85
C ALA A 24 -9.42 -4.37 5.88
N ALA A 25 -10.44 -4.14 5.06
CA ALA A 25 -11.09 -2.83 4.99
C ALA A 25 -12.18 -2.70 6.05
N SER A 26 -12.95 -3.77 6.24
CA SER A 26 -14.03 -3.77 7.21
C SER A 26 -13.50 -3.46 8.61
N THR A 27 -12.24 -3.84 8.86
CA THR A 27 -11.62 -3.60 10.15
C THR A 27 -10.79 -2.32 10.14
N LEU A 28 -10.23 -2.00 8.98
CA LEU A 28 -9.41 -0.80 8.83
C LEU A 28 -10.22 0.45 9.15
N VAL A 29 -11.52 0.40 8.85
CA VAL A 29 -12.41 1.53 9.12
C VAL A 29 -13.61 1.10 9.95
N SER A 30 -13.45 0.01 10.70
CA SER A 30 -14.51 -0.50 11.54
C SER A 30 -15.03 0.58 12.49
N GLY A 31 -14.16 1.02 13.40
CA GLY A 31 -14.53 2.04 14.36
C GLY A 31 -15.09 3.28 13.68
N GLY A 32 -14.71 3.49 12.43
CA GLY A 32 -15.18 4.66 11.69
C GLY A 32 -14.06 5.36 10.94
N TYR A 33 -12.82 4.98 11.23
CA TYR A 33 -11.67 5.57 10.57
C TYR A 33 -10.45 4.65 10.64
N LEU A 34 -9.32 5.14 10.17
CA LEU A 34 -8.09 4.36 10.17
C LEU A 34 -7.55 4.19 11.60
N ASN A 35 -7.38 2.94 12.02
CA ASN A 35 -6.87 2.65 13.36
C ASN A 35 -5.48 2.03 13.29
N THR A 36 -4.48 2.80 13.70
CA THR A 36 -3.10 2.32 13.68
C THR A 36 -2.93 1.10 14.58
N ALA A 37 -3.85 0.91 15.51
CA ALA A 37 -3.81 -0.22 16.43
C ALA A 37 -4.18 -1.51 15.72
N ALA A 38 -4.67 -1.39 14.50
CA ALA A 38 -5.07 -2.55 13.71
C ALA A 38 -4.19 -2.68 12.45
N LEU A 39 -3.56 -1.59 12.06
CA LEU A 39 -2.70 -1.58 10.88
C LEU A 39 -1.78 -2.79 10.88
N PRO A 40 -1.02 -2.96 11.97
CA PRO A 40 -0.08 -4.08 12.11
C PRO A 40 -0.80 -5.41 12.29
N SER A 41 -2.05 -5.36 12.69
CA SER A 41 -2.86 -6.57 12.90
C SER A 41 -3.36 -7.12 11.57
N VAL A 42 -3.85 -6.23 10.71
CA VAL A 42 -4.36 -6.62 9.40
C VAL A 42 -3.23 -7.11 8.50
N ILE A 43 -2.11 -6.41 8.52
CA ILE A 43 -0.95 -6.78 7.71
C ILE A 43 -0.41 -8.14 8.12
N ALA A 44 -0.38 -8.39 9.41
CA ALA A 44 0.11 -9.67 9.94
C ALA A 44 -0.83 -10.81 9.59
N ASP A 45 -2.12 -10.51 9.49
CA ASP A 45 -3.12 -11.50 9.16
C ASP A 45 -2.98 -11.96 7.70
N LEU A 46 -3.05 -11.00 6.79
CA LEU A 46 -2.93 -11.30 5.36
C LEU A 46 -1.68 -12.12 5.09
N PHE A 47 -0.55 -11.69 5.66
CA PHE A 47 0.71 -12.40 5.47
C PHE A 47 0.63 -13.83 6.00
N ALA A 48 -0.23 -14.03 6.99
CA ALA A 48 -0.41 -15.34 7.58
C ALA A 48 -1.30 -16.23 6.71
N GLN A 49 -2.43 -15.67 6.27
CA GLN A 49 -3.36 -16.41 5.43
C GLN A 49 -2.68 -16.90 4.16
N VAL A 50 -2.05 -15.98 3.43
CA VAL A 50 -1.37 -16.32 2.19
C VAL A 50 -0.11 -17.14 2.47
N GLY A 51 0.57 -16.82 3.56
CA GLY A 51 1.78 -17.54 3.91
C GLY A 51 1.50 -18.98 4.29
N ALA A 52 0.26 -19.27 4.64
CA ALA A 52 -0.14 -20.63 5.03
C ALA A 52 -0.50 -21.45 3.80
N SER A 53 -0.93 -20.78 2.73
CA SER A 53 -1.31 -21.46 1.50
C SER A 53 -0.09 -21.72 0.62
N SER A 54 0.90 -20.83 0.71
CA SER A 54 2.11 -20.97 -0.07
C SER A 54 3.35 -20.88 0.82
N PRO A 55 3.61 -21.94 1.59
CA PRO A 55 4.76 -22.00 2.49
C PRO A 55 6.08 -22.10 1.75
N GLY A 56 6.02 -22.60 0.51
CA GLY A 56 7.23 -22.72 -0.29
C GLY A 56 7.54 -21.48 -1.09
N VAL A 57 6.69 -20.46 -0.93
CA VAL A 57 6.89 -19.20 -1.65
C VAL A 57 8.01 -18.38 -1.03
N SER A 58 8.47 -17.36 -1.77
CA SER A 58 9.54 -16.51 -1.29
C SER A 58 8.99 -15.34 -0.48
N ASP A 59 9.74 -14.91 0.53
CA ASP A 59 9.33 -13.80 1.38
C ASP A 59 8.95 -12.59 0.55
N SER A 60 9.57 -12.46 -0.62
CA SER A 60 9.31 -11.33 -1.52
C SER A 60 7.92 -11.45 -2.15
N GLU A 61 7.72 -12.55 -2.89
CA GLU A 61 6.43 -12.79 -3.55
C GLU A 61 5.28 -12.66 -2.55
N VAL A 62 5.40 -13.34 -1.42
CA VAL A 62 4.38 -13.31 -0.39
C VAL A 62 4.13 -11.87 0.10
N LEU A 63 5.20 -11.09 0.13
CA LEU A 63 5.10 -9.70 0.58
C LEU A 63 4.27 -8.87 -0.40
N ILE A 64 4.52 -9.07 -1.69
CA ILE A 64 3.79 -8.34 -2.72
C ILE A 64 2.30 -8.60 -2.64
N GLN A 65 1.94 -9.75 -2.07
CA GLN A 65 0.54 -10.12 -1.92
C GLN A 65 -0.10 -9.42 -0.73
N VAL A 66 0.67 -9.28 0.34
CA VAL A 66 0.19 -8.61 1.55
C VAL A 66 -0.15 -7.15 1.29
N LEU A 67 0.64 -6.52 0.43
CA LEU A 67 0.42 -5.12 0.09
C LEU A 67 -0.69 -4.99 -0.95
N LEU A 68 -0.86 -6.02 -1.78
CA LEU A 68 -1.87 -6.01 -2.81
C LEU A 68 -3.27 -6.02 -2.21
N GLU A 69 -3.45 -6.80 -1.14
CA GLU A 69 -4.73 -6.89 -0.46
C GLU A 69 -5.00 -5.65 0.37
N ILE A 70 -3.96 -5.15 1.04
CA ILE A 70 -4.08 -3.96 1.87
C ILE A 70 -4.55 -2.76 1.06
N VAL A 71 -3.89 -2.53 -0.07
CA VAL A 71 -4.24 -1.42 -0.94
C VAL A 71 -5.64 -1.60 -1.54
N SER A 72 -5.94 -2.82 -1.98
CA SER A 72 -7.23 -3.11 -2.58
C SER A 72 -8.36 -2.74 -1.61
N SER A 73 -8.12 -2.93 -0.32
CA SER A 73 -9.12 -2.62 0.69
C SER A 73 -9.24 -1.12 0.89
N LEU A 74 -8.18 -0.50 1.38
CA LEU A 74 -8.16 0.95 1.61
C LEU A 74 -8.62 1.70 0.36
N ILE A 75 -8.16 1.25 -0.80
CA ILE A 75 -8.54 1.88 -2.06
C ILE A 75 -10.04 1.84 -2.28
N HIS A 76 -10.63 0.66 -2.07
CA HIS A 76 -12.07 0.49 -2.24
C HIS A 76 -12.84 1.44 -1.34
N ILE A 77 -12.21 1.87 -0.25
CA ILE A 77 -12.84 2.78 0.70
C ILE A 77 -12.88 4.20 0.15
N LEU A 78 -11.73 4.66 -0.35
CA LEU A 78 -11.63 6.01 -0.90
C LEU A 78 -12.64 6.21 -2.02
N SER A 79 -12.89 5.16 -2.79
CA SER A 79 -13.84 5.22 -3.90
C SER A 79 -15.14 5.88 -3.46
N SER A 80 -15.50 5.67 -2.20
CA SER A 80 -16.73 6.23 -1.66
C SER A 80 -16.45 7.54 -0.94
N SER A 81 -15.25 7.68 -0.39
CA SER A 81 -14.86 8.89 0.32
C SER A 81 -14.74 10.07 -0.64
N SER A 82 -14.50 11.25 -0.08
CA SER A 82 -14.37 12.46 -0.88
C SER A 82 -13.09 13.22 -0.51
N VAL A 83 -12.35 12.68 0.45
CA VAL A 83 -11.11 13.30 0.89
C VAL A 83 -11.32 14.77 1.22
N GLY A 84 -11.66 15.05 2.48
CA GLY A 84 -11.89 16.41 2.90
C GLY A 84 -10.62 17.23 2.94
N GLN A 85 -10.29 17.76 4.12
CA GLN A 85 -9.09 18.57 4.29
C GLN A 85 -8.00 17.79 5.02
N VAL A 86 -6.96 17.41 4.29
CA VAL A 86 -5.85 16.66 4.88
C VAL A 86 -4.65 17.56 5.15
N ASP A 87 -3.95 17.30 6.25
CA ASP A 87 -2.79 18.09 6.63
C ASP A 87 -1.50 17.33 6.32
N PHE A 88 -0.59 17.98 5.59
CA PHE A 88 0.68 17.36 5.23
C PHE A 88 1.52 17.08 6.47
N SER A 89 1.12 17.66 7.60
CA SER A 89 1.83 17.48 8.85
C SER A 89 1.49 16.12 9.48
N SER A 90 0.73 15.32 8.75
CA SER A 90 0.33 14.00 9.24
C SER A 90 1.13 12.90 8.55
N VAL A 91 1.80 13.26 7.45
CA VAL A 91 2.60 12.30 6.70
C VAL A 91 3.64 11.63 7.60
N GLY A 92 4.23 12.40 8.49
CA GLY A 92 5.22 11.86 9.40
C GLY A 92 4.74 10.63 10.13
N SER A 93 3.58 10.76 10.78
CA SER A 93 3.01 9.64 11.54
C SER A 93 2.53 8.54 10.59
N SER A 94 2.12 8.94 9.39
CA SER A 94 1.64 7.99 8.39
C SER A 94 2.76 7.04 7.96
N ALA A 95 3.90 7.62 7.60
CA ALA A 95 5.04 6.84 7.16
C ALA A 95 5.61 6.01 8.31
N ALA A 96 5.53 6.54 9.52
CA ALA A 96 6.03 5.85 10.70
C ALA A 96 5.14 4.66 11.06
N ALA A 97 3.83 4.86 10.99
CA ALA A 97 2.87 3.80 11.30
C ALA A 97 3.09 2.59 10.40
N VAL A 98 3.18 2.83 9.10
CA VAL A 98 3.39 1.76 8.13
C VAL A 98 4.78 1.14 8.28
N GLY A 99 5.78 1.99 8.48
CA GLY A 99 7.14 1.50 8.64
C GLY A 99 7.31 0.66 9.89
N GLN A 100 6.40 0.82 10.84
CA GLN A 100 6.46 0.08 12.09
C GLN A 100 5.68 -1.23 11.98
N SER A 101 4.63 -1.21 11.17
CA SER A 101 3.79 -2.40 10.98
C SER A 101 4.59 -3.52 10.32
N MET A 102 5.48 -3.15 9.41
CA MET A 102 6.30 -4.14 8.72
C MET A 102 7.02 -5.05 9.70
N GLN A 103 7.35 -4.50 10.87
CA GLN A 103 8.05 -5.26 11.90
C GLN A 103 7.16 -6.40 12.42
N VAL A 104 5.86 -6.22 12.30
CA VAL A 104 4.91 -7.23 12.77
C VAL A 104 4.75 -8.34 11.73
N VAL A 105 5.08 -8.04 10.49
CA VAL A 105 4.98 -9.02 9.40
C VAL A 105 6.18 -9.96 9.40
N MET A 106 7.32 -9.46 9.86
CA MET A 106 8.54 -10.26 9.91
C MET A 106 9.00 -10.46 11.36
N GLY A 107 8.11 -10.16 12.30
CA GLY A 107 8.46 -10.31 13.70
C GLY A 107 7.45 -9.63 14.62
N VAL B 1 13.44 -10.69 3.77
CA VAL B 1 12.80 -9.41 3.50
C VAL B 1 12.86 -8.49 4.71
N GLY B 2 13.19 -9.06 5.86
CA GLY B 2 13.28 -8.29 7.08
C GLY B 2 14.32 -7.19 7.00
N THR B 3 15.57 -7.58 6.82
CA THR B 3 16.67 -6.62 6.72
C THR B 3 16.38 -5.55 5.67
N THR B 4 15.58 -5.92 4.68
CA THR B 4 15.22 -5.00 3.61
C THR B 4 14.31 -3.88 4.13
N VAL B 5 13.47 -4.22 5.10
CA VAL B 5 12.54 -3.25 5.67
C VAL B 5 13.29 -2.20 6.48
N ALA B 6 14.36 -2.62 7.14
CA ALA B 6 15.17 -1.72 7.95
C ALA B 6 16.03 -0.81 7.08
N SER B 7 16.08 -1.12 5.79
CA SER B 7 16.88 -0.35 4.84
C SER B 7 16.04 0.76 4.21
N THR B 8 14.85 0.41 3.75
CA THR B 8 13.94 1.38 3.13
C THR B 8 13.38 2.35 4.17
N THR B 9 13.20 1.86 5.40
CA THR B 9 12.67 2.69 6.47
C THR B 9 13.66 3.77 6.87
N SER B 10 14.95 3.48 6.73
CA SER B 10 16.00 4.42 7.08
C SER B 10 16.02 5.60 6.10
N ARG B 11 15.66 5.32 4.85
CA ARG B 11 15.64 6.36 3.81
C ARG B 11 14.28 7.06 3.78
N LEU B 12 13.26 6.37 4.27
CA LEU B 12 11.90 6.92 4.29
C LEU B 12 11.76 7.93 5.43
N SER B 13 12.63 7.83 6.42
CA SER B 13 12.59 8.73 7.57
C SER B 13 13.31 10.04 7.26
N THR B 14 13.70 10.21 6.01
CA THR B 14 14.41 11.41 5.58
C THR B 14 13.45 12.41 4.96
N ALA B 15 13.88 13.67 4.89
CA ALA B 15 13.06 14.74 4.32
C ALA B 15 12.65 14.38 2.89
N GLU B 16 13.52 13.67 2.18
CA GLU B 16 13.23 13.28 0.80
C GLU B 16 11.91 12.53 0.70
N ALA B 17 11.74 11.54 1.58
CA ALA B 17 10.53 10.74 1.60
C ALA B 17 9.30 11.61 1.84
N SER B 18 9.47 12.66 2.63
CA SER B 18 8.38 13.58 2.95
C SER B 18 7.87 14.27 1.69
N SER B 19 8.80 14.76 0.87
CA SER B 19 8.44 15.45 -0.36
C SER B 19 7.66 14.52 -1.30
N ARG B 20 8.26 13.38 -1.63
CA ARG B 20 7.63 12.42 -2.51
C ARG B 20 6.21 12.11 -2.04
N ILE B 21 6.07 11.79 -0.76
CA ILE B 21 4.77 11.47 -0.18
C ILE B 21 3.78 12.60 -0.41
N SER B 22 4.25 13.83 -0.27
CA SER B 22 3.40 15.01 -0.45
C SER B 22 2.87 15.06 -1.88
N THR B 23 3.73 14.75 -2.85
CA THR B 23 3.33 14.77 -4.25
C THR B 23 2.43 13.59 -4.59
N ALA B 24 2.65 12.47 -3.91
CA ALA B 24 1.86 11.27 -4.13
C ALA B 24 0.43 11.45 -3.60
N ALA B 25 0.30 12.12 -2.46
CA ALA B 25 -0.99 12.36 -1.86
C ALA B 25 -1.67 13.59 -2.48
N SER B 26 -0.87 14.58 -2.82
CA SER B 26 -1.39 15.81 -3.42
C SER B 26 -2.03 15.53 -4.78
N THR B 27 -1.47 14.54 -5.48
CA THR B 27 -1.98 14.17 -6.80
C THR B 27 -3.03 13.06 -6.69
N LEU B 28 -2.88 12.21 -5.68
CA LEU B 28 -3.80 11.10 -5.47
C LEU B 28 -5.22 11.62 -5.22
N VAL B 29 -5.32 12.73 -4.50
CA VAL B 29 -6.61 13.33 -4.18
C VAL B 29 -6.69 14.76 -4.70
N SER B 30 -5.88 15.07 -5.71
CA SER B 30 -5.86 16.40 -6.30
C SER B 30 -7.25 16.81 -6.76
N GLY B 31 -7.79 16.09 -7.73
CA GLY B 31 -9.11 16.40 -8.25
C GLY B 31 -10.17 16.42 -7.16
N GLY B 32 -9.89 15.70 -6.07
CA GLY B 32 -10.84 15.64 -4.97
C GLY B 32 -11.06 14.24 -4.46
N TYR B 33 -10.54 13.26 -5.20
CA TYR B 33 -10.68 11.86 -4.82
C TYR B 33 -9.59 11.01 -5.46
N LEU B 34 -9.69 9.70 -5.28
CA LEU B 34 -8.72 8.76 -5.83
C LEU B 34 -8.88 8.65 -7.35
N ASN B 35 -7.81 8.94 -8.08
CA ASN B 35 -7.83 8.87 -9.54
C ASN B 35 -6.96 7.74 -10.05
N THR B 36 -7.59 6.68 -10.54
CA THR B 36 -6.87 5.52 -11.06
C THR B 36 -5.97 5.91 -12.23
N ALA B 37 -6.27 7.04 -12.85
CA ALA B 37 -5.48 7.54 -13.97
C ALA B 37 -4.14 8.07 -13.51
N ALA B 38 -3.98 8.21 -12.19
CA ALA B 38 -2.73 8.71 -11.62
C ALA B 38 -2.05 7.65 -10.76
N LEU B 39 -2.83 6.66 -10.33
CA LEU B 39 -2.30 5.58 -9.50
C LEU B 39 -0.99 5.05 -10.06
N PRO B 40 -1.02 4.65 -11.34
CA PRO B 40 0.16 4.12 -12.03
C PRO B 40 1.22 5.19 -12.29
N SER B 41 0.79 6.45 -12.26
CA SER B 41 1.69 7.57 -12.50
C SER B 41 2.52 7.87 -11.25
N VAL B 42 1.85 7.87 -10.10
CA VAL B 42 2.53 8.15 -8.84
C VAL B 42 3.48 7.02 -8.46
N ILE B 43 3.04 5.79 -8.65
CA ILE B 43 3.86 4.62 -8.34
C ILE B 43 5.12 4.60 -9.21
N ALA B 44 4.97 4.94 -10.48
CA ALA B 44 6.10 4.96 -11.40
C ALA B 44 7.06 6.09 -11.09
N ASP B 45 6.51 7.18 -10.55
CA ASP B 45 7.33 8.35 -10.18
C ASP B 45 8.20 8.04 -8.97
N LEU B 46 7.57 7.60 -7.89
CA LEU B 46 8.29 7.27 -6.67
C LEU B 46 9.44 6.30 -6.95
N PHE B 47 9.13 5.21 -7.65
CA PHE B 47 10.13 4.21 -7.99
C PHE B 47 11.23 4.81 -8.86
N ALA B 48 10.89 5.87 -9.59
CA ALA B 48 11.85 6.54 -10.46
C ALA B 48 12.80 7.42 -9.66
N GLN B 49 12.24 8.27 -8.80
CA GLN B 49 13.04 9.17 -7.97
C GLN B 49 13.95 8.37 -7.04
N VAL B 50 13.38 7.39 -6.34
CA VAL B 50 14.14 6.57 -5.42
C VAL B 50 15.12 5.67 -6.17
N GLY B 51 14.69 5.17 -7.33
CA GLY B 51 15.53 4.30 -8.12
C GLY B 51 16.71 5.03 -8.73
N ALA B 52 16.60 6.35 -8.84
CA ALA B 52 17.67 7.18 -9.40
C ALA B 52 18.74 7.47 -8.35
N SER B 53 18.34 7.46 -7.09
CA SER B 53 19.27 7.73 -5.99
C SER B 53 20.02 6.46 -5.59
N SER B 54 19.39 5.31 -5.81
CA SER B 54 20.01 4.03 -5.47
C SER B 54 19.90 3.05 -6.63
N PRO B 55 20.72 3.29 -7.67
CA PRO B 55 20.75 2.43 -8.86
C PRO B 55 21.33 1.05 -8.58
N GLY B 56 22.16 0.96 -7.55
CA GLY B 56 22.76 -0.31 -7.19
C GLY B 56 21.89 -1.13 -6.27
N VAL B 57 20.74 -0.58 -5.89
CA VAL B 57 19.81 -1.26 -5.00
C VAL B 57 19.12 -2.41 -5.72
N SER B 58 18.47 -3.27 -4.95
CA SER B 58 17.76 -4.42 -5.51
C SER B 58 16.31 -4.07 -5.83
N ASP B 59 15.78 -4.67 -6.88
CA ASP B 59 14.40 -4.42 -7.29
C ASP B 59 13.44 -4.61 -6.11
N SER B 60 13.83 -5.46 -5.17
CA SER B 60 13.00 -5.73 -4.00
C SER B 60 13.00 -4.54 -3.05
N GLU B 61 14.19 -4.19 -2.55
CA GLU B 61 14.34 -3.07 -1.63
C GLU B 61 13.65 -1.82 -2.18
N VAL B 62 13.96 -1.50 -3.43
CA VAL B 62 13.38 -0.32 -4.08
C VAL B 62 11.86 -0.41 -4.11
N LEU B 63 11.34 -1.62 -4.26
CA LEU B 63 9.90 -1.84 -4.30
C LEU B 63 9.27 -1.54 -2.95
N ILE B 64 9.91 -2.01 -1.89
CA ILE B 64 9.41 -1.80 -0.53
C ILE B 64 9.33 -0.31 -0.20
N GLN B 65 10.18 0.48 -0.85
CA GLN B 65 10.20 1.92 -0.63
C GLN B 65 9.06 2.60 -1.38
N VAL B 66 8.77 2.12 -2.58
CA VAL B 66 7.70 2.67 -3.40
C VAL B 66 6.34 2.51 -2.72
N LEU B 67 6.16 1.39 -2.04
CA LEU B 67 4.90 1.12 -1.34
C LEU B 67 4.86 1.84 0.00
N LEU B 68 6.03 2.10 0.57
CA LEU B 68 6.13 2.79 1.85
C LEU B 68 5.67 4.24 1.72
N GLU B 69 6.03 4.88 0.60
CA GLU B 69 5.66 6.26 0.35
C GLU B 69 4.19 6.37 -0.06
N ILE B 70 3.75 5.42 -0.89
CA ILE B 70 2.38 5.41 -1.36
C ILE B 70 1.39 5.32 -0.20
N VAL B 71 1.63 4.35 0.70
CA VAL B 71 0.77 4.16 1.85
C VAL B 71 0.85 5.35 2.81
N SER B 72 2.05 5.85 3.02
CA SER B 72 2.27 6.99 3.91
C SER B 72 1.42 8.18 3.48
N SER B 73 1.25 8.34 2.18
CA SER B 73 0.46 9.44 1.64
C SER B 73 -1.04 9.19 1.84
N LEU B 74 -1.54 8.14 1.19
CA LEU B 74 -2.95 7.79 1.31
C LEU B 74 -3.38 7.69 2.77
N ILE B 75 -2.51 7.12 3.60
CA ILE B 75 -2.79 6.98 5.01
C ILE B 75 -3.02 8.33 5.68
N HIS B 76 -2.09 9.26 5.46
CA HIS B 76 -2.19 10.59 6.03
C HIS B 76 -3.52 11.24 5.66
N ILE B 77 -4.07 10.84 4.52
CA ILE B 77 -5.34 11.38 4.06
C ILE B 77 -6.50 10.90 4.92
N LEU B 78 -6.57 9.59 5.12
CA LEU B 78 -7.63 8.99 5.93
C LEU B 78 -7.67 9.61 7.32
N SER B 79 -6.48 9.95 7.84
CA SER B 79 -6.38 10.55 9.16
C SER B 79 -7.41 11.67 9.34
N SER B 80 -7.68 12.39 8.25
CA SER B 80 -8.63 13.49 8.29
C SER B 80 -10.01 13.02 7.83
N SER B 81 -10.04 12.02 6.96
CA SER B 81 -11.30 11.48 6.44
C SER B 81 -12.12 10.88 7.58
N SER B 82 -13.30 10.34 7.22
CA SER B 82 -14.18 9.74 8.20
C SER B 82 -14.75 8.42 7.69
N VAL B 83 -14.34 8.05 6.48
CA VAL B 83 -14.81 6.80 5.87
C VAL B 83 -16.31 6.66 5.99
N GLY B 84 -17.04 7.25 5.05
CA GLY B 84 -18.49 7.18 5.07
C GLY B 84 -19.00 5.78 4.81
N GLN B 85 -19.83 5.63 3.78
CA GLN B 85 -20.39 4.33 3.43
C GLN B 85 -19.71 3.76 2.19
N VAL B 86 -18.95 2.68 2.39
CA VAL B 86 -18.25 2.04 1.29
C VAL B 86 -18.85 0.69 0.96
N ASP B 87 -18.93 0.37 -0.33
CA ASP B 87 -19.50 -0.90 -0.77
C ASP B 87 -18.39 -1.92 -1.05
N PHE B 88 -18.52 -3.09 -0.44
CA PHE B 88 -17.54 -4.16 -0.62
C PHE B 88 -17.50 -4.62 -2.07
N SER B 89 -18.50 -4.23 -2.84
CA SER B 89 -18.57 -4.61 -4.25
C SER B 89 -17.60 -3.80 -5.09
N SER B 90 -16.76 -3.02 -4.42
CA SER B 90 -15.78 -2.18 -5.10
C SER B 90 -14.38 -2.79 -4.99
N VAL B 91 -14.20 -3.66 -4.01
CA VAL B 91 -12.91 -4.31 -3.80
C VAL B 91 -12.37 -4.92 -5.09
N GLY B 92 -13.28 -5.39 -5.94
CA GLY B 92 -12.88 -5.98 -7.20
C GLY B 92 -12.08 -5.02 -8.06
N SER B 93 -12.61 -3.84 -8.29
CA SER B 93 -11.94 -2.83 -9.10
C SER B 93 -10.70 -2.29 -8.38
N SER B 94 -10.76 -2.26 -7.06
CA SER B 94 -9.65 -1.77 -6.26
C SER B 94 -8.43 -2.67 -6.40
N ALA B 95 -8.63 -3.97 -6.24
CA ALA B 95 -7.55 -4.94 -6.36
C ALA B 95 -7.02 -5.00 -7.79
N ALA B 96 -7.90 -4.77 -8.75
CA ALA B 96 -7.52 -4.79 -10.16
C ALA B 96 -6.72 -3.55 -10.53
N ALA B 97 -7.15 -2.40 -10.02
CA ALA B 97 -6.47 -1.15 -10.30
C ALA B 97 -5.03 -1.18 -9.85
N VAL B 98 -4.81 -1.67 -8.63
CA VAL B 98 -3.46 -1.77 -8.07
C VAL B 98 -2.63 -2.79 -8.82
N GLY B 99 -3.25 -3.92 -9.15
CA GLY B 99 -2.55 -4.98 -9.86
C GLY B 99 -2.10 -4.54 -11.24
N GLN B 100 -2.80 -3.56 -11.80
CA GLN B 100 -2.46 -3.05 -13.13
C GLN B 100 -1.36 -2.00 -13.05
N SER B 101 -1.35 -1.24 -11.95
CA SER B 101 -0.35 -0.21 -11.76
C SER B 101 1.06 -0.80 -11.69
N MET B 102 1.18 -1.95 -11.03
CA MET B 102 2.46 -2.61 -10.90
C MET B 102 3.10 -2.83 -12.27
N GLN B 103 2.27 -2.97 -13.30
CA GLN B 103 2.76 -3.17 -14.66
C GLN B 103 3.53 -1.95 -15.15
N VAL B 104 3.22 -0.79 -14.58
CA VAL B 104 3.89 0.45 -14.96
C VAL B 104 5.22 0.60 -14.24
N VAL B 105 5.36 -0.08 -13.10
CA VAL B 105 6.59 -0.03 -12.32
C VAL B 105 7.66 -0.93 -12.91
N MET B 106 7.23 -2.02 -13.55
CA MET B 106 8.15 -2.97 -14.15
C MET B 106 8.23 -2.76 -15.67
N GLY B 107 7.40 -1.85 -16.18
CA GLY B 107 7.40 -1.57 -17.60
C GLY B 107 6.19 -0.74 -18.02
N VAL A 1 11.35 -7.77 -10.58
CA VAL A 1 10.21 -7.82 -9.66
C VAL A 1 8.91 -8.03 -10.41
N GLY A 2 8.94 -7.84 -11.72
CA GLY A 2 7.76 -8.02 -12.53
C GLY A 2 7.17 -9.42 -12.41
N THR A 3 8.02 -10.42 -12.57
CA THR A 3 7.59 -11.81 -12.49
C THR A 3 6.96 -12.10 -11.12
N THR A 4 7.53 -11.53 -10.08
CA THR A 4 7.02 -11.72 -8.72
C THR A 4 5.62 -11.17 -8.57
N VAL A 5 5.37 -10.03 -9.22
CA VAL A 5 4.05 -9.39 -9.16
C VAL A 5 3.02 -10.20 -9.94
N ALA A 6 3.42 -10.71 -11.10
CA ALA A 6 2.53 -11.49 -11.95
C ALA A 6 2.22 -12.84 -11.30
N SER A 7 2.94 -13.16 -10.24
CA SER A 7 2.74 -14.42 -9.54
C SER A 7 1.74 -14.26 -8.40
N THR A 8 1.87 -13.17 -7.66
CA THR A 8 0.97 -12.89 -6.54
C THR A 8 -0.35 -12.32 -7.03
N THR A 9 -0.32 -11.65 -8.17
CA THR A 9 -1.52 -11.06 -8.74
C THR A 9 -2.46 -12.14 -9.28
N SER A 10 -1.89 -13.25 -9.72
CA SER A 10 -2.68 -14.36 -10.26
C SER A 10 -3.48 -15.04 -9.16
N ARG A 11 -2.93 -15.06 -7.95
CA ARG A 11 -3.59 -15.68 -6.82
C ARG A 11 -4.51 -14.69 -6.12
N LEU A 12 -4.25 -13.41 -6.31
CA LEU A 12 -5.06 -12.36 -5.70
C LEU A 12 -6.37 -12.19 -6.45
N SER A 13 -6.41 -12.63 -7.70
CA SER A 13 -7.59 -12.52 -8.52
C SER A 13 -8.61 -13.60 -8.17
N THR A 14 -8.29 -14.39 -7.14
CA THR A 14 -9.17 -15.46 -6.69
C THR A 14 -10.11 -14.98 -5.59
N ALA A 15 -11.19 -15.72 -5.39
CA ALA A 15 -12.17 -15.36 -4.37
C ALA A 15 -11.51 -15.26 -3.00
N GLU A 16 -10.43 -16.01 -2.81
CA GLU A 16 -9.71 -16.00 -1.54
C GLU A 16 -9.25 -14.59 -1.19
N ALA A 17 -8.55 -13.95 -2.11
CA ALA A 17 -8.06 -12.60 -1.90
C ALA A 17 -9.21 -11.63 -1.62
N SER A 18 -10.32 -11.82 -2.34
CA SER A 18 -11.48 -10.96 -2.18
C SER A 18 -11.95 -10.95 -0.73
N SER A 19 -12.12 -12.13 -0.15
CA SER A 19 -12.56 -12.25 1.23
C SER A 19 -11.62 -11.53 2.17
N ARG A 20 -10.33 -11.85 2.08
CA ARG A 20 -9.32 -11.23 2.93
C ARG A 20 -9.46 -9.72 2.92
N ILE A 21 -9.57 -9.15 1.72
CA ILE A 21 -9.71 -7.71 1.57
C ILE A 21 -10.91 -7.18 2.36
N SER A 22 -12.00 -7.94 2.33
CA SER A 22 -13.22 -7.56 3.04
C SER A 22 -12.93 -7.34 4.52
N THR A 23 -12.22 -8.29 5.12
CA THR A 23 -11.88 -8.19 6.54
C THR A 23 -10.84 -7.11 6.79
N ALA A 24 -9.96 -6.91 5.82
CA ALA A 24 -8.92 -5.89 5.93
C ALA A 24 -9.50 -4.49 5.95
N ALA A 25 -10.52 -4.27 5.11
CA ALA A 25 -11.17 -2.97 5.03
C ALA A 25 -12.26 -2.84 6.09
N SER A 26 -13.02 -3.90 6.29
CA SER A 26 -14.10 -3.90 7.27
C SER A 26 -13.57 -3.58 8.66
N THR A 27 -12.34 -4.00 8.94
CA THR A 27 -11.71 -3.75 10.23
C THR A 27 -10.90 -2.46 10.21
N LEU A 28 -10.34 -2.13 9.06
CA LEU A 28 -9.55 -0.91 8.90
C LEU A 28 -10.39 0.33 9.21
N VAL A 29 -11.68 0.25 8.91
CA VAL A 29 -12.59 1.36 9.17
C VAL A 29 -13.74 0.94 10.06
N SER A 30 -13.53 -0.13 10.82
CA SER A 30 -14.56 -0.64 11.73
C SER A 30 -14.93 0.40 12.78
N GLY A 31 -13.94 0.81 13.57
CA GLY A 31 -14.17 1.80 14.60
C GLY A 31 -14.79 3.07 14.05
N GLY A 32 -14.63 3.29 12.76
CA GLY A 32 -15.18 4.48 12.13
C GLY A 32 -14.13 5.27 11.37
N TYR A 33 -12.93 4.72 11.28
CA TYR A 33 -11.84 5.39 10.57
C TYR A 33 -10.58 4.52 10.58
N LEU A 34 -9.49 5.07 10.04
CA LEU A 34 -8.22 4.36 9.99
C LEU A 34 -7.60 4.26 11.38
N ASN A 35 -7.53 3.04 11.91
CA ASN A 35 -6.95 2.82 13.23
C ASN A 35 -5.55 2.21 13.11
N THR A 36 -4.56 2.96 13.56
CA THR A 36 -3.17 2.49 13.51
C THR A 36 -2.95 1.29 14.42
N ALA A 37 -3.85 1.13 15.39
CA ALA A 37 -3.76 0.02 16.33
C ALA A 37 -4.11 -1.31 15.65
N ALA A 38 -4.64 -1.22 14.43
CA ALA A 38 -5.02 -2.40 13.67
C ALA A 38 -4.20 -2.53 12.40
N LEU A 39 -3.60 -1.42 11.98
CA LEU A 39 -2.77 -1.41 10.77
C LEU A 39 -1.83 -2.61 10.75
N PRO A 40 -1.04 -2.78 11.81
CA PRO A 40 -0.09 -3.89 11.93
C PRO A 40 -0.79 -5.23 12.12
N SER A 41 -2.03 -5.18 12.57
CA SER A 41 -2.80 -6.40 12.80
C SER A 41 -3.34 -6.95 11.49
N VAL A 42 -3.89 -6.07 10.65
CA VAL A 42 -4.44 -6.47 9.36
C VAL A 42 -3.34 -6.98 8.43
N ILE A 43 -2.21 -6.27 8.41
CA ILE A 43 -1.08 -6.65 7.57
C ILE A 43 -0.55 -8.02 7.95
N ALA A 44 -0.45 -8.27 9.26
CA ALA A 44 0.04 -9.55 9.75
C ALA A 44 -0.92 -10.68 9.44
N ASP A 45 -2.22 -10.35 9.36
CA ASP A 45 -3.25 -11.33 9.05
C ASP A 45 -3.13 -11.82 7.61
N LEU A 46 -3.18 -10.88 6.67
CA LEU A 46 -3.08 -11.22 5.25
C LEU A 46 -1.85 -12.07 4.98
N PHE A 47 -0.73 -11.68 5.56
CA PHE A 47 0.53 -12.42 5.37
C PHE A 47 0.41 -13.82 5.96
N ALA A 48 -0.46 -13.98 6.96
CA ALA A 48 -0.65 -15.27 7.60
C ALA A 48 -1.53 -16.18 6.74
N GLN A 49 -2.70 -15.68 6.36
CA GLN A 49 -3.62 -16.45 5.54
C GLN A 49 -2.95 -16.95 4.26
N VAL A 50 -2.33 -16.02 3.53
CA VAL A 50 -1.64 -16.37 2.29
C VAL A 50 -0.39 -17.21 2.58
N GLY A 51 0.28 -16.90 3.67
CA GLY A 51 1.49 -17.63 4.03
C GLY A 51 1.21 -19.09 4.31
N ALA A 52 -0.03 -19.39 4.69
CA ALA A 52 -0.42 -20.76 4.99
C ALA A 52 -0.77 -21.53 3.72
N SER A 53 -1.20 -20.79 2.70
CA SER A 53 -1.57 -21.41 1.42
C SER A 53 -0.35 -21.61 0.54
N SER A 54 0.60 -20.69 0.63
CA SER A 54 1.82 -20.76 -0.16
C SER A 54 3.05 -20.89 0.74
N PRO A 55 3.19 -22.05 1.38
CA PRO A 55 4.33 -22.32 2.28
C PRO A 55 5.64 -22.46 1.53
N GLY A 56 5.56 -22.82 0.25
CA GLY A 56 6.75 -22.98 -0.56
C GLY A 56 7.17 -21.69 -1.23
N VAL A 57 6.41 -20.63 -1.00
CA VAL A 57 6.72 -19.33 -1.59
C VAL A 57 7.85 -18.63 -0.83
N SER A 58 8.31 -17.51 -1.37
CA SER A 58 9.38 -16.76 -0.75
C SER A 58 8.84 -15.58 0.06
N ASP A 59 9.55 -15.23 1.13
CA ASP A 59 9.14 -14.13 1.98
C ASP A 59 8.86 -12.87 1.17
N SER A 60 9.66 -12.67 0.12
CA SER A 60 9.52 -11.51 -0.75
C SER A 60 8.22 -11.58 -1.55
N GLU A 61 8.01 -12.71 -2.22
CA GLU A 61 6.81 -12.91 -3.02
C GLU A 61 5.55 -12.76 -2.18
N VAL A 62 5.52 -13.45 -1.05
CA VAL A 62 4.37 -13.40 -0.15
C VAL A 62 4.12 -11.97 0.32
N LEU A 63 5.19 -11.19 0.45
CA LEU A 63 5.08 -9.80 0.89
C LEU A 63 4.35 -8.96 -0.15
N ILE A 64 4.69 -9.17 -1.42
CA ILE A 64 4.06 -8.43 -2.51
C ILE A 64 2.55 -8.66 -2.53
N GLN A 65 2.12 -9.77 -1.95
CA GLN A 65 0.70 -10.11 -1.90
C GLN A 65 0.01 -9.39 -0.75
N VAL A 66 0.71 -9.26 0.37
CA VAL A 66 0.16 -8.59 1.54
C VAL A 66 -0.17 -7.13 1.23
N LEU A 67 0.65 -6.51 0.41
CA LEU A 67 0.44 -5.11 0.03
C LEU A 67 -0.63 -4.99 -1.04
N LEU A 68 -0.78 -6.04 -1.84
CA LEU A 68 -1.78 -6.05 -2.90
C LEU A 68 -3.19 -6.02 -2.33
N GLU A 69 -3.41 -6.77 -1.25
CA GLU A 69 -4.71 -6.82 -0.61
C GLU A 69 -4.97 -5.56 0.21
N ILE A 70 -3.93 -5.11 0.91
CA ILE A 70 -4.05 -3.91 1.74
C ILE A 70 -4.52 -2.72 0.93
N VAL A 71 -3.87 -2.49 -0.21
CA VAL A 71 -4.22 -1.38 -1.08
C VAL A 71 -5.62 -1.56 -1.65
N SER A 72 -5.93 -2.77 -2.07
CA SER A 72 -7.24 -3.09 -2.64
C SER A 72 -8.36 -2.72 -1.66
N SER A 73 -8.09 -2.90 -0.37
CA SER A 73 -9.06 -2.60 0.66
C SER A 73 -9.20 -1.09 0.86
N LEU A 74 -8.12 -0.46 1.31
CA LEU A 74 -8.11 0.98 1.55
C LEU A 74 -8.60 1.73 0.31
N ILE A 75 -8.16 1.28 -0.86
CA ILE A 75 -8.55 1.92 -2.11
C ILE A 75 -10.06 1.86 -2.31
N HIS A 76 -10.64 0.68 -2.09
CA HIS A 76 -12.08 0.50 -2.24
C HIS A 76 -12.84 1.45 -1.32
N ILE A 77 -12.21 1.84 -0.22
CA ILE A 77 -12.84 2.74 0.73
C ILE A 77 -12.88 4.17 0.19
N LEU A 78 -11.76 4.64 -0.33
CA LEU A 78 -11.66 5.98 -0.89
C LEU A 78 -12.64 6.16 -2.04
N SER A 79 -12.85 5.09 -2.81
CA SER A 79 -13.76 5.12 -3.94
C SER A 79 -15.11 5.72 -3.54
N SER A 80 -15.47 5.54 -2.27
CA SER A 80 -16.74 6.05 -1.77
C SER A 80 -16.52 7.32 -0.95
N SER A 81 -15.47 7.32 -0.13
CA SER A 81 -15.16 8.47 0.70
C SER A 81 -14.77 9.67 -0.15
N SER A 82 -14.50 10.80 0.50
CA SER A 82 -14.11 12.01 -0.20
C SER A 82 -12.76 12.52 0.31
N VAL A 83 -12.41 13.74 -0.09
CA VAL A 83 -11.13 14.34 0.32
C VAL A 83 -11.38 15.64 1.09
N GLY A 84 -11.56 15.51 2.40
CA GLY A 84 -11.79 16.68 3.23
C GLY A 84 -10.57 17.57 3.34
N GLN A 85 -10.24 17.98 4.55
CA GLN A 85 -9.08 18.83 4.79
C GLN A 85 -7.93 18.04 5.42
N VAL A 86 -7.01 17.59 4.58
CA VAL A 86 -5.87 16.81 5.05
C VAL A 86 -4.65 17.71 5.27
N ASP A 87 -3.91 17.45 6.34
CA ASP A 87 -2.72 18.24 6.65
C ASP A 87 -1.46 17.47 6.30
N PHE A 88 -0.58 18.10 5.52
CA PHE A 88 0.68 17.48 5.11
C PHE A 88 1.56 17.19 6.32
N SER A 89 1.22 17.78 7.46
CA SER A 89 1.98 17.59 8.68
C SER A 89 1.65 16.24 9.33
N SER A 90 0.83 15.45 8.64
CA SER A 90 0.44 14.14 9.14
C SER A 90 1.25 13.03 8.46
N VAL A 91 1.84 13.37 7.31
CA VAL A 91 2.64 12.41 6.57
C VAL A 91 3.67 11.74 7.46
N GLY A 92 4.28 12.52 8.34
CA GLY A 92 5.29 12.00 9.24
C GLY A 92 4.79 10.79 10.02
N SER A 93 3.64 10.92 10.66
CA SER A 93 3.07 9.83 11.44
C SER A 93 2.60 8.70 10.53
N SER A 94 2.17 9.07 9.32
CA SER A 94 1.68 8.08 8.35
C SER A 94 2.82 7.15 7.91
N ALA A 95 3.95 7.74 7.55
CA ALA A 95 5.09 6.96 7.11
C ALA A 95 5.68 6.15 8.25
N ALA A 96 5.59 6.69 9.46
CA ALA A 96 6.11 6.02 10.65
C ALA A 96 5.23 4.84 11.03
N ALA A 97 3.91 5.04 11.01
CA ALA A 97 2.97 3.98 11.35
C ALA A 97 3.16 2.77 10.44
N VAL A 98 3.22 3.01 9.15
CA VAL A 98 3.39 1.93 8.17
C VAL A 98 4.75 1.25 8.35
N GLY A 99 5.78 2.05 8.62
CA GLY A 99 7.10 1.50 8.80
C GLY A 99 7.20 0.58 10.01
N GLN A 100 6.32 0.81 10.98
CA GLN A 100 6.31 0.00 12.20
C GLN A 100 5.52 -1.30 11.98
N SER A 101 4.50 -1.22 11.12
CA SER A 101 3.67 -2.38 10.83
C SER A 101 4.48 -3.47 10.13
N MET A 102 5.30 -3.05 9.17
CA MET A 102 6.13 -3.99 8.42
C MET A 102 6.98 -4.85 9.36
N GLN A 103 7.27 -4.30 10.55
CA GLN A 103 8.07 -5.02 11.53
C GLN A 103 7.33 -6.25 12.05
N VAL A 104 5.99 -6.22 11.95
CA VAL A 104 5.16 -7.32 12.41
C VAL A 104 5.04 -8.40 11.33
N VAL A 105 5.26 -8.00 10.08
CA VAL A 105 5.18 -8.93 8.97
C VAL A 105 6.46 -9.75 8.83
N MET A 106 7.58 -9.16 9.24
CA MET A 106 8.87 -9.83 9.17
C MET A 106 9.05 -10.78 10.35
N GLY A 107 8.27 -10.57 11.41
CA GLY A 107 8.36 -11.41 12.58
C GLY A 107 7.66 -10.81 13.79
N VAL B 1 12.62 -10.89 4.64
CA VAL B 1 12.44 -9.63 3.94
C VAL B 1 12.56 -8.44 4.88
N GLY B 2 12.68 -8.73 6.17
CA GLY B 2 12.80 -7.68 7.17
C GLY B 2 14.00 -6.78 6.91
N THR B 3 15.16 -7.40 6.69
CA THR B 3 16.38 -6.64 6.44
C THR B 3 16.17 -5.60 5.35
N THR B 4 15.45 -5.98 4.30
CA THR B 4 15.17 -5.08 3.19
C THR B 4 14.27 -3.93 3.62
N VAL B 5 13.37 -4.22 4.56
CA VAL B 5 12.44 -3.21 5.07
C VAL B 5 13.17 -2.19 5.94
N ALA B 6 14.16 -2.64 6.68
CA ALA B 6 14.94 -1.76 7.54
C ALA B 6 15.91 -0.91 6.73
N SER B 7 16.06 -1.25 5.45
CA SER B 7 16.96 -0.52 4.57
C SER B 7 16.23 0.63 3.87
N THR B 8 15.01 0.36 3.43
CA THR B 8 14.21 1.36 2.74
C THR B 8 13.58 2.34 3.73
N THR B 9 13.33 1.85 4.95
CA THR B 9 12.73 2.68 5.99
C THR B 9 13.71 3.72 6.51
N SER B 10 15.00 3.37 6.49
CA SER B 10 16.04 4.27 6.95
C SER B 10 16.18 5.47 6.03
N ARG B 11 15.95 5.25 4.74
CA ARG B 11 16.05 6.31 3.74
C ARG B 11 14.72 7.08 3.65
N LEU B 12 13.64 6.42 4.03
CA LEU B 12 12.32 7.05 3.98
C LEU B 12 12.13 8.02 5.14
N SER B 13 12.95 7.86 6.18
CA SER B 13 12.86 8.72 7.35
C SER B 13 13.53 10.08 7.08
N THR B 14 13.95 10.28 5.84
CA THR B 14 14.61 11.52 5.45
C THR B 14 13.61 12.50 4.83
N ALA B 15 14.01 13.76 4.72
CA ALA B 15 13.16 14.79 4.14
C ALA B 15 12.76 14.44 2.71
N GLU B 16 13.63 13.72 2.02
CA GLU B 16 13.37 13.33 0.64
C GLU B 16 12.04 12.60 0.53
N ALA B 17 11.85 11.59 1.38
CA ALA B 17 10.61 10.81 1.38
C ALA B 17 9.40 11.70 1.66
N SER B 18 9.61 12.71 2.49
CA SER B 18 8.53 13.63 2.85
C SER B 18 8.00 14.36 1.61
N SER B 19 8.91 14.90 0.81
CA SER B 19 8.54 15.61 -0.40
C SER B 19 7.76 14.71 -1.35
N ARG B 20 8.37 13.58 -1.72
CA ARG B 20 7.74 12.64 -2.62
C ARG B 20 6.32 12.33 -2.18
N ILE B 21 6.16 11.97 -0.90
CA ILE B 21 4.85 11.65 -0.35
C ILE B 21 3.87 12.79 -0.58
N SER B 22 4.35 14.02 -0.42
CA SER B 22 3.49 15.19 -0.60
C SER B 22 2.97 15.27 -2.04
N THR B 23 3.84 14.94 -2.99
CA THR B 23 3.46 14.97 -4.41
C THR B 23 2.55 13.79 -4.75
N ALA B 24 2.75 12.67 -4.07
CA ALA B 24 1.95 11.48 -4.31
C ALA B 24 0.53 11.66 -3.77
N ALA B 25 0.42 12.32 -2.63
CA ALA B 25 -0.88 12.56 -2.01
C ALA B 25 -1.56 13.78 -2.62
N SER B 26 -0.77 14.77 -2.99
CA SER B 26 -1.29 16.00 -3.58
C SER B 26 -1.94 15.71 -4.93
N THR B 27 -1.36 14.78 -5.68
CA THR B 27 -1.87 14.41 -6.99
C THR B 27 -2.93 13.31 -6.87
N LEU B 28 -2.77 12.46 -5.87
CA LEU B 28 -3.72 11.36 -5.65
C LEU B 28 -5.12 11.89 -5.39
N VAL B 29 -5.20 12.99 -4.65
CA VAL B 29 -6.49 13.61 -4.34
C VAL B 29 -6.59 15.00 -4.92
N SER B 30 -5.82 15.26 -5.97
CA SER B 30 -5.81 16.57 -6.61
C SER B 30 -7.19 16.89 -7.20
N GLY B 31 -7.64 16.05 -8.12
CA GLY B 31 -8.93 16.26 -8.75
C GLY B 31 -10.05 16.34 -7.74
N GLY B 32 -9.82 15.82 -6.53
CA GLY B 32 -10.83 15.85 -5.49
C GLY B 32 -11.09 14.47 -4.90
N TYR B 33 -10.37 13.47 -5.39
CA TYR B 33 -10.53 12.11 -4.91
C TYR B 33 -9.50 11.18 -5.54
N LEU B 34 -9.61 9.89 -5.23
CA LEU B 34 -8.67 8.90 -5.76
C LEU B 34 -8.87 8.72 -7.26
N ASN B 35 -7.85 9.06 -8.04
CA ASN B 35 -7.92 8.93 -9.49
C ASN B 35 -7.04 7.77 -9.97
N THR B 36 -7.68 6.72 -10.47
CA THR B 36 -6.96 5.55 -10.96
C THR B 36 -6.07 5.91 -12.15
N ALA B 37 -6.39 7.02 -12.81
CA ALA B 37 -5.63 7.47 -13.95
C ALA B 37 -4.26 8.02 -13.52
N ALA B 38 -4.09 8.19 -12.22
CA ALA B 38 -2.84 8.70 -11.68
C ALA B 38 -2.16 7.66 -10.79
N LEU B 39 -2.94 6.69 -10.33
CA LEU B 39 -2.41 5.64 -9.46
C LEU B 39 -1.09 5.10 -10.00
N PRO B 40 -1.12 4.66 -11.27
CA PRO B 40 0.08 4.11 -11.93
C PRO B 40 1.13 5.18 -12.20
N SER B 41 0.70 6.44 -12.22
CA SER B 41 1.60 7.55 -12.48
C SER B 41 2.42 7.89 -11.23
N VAL B 42 1.74 7.94 -10.09
CA VAL B 42 2.40 8.25 -8.82
C VAL B 42 3.37 7.15 -8.42
N ILE B 43 2.95 5.90 -8.60
CA ILE B 43 3.77 4.75 -8.25
C ILE B 43 5.04 4.72 -9.09
N ALA B 44 4.90 5.04 -10.38
CA ALA B 44 6.04 5.05 -11.30
C ALA B 44 6.99 6.19 -10.97
N ASP B 45 6.44 7.28 -10.44
CA ASP B 45 7.25 8.44 -10.09
C ASP B 45 8.15 8.13 -8.90
N LEU B 46 7.55 7.65 -7.81
CA LEU B 46 8.29 7.32 -6.60
C LEU B 46 9.44 6.35 -6.92
N PHE B 47 9.14 5.33 -7.70
CA PHE B 47 10.15 4.34 -8.08
C PHE B 47 11.24 4.97 -8.93
N ALA B 48 10.88 6.04 -9.64
CA ALA B 48 11.82 6.73 -10.51
C ALA B 48 12.76 7.62 -9.69
N GLN B 49 12.17 8.49 -8.87
CA GLN B 49 12.95 9.39 -8.03
C GLN B 49 13.90 8.63 -7.13
N VAL B 50 13.37 7.62 -6.43
CA VAL B 50 14.17 6.80 -5.53
C VAL B 50 15.17 5.95 -6.31
N GLY B 51 14.76 5.47 -7.48
CA GLY B 51 15.62 4.64 -8.30
C GLY B 51 16.82 5.42 -8.82
N ALA B 52 16.68 6.74 -8.91
CA ALA B 52 17.77 7.59 -9.40
C ALA B 52 18.79 7.86 -8.30
N SER B 53 18.34 7.80 -7.05
CA SER B 53 19.22 8.04 -5.92
C SER B 53 19.94 6.75 -5.50
N SER B 54 19.25 5.63 -5.64
CA SER B 54 19.82 4.34 -5.28
C SER B 54 19.92 3.42 -6.50
N PRO B 55 20.84 3.76 -7.41
CA PRO B 55 21.06 2.99 -8.63
C PRO B 55 21.69 1.63 -8.35
N GLY B 56 22.40 1.52 -7.24
CA GLY B 56 23.04 0.28 -6.87
C GLY B 56 22.12 -0.64 -6.10
N VAL B 57 20.90 -0.18 -5.84
CA VAL B 57 19.92 -0.97 -5.11
C VAL B 57 19.31 -2.05 -5.98
N SER B 58 18.51 -2.93 -5.38
CA SER B 58 17.87 -4.01 -6.11
C SER B 58 16.40 -3.69 -6.38
N ASP B 59 15.87 -4.24 -7.47
CA ASP B 59 14.48 -4.01 -7.84
C ASP B 59 13.55 -4.29 -6.67
N SER B 60 13.96 -5.20 -5.79
CA SER B 60 13.17 -5.57 -4.63
C SER B 60 13.16 -4.44 -3.60
N GLU B 61 14.34 -4.08 -3.13
CA GLU B 61 14.48 -3.02 -2.13
C GLU B 61 13.77 -1.76 -2.59
N VAL B 62 14.05 -1.34 -3.82
CA VAL B 62 13.44 -0.14 -4.38
C VAL B 62 11.91 -0.25 -4.37
N LEU B 63 11.41 -1.46 -4.59
CA LEU B 63 9.98 -1.71 -4.61
C LEU B 63 9.37 -1.50 -3.23
N ILE B 64 10.06 -1.99 -2.20
CA ILE B 64 9.59 -1.86 -0.83
C ILE B 64 9.46 -0.39 -0.44
N GLN B 65 10.26 0.46 -1.08
CA GLN B 65 10.23 1.89 -0.79
C GLN B 65 9.06 2.57 -1.50
N VAL B 66 8.77 2.12 -2.70
CA VAL B 66 7.68 2.68 -3.49
C VAL B 66 6.34 2.50 -2.77
N LEU B 67 6.17 1.35 -2.11
CA LEU B 67 4.95 1.06 -1.38
C LEU B 67 4.94 1.78 -0.04
N LEU B 68 6.12 2.09 0.48
CA LEU B 68 6.24 2.77 1.77
C LEU B 68 5.76 4.22 1.66
N GLU B 69 6.12 4.87 0.56
CA GLU B 69 5.73 6.26 0.33
C GLU B 69 4.26 6.36 -0.07
N ILE B 70 3.81 5.41 -0.88
CA ILE B 70 2.43 5.39 -1.33
C ILE B 70 1.46 5.31 -0.14
N VAL B 71 1.71 4.36 0.75
CA VAL B 71 0.87 4.19 1.93
C VAL B 71 0.94 5.40 2.84
N SER B 72 2.15 5.93 3.02
CA SER B 72 2.36 7.09 3.88
C SER B 72 1.48 8.26 3.43
N SER B 73 1.30 8.37 2.12
CA SER B 73 0.47 9.45 1.56
C SER B 73 -1.00 9.17 1.78
N LEU B 74 -1.49 8.10 1.17
CA LEU B 74 -2.90 7.71 1.29
C LEU B 74 -3.32 7.66 2.75
N ILE B 75 -2.43 7.16 3.60
CA ILE B 75 -2.71 7.06 5.03
C ILE B 75 -2.90 8.44 5.65
N HIS B 76 -2.02 9.37 5.30
CA HIS B 76 -2.09 10.73 5.82
C HIS B 76 -3.43 11.37 5.47
N ILE B 77 -4.00 10.97 4.35
CA ILE B 77 -5.28 11.50 3.91
C ILE B 77 -6.42 11.00 4.79
N LEU B 78 -6.54 9.69 4.91
CA LEU B 78 -7.58 9.08 5.73
C LEU B 78 -7.58 9.65 7.13
N SER B 79 -6.38 9.98 7.63
CA SER B 79 -6.24 10.54 8.97
C SER B 79 -7.18 11.73 9.17
N SER B 80 -7.54 12.38 8.06
CA SER B 80 -8.42 13.53 8.11
C SER B 80 -9.82 13.17 7.63
N SER B 81 -9.89 12.37 6.57
CA SER B 81 -11.17 11.94 6.01
C SER B 81 -11.95 11.10 7.02
N SER B 82 -13.10 10.58 6.58
CA SER B 82 -13.94 9.76 7.44
C SER B 82 -14.34 8.47 6.74
N VAL B 83 -15.28 7.75 7.32
CA VAL B 83 -15.75 6.49 6.76
C VAL B 83 -17.17 6.63 6.20
N GLY B 84 -17.25 7.11 4.96
CA GLY B 84 -18.55 7.29 4.33
C GLY B 84 -19.25 5.97 4.07
N GLN B 85 -19.90 5.87 2.92
CA GLN B 85 -20.62 4.65 2.55
C GLN B 85 -19.86 3.88 1.47
N VAL B 86 -19.00 2.96 1.89
CA VAL B 86 -18.22 2.16 0.97
C VAL B 86 -18.87 0.80 0.74
N ASP B 87 -18.87 0.36 -0.52
CA ASP B 87 -19.47 -0.93 -0.88
C ASP B 87 -18.39 -1.97 -1.14
N PHE B 88 -18.51 -3.11 -0.47
CA PHE B 88 -17.53 -4.19 -0.63
C PHE B 88 -17.50 -4.68 -2.07
N SER B 89 -18.50 -4.29 -2.85
CA SER B 89 -18.59 -4.70 -4.25
C SER B 89 -17.62 -3.90 -5.11
N SER B 90 -16.75 -3.13 -4.44
CA SER B 90 -15.77 -2.32 -5.15
C SER B 90 -14.37 -2.90 -5.02
N VAL B 91 -14.18 -3.76 -4.01
CA VAL B 91 -12.89 -4.39 -3.78
C VAL B 91 -12.34 -5.00 -5.05
N GLY B 92 -13.23 -5.49 -5.90
CA GLY B 92 -12.81 -6.10 -7.15
C GLY B 92 -12.05 -5.13 -8.05
N SER B 93 -12.62 -3.95 -8.25
CA SER B 93 -11.99 -2.93 -9.10
C SER B 93 -10.75 -2.36 -8.41
N SER B 94 -10.78 -2.32 -7.08
CA SER B 94 -9.67 -1.79 -6.31
C SER B 94 -8.43 -2.68 -6.47
N ALA B 95 -8.62 -3.98 -6.29
CA ALA B 95 -7.52 -4.93 -6.41
C ALA B 95 -7.01 -5.00 -7.83
N ALA B 96 -7.90 -4.78 -8.79
CA ALA B 96 -7.53 -4.81 -10.20
C ALA B 96 -6.74 -3.57 -10.60
N ALA B 97 -7.20 -2.41 -10.15
CA ALA B 97 -6.53 -1.15 -10.44
C ALA B 97 -5.09 -1.17 -9.96
N VAL B 98 -4.89 -1.62 -8.73
CA VAL B 98 -3.56 -1.68 -8.14
C VAL B 98 -2.69 -2.70 -8.86
N GLY B 99 -3.28 -3.83 -9.24
CA GLY B 99 -2.55 -4.86 -9.94
C GLY B 99 -2.05 -4.40 -11.29
N GLN B 100 -2.74 -3.43 -11.88
CA GLN B 100 -2.36 -2.90 -13.17
C GLN B 100 -1.25 -1.86 -13.05
N SER B 101 -1.28 -1.11 -11.95
CA SER B 101 -0.27 -0.08 -11.71
C SER B 101 1.11 -0.70 -11.55
N MET B 102 1.17 -1.81 -10.83
CA MET B 102 2.43 -2.50 -10.59
C MET B 102 3.12 -2.84 -11.92
N GLN B 103 2.32 -2.95 -12.98
CA GLN B 103 2.87 -3.27 -14.29
C GLN B 103 3.68 -2.11 -14.85
N VAL B 104 3.40 -0.91 -14.34
CA VAL B 104 4.13 0.28 -14.78
C VAL B 104 5.43 0.46 -14.01
N VAL B 105 5.49 -0.15 -12.82
CA VAL B 105 6.68 -0.05 -11.99
C VAL B 105 7.76 -1.02 -12.46
N MET B 106 7.34 -2.16 -13.01
CA MET B 106 8.27 -3.16 -13.50
C MET B 106 8.77 -2.80 -14.90
N GLY B 107 8.04 -1.91 -15.57
CA GLY B 107 8.42 -1.49 -16.91
C GLY B 107 7.30 -0.77 -17.63
N VAL A 1 11.42 -8.57 -10.17
CA VAL A 1 10.20 -8.43 -9.40
C VAL A 1 8.97 -8.51 -10.30
N GLY A 2 9.18 -8.33 -11.60
CA GLY A 2 8.08 -8.39 -12.55
C GLY A 2 7.35 -9.72 -12.51
N THR A 3 8.12 -10.81 -12.59
CA THR A 3 7.54 -12.14 -12.58
C THR A 3 6.82 -12.42 -11.27
N THR A 4 7.30 -11.79 -10.19
CA THR A 4 6.70 -11.97 -8.87
C THR A 4 5.31 -11.36 -8.82
N VAL A 5 5.13 -10.26 -9.54
CA VAL A 5 3.85 -9.57 -9.56
C VAL A 5 2.80 -10.38 -10.33
N ALA A 6 3.25 -11.04 -11.39
CA ALA A 6 2.36 -11.86 -12.20
C ALA A 6 1.99 -13.16 -11.48
N SER A 7 2.65 -13.42 -10.36
CA SER A 7 2.39 -14.62 -9.59
C SER A 7 1.42 -14.34 -8.45
N THR A 8 1.58 -13.19 -7.81
CA THR A 8 0.72 -12.80 -6.71
C THR A 8 -0.62 -12.28 -7.22
N THR A 9 -0.60 -11.69 -8.40
CA THR A 9 -1.82 -11.15 -9.00
C THR A 9 -2.76 -12.26 -9.46
N SER A 10 -2.18 -13.38 -9.87
CA SER A 10 -2.97 -14.52 -10.32
C SER A 10 -3.75 -15.14 -9.17
N ARG A 11 -3.18 -15.07 -7.97
CA ARG A 11 -3.82 -15.63 -6.79
C ARG A 11 -4.73 -14.58 -6.12
N LEU A 12 -4.45 -13.31 -6.38
CA LEU A 12 -5.23 -12.22 -5.82
C LEU A 12 -6.57 -12.08 -6.53
N SER A 13 -6.65 -12.63 -7.74
CA SER A 13 -7.87 -12.56 -8.53
C SER A 13 -8.84 -13.67 -8.13
N THR A 14 -8.49 -14.40 -7.08
CA THR A 14 -9.31 -15.50 -6.59
C THR A 14 -10.22 -15.04 -5.46
N ALA A 15 -11.27 -15.82 -5.18
CA ALA A 15 -12.20 -15.49 -4.11
C ALA A 15 -11.48 -15.32 -2.78
N GLU A 16 -10.36 -16.02 -2.62
CA GLU A 16 -9.58 -15.94 -1.39
C GLU A 16 -9.17 -14.49 -1.09
N ALA A 17 -8.54 -13.86 -2.08
CA ALA A 17 -8.10 -12.47 -1.92
C ALA A 17 -9.28 -11.55 -1.64
N SER A 18 -10.39 -11.80 -2.31
CA SER A 18 -11.59 -10.99 -2.14
C SER A 18 -12.02 -10.94 -0.67
N SER A 19 -12.10 -12.12 -0.06
CA SER A 19 -12.49 -12.22 1.35
C SER A 19 -11.53 -11.46 2.24
N ARG A 20 -10.24 -11.75 2.07
CA ARG A 20 -9.20 -11.09 2.87
C ARG A 20 -9.40 -9.57 2.86
N ILE A 21 -9.53 -9.00 1.67
CA ILE A 21 -9.71 -7.57 1.53
C ILE A 21 -10.92 -7.09 2.32
N SER A 22 -11.99 -7.89 2.30
CA SER A 22 -13.21 -7.54 3.02
C SER A 22 -12.93 -7.31 4.50
N THR A 23 -12.18 -8.23 5.10
CA THR A 23 -11.84 -8.13 6.52
C THR A 23 -10.80 -7.03 6.75
N ALA A 24 -9.93 -6.82 5.77
CA ALA A 24 -8.89 -5.80 5.87
C ALA A 24 -9.50 -4.41 5.90
N ALA A 25 -10.53 -4.20 5.09
CA ALA A 25 -11.20 -2.90 5.02
C ALA A 25 -12.29 -2.79 6.09
N SER A 26 -13.03 -3.87 6.28
CA SER A 26 -14.11 -3.90 7.26
C SER A 26 -13.58 -3.58 8.66
N THR A 27 -12.31 -3.94 8.89
CA THR A 27 -11.68 -3.71 10.19
C THR A 27 -10.88 -2.41 10.17
N LEU A 28 -10.33 -2.07 9.01
CA LEU A 28 -9.53 -0.86 8.86
C LEU A 28 -10.36 0.38 9.20
N VAL A 29 -11.65 0.31 8.93
CA VAL A 29 -12.55 1.43 9.21
C VAL A 29 -13.72 0.98 10.08
N SER A 30 -13.53 -0.12 10.80
CA SER A 30 -14.57 -0.66 11.68
C SER A 30 -15.04 0.40 12.66
N GLY A 31 -14.14 0.83 13.55
CA GLY A 31 -14.48 1.83 14.53
C GLY A 31 -15.10 3.07 13.90
N GLY A 32 -14.75 3.34 12.65
CA GLY A 32 -15.28 4.49 11.96
C GLY A 32 -14.26 5.16 11.07
N TYR A 33 -12.99 4.79 11.25
CA TYR A 33 -11.91 5.36 10.46
C TYR A 33 -10.66 4.49 10.55
N LEU A 34 -9.56 4.98 9.96
CA LEU A 34 -8.30 4.24 9.96
C LEU A 34 -7.72 4.17 11.37
N ASN A 35 -7.58 2.96 11.89
CA ASN A 35 -7.03 2.77 13.23
C ASN A 35 -5.66 2.11 13.17
N THR A 36 -4.64 2.82 13.62
CA THR A 36 -3.27 2.31 13.61
C THR A 36 -3.14 1.10 14.54
N ALA A 37 -4.10 0.95 15.45
CA ALA A 37 -4.08 -0.17 16.38
C ALA A 37 -4.40 -1.48 15.68
N ALA A 38 -4.84 -1.38 14.44
CA ALA A 38 -5.19 -2.57 13.65
C ALA A 38 -4.31 -2.66 12.40
N LEU A 39 -3.71 -1.55 12.02
CA LEU A 39 -2.85 -1.51 10.84
C LEU A 39 -1.90 -2.71 10.82
N PRO A 40 -1.13 -2.87 11.92
CA PRO A 40 -0.17 -3.98 12.05
C PRO A 40 -0.86 -5.32 12.20
N SER A 41 -2.13 -5.30 12.61
CA SER A 41 -2.89 -6.52 12.81
C SER A 41 -3.39 -7.07 11.47
N VAL A 42 -3.92 -6.18 10.63
CA VAL A 42 -4.42 -6.58 9.32
C VAL A 42 -3.28 -7.06 8.42
N ILE A 43 -2.17 -6.34 8.45
CA ILE A 43 -1.01 -6.69 7.64
C ILE A 43 -0.46 -8.06 8.04
N ALA A 44 -0.41 -8.32 9.34
CA ALA A 44 0.09 -9.58 9.84
C ALA A 44 -0.84 -10.73 9.49
N ASP A 45 -2.14 -10.42 9.37
CA ASP A 45 -3.13 -11.43 9.03
C ASP A 45 -2.97 -11.90 7.59
N LEU A 46 -3.03 -10.96 6.66
CA LEU A 46 -2.88 -11.28 5.24
C LEU A 46 -1.63 -12.11 4.99
N PHE A 47 -0.52 -11.70 5.61
CA PHE A 47 0.75 -12.41 5.45
C PHE A 47 0.64 -13.83 6.00
N ALA A 48 -0.23 -14.02 6.98
CA ALA A 48 -0.43 -15.33 7.59
C ALA A 48 -1.30 -16.22 6.71
N GLN A 49 -2.39 -15.64 6.20
CA GLN A 49 -3.31 -16.37 5.34
C GLN A 49 -2.65 -16.75 4.02
N VAL A 50 -2.08 -15.77 3.35
CA VAL A 50 -1.41 -16.01 2.07
C VAL A 50 -0.13 -16.81 2.26
N GLY A 51 0.56 -16.57 3.37
CA GLY A 51 1.79 -17.27 3.66
C GLY A 51 1.56 -18.71 4.04
N ALA A 52 0.35 -19.01 4.52
CA ALA A 52 0.00 -20.37 4.92
C ALA A 52 -0.44 -21.21 3.73
N SER A 53 -0.94 -20.54 2.70
CA SER A 53 -1.40 -21.22 1.50
C SER A 53 -0.23 -21.46 0.53
N SER A 54 0.78 -20.61 0.62
CA SER A 54 1.95 -20.71 -0.24
C SER A 54 3.23 -20.84 0.58
N PRO A 55 3.42 -22.01 1.21
CA PRO A 55 4.60 -22.28 2.04
C PRO A 55 5.87 -22.41 1.22
N GLY A 56 5.71 -22.75 -0.05
CA GLY A 56 6.86 -22.89 -0.93
C GLY A 56 7.24 -21.60 -1.61
N VAL A 57 6.51 -20.53 -1.30
CA VAL A 57 6.78 -19.22 -1.88
C VAL A 57 7.94 -18.53 -1.17
N SER A 58 8.38 -17.41 -1.73
CA SER A 58 9.48 -16.65 -1.14
C SER A 58 8.95 -15.46 -0.33
N ASP A 59 9.72 -15.04 0.66
CA ASP A 59 9.34 -13.92 1.50
C ASP A 59 8.98 -12.70 0.66
N SER A 60 9.59 -12.60 -0.52
CA SER A 60 9.34 -11.48 -1.43
C SER A 60 7.95 -11.61 -2.06
N GLU A 61 7.73 -12.69 -2.78
CA GLU A 61 6.46 -12.92 -3.44
C GLU A 61 5.30 -12.77 -2.45
N VAL A 62 5.42 -13.44 -1.31
CA VAL A 62 4.39 -13.38 -0.28
C VAL A 62 4.15 -11.95 0.19
N LEU A 63 5.22 -11.17 0.22
CA LEU A 63 5.12 -9.77 0.66
C LEU A 63 4.29 -8.96 -0.33
N ILE A 64 4.54 -9.17 -1.62
CA ILE A 64 3.81 -8.46 -2.67
C ILE A 64 2.31 -8.71 -2.57
N GLN A 65 1.95 -9.84 -1.96
CA GLN A 65 0.54 -10.19 -1.80
C GLN A 65 -0.08 -9.44 -0.62
N VAL A 66 0.70 -9.29 0.44
CA VAL A 66 0.23 -8.58 1.63
C VAL A 66 -0.10 -7.13 1.32
N LEU A 67 0.70 -6.52 0.45
CA LEU A 67 0.49 -5.13 0.07
C LEU A 67 -0.61 -5.01 -0.99
N LEU A 68 -0.78 -6.07 -1.78
CA LEU A 68 -1.80 -6.08 -2.82
C LEU A 68 -3.20 -6.06 -2.22
N GLU A 69 -3.38 -6.81 -1.12
CA GLU A 69 -4.67 -6.86 -0.45
C GLU A 69 -4.92 -5.59 0.36
N ILE A 70 -3.89 -5.10 1.02
CA ILE A 70 -4.00 -3.89 1.83
C ILE A 70 -4.47 -2.71 0.98
N VAL A 71 -3.80 -2.48 -0.14
CA VAL A 71 -4.15 -1.40 -1.04
C VAL A 71 -5.56 -1.57 -1.60
N SER A 72 -5.87 -2.80 -2.02
CA SER A 72 -7.18 -3.10 -2.58
C SER A 72 -8.29 -2.77 -1.58
N SER A 73 -8.00 -2.93 -0.30
CA SER A 73 -8.96 -2.65 0.75
C SER A 73 -9.16 -1.15 0.92
N LEU A 74 -8.10 -0.47 1.33
CA LEU A 74 -8.15 0.97 1.53
C LEU A 74 -8.65 1.69 0.28
N ILE A 75 -8.12 1.28 -0.87
CA ILE A 75 -8.51 1.88 -2.14
C ILE A 75 -10.03 1.79 -2.35
N HIS A 76 -10.58 0.61 -2.10
CA HIS A 76 -12.02 0.40 -2.25
C HIS A 76 -12.80 1.35 -1.37
N ILE A 77 -12.20 1.76 -0.26
CA ILE A 77 -12.85 2.67 0.68
C ILE A 77 -12.85 4.10 0.13
N LEU A 78 -11.68 4.57 -0.30
CA LEU A 78 -11.55 5.91 -0.84
C LEU A 78 -12.53 6.13 -1.98
N SER A 79 -12.78 5.09 -2.75
CA SER A 79 -13.71 5.17 -3.88
C SER A 79 -15.03 5.79 -3.46
N SER A 80 -15.37 5.63 -2.18
CA SER A 80 -16.62 6.17 -1.65
C SER A 80 -16.37 7.51 -0.96
N SER A 81 -15.22 7.64 -0.32
CA SER A 81 -14.87 8.86 0.38
C SER A 81 -14.71 10.02 -0.60
N SER A 82 -14.50 11.23 -0.06
CA SER A 82 -14.33 12.41 -0.88
C SER A 82 -13.05 13.16 -0.50
N VAL A 83 -12.33 12.62 0.49
CA VAL A 83 -11.09 13.23 0.94
C VAL A 83 -11.30 14.70 1.32
N GLY A 84 -11.58 14.94 2.59
CA GLY A 84 -11.80 16.30 3.06
C GLY A 84 -10.53 17.13 3.07
N GLN A 85 -10.22 17.71 4.23
CA GLN A 85 -9.01 18.53 4.36
C GLN A 85 -7.94 17.80 5.15
N VAL A 86 -6.82 17.52 4.50
CA VAL A 86 -5.71 16.83 5.14
C VAL A 86 -4.46 17.72 5.20
N ASP A 87 -3.74 17.64 6.32
CA ASP A 87 -2.53 18.43 6.50
C ASP A 87 -1.29 17.60 6.17
N PHE A 88 -0.38 18.20 5.41
CA PHE A 88 0.85 17.52 5.02
C PHE A 88 1.73 17.25 6.24
N SER A 89 1.38 17.87 7.36
CA SER A 89 2.15 17.69 8.60
C SER A 89 1.79 16.37 9.27
N SER A 90 0.93 15.59 8.61
CA SER A 90 0.51 14.30 9.15
C SER A 90 1.30 13.16 8.52
N VAL A 91 1.92 13.45 7.37
CA VAL A 91 2.71 12.44 6.67
C VAL A 91 3.73 11.79 7.59
N GLY A 92 4.31 12.59 8.48
CA GLY A 92 5.30 12.09 9.41
C GLY A 92 4.78 10.90 10.21
N SER A 93 3.60 11.05 10.81
CA SER A 93 3.00 9.99 11.61
C SER A 93 2.56 8.84 10.72
N SER A 94 2.16 9.15 9.49
CA SER A 94 1.71 8.14 8.55
C SER A 94 2.86 7.19 8.16
N ALA A 95 4.00 7.78 7.82
CA ALA A 95 5.16 6.99 7.44
C ALA A 95 5.72 6.21 8.62
N ALA A 96 5.57 6.79 9.81
CA ALA A 96 6.05 6.15 11.03
C ALA A 96 5.21 4.93 11.38
N ALA A 97 3.89 5.08 11.32
CA ALA A 97 2.98 3.99 11.62
C ALA A 97 3.22 2.79 10.70
N VAL A 98 3.29 3.05 9.40
CA VAL A 98 3.52 2.00 8.42
C VAL A 98 4.87 1.34 8.63
N GLY A 99 5.87 2.13 9.00
CA GLY A 99 7.20 1.60 9.22
C GLY A 99 7.24 0.64 10.40
N GLN A 100 6.40 0.89 11.40
CA GLN A 100 6.35 0.04 12.58
C GLN A 100 5.53 -1.23 12.31
N SER A 101 4.53 -1.11 11.44
CA SER A 101 3.67 -2.23 11.11
C SER A 101 4.48 -3.35 10.43
N MET A 102 5.37 -2.95 9.52
CA MET A 102 6.20 -3.91 8.80
C MET A 102 6.92 -4.83 9.77
N GLN A 103 7.27 -4.30 10.94
CA GLN A 103 7.97 -5.07 11.96
C GLN A 103 7.13 -6.27 12.40
N VAL A 104 5.81 -6.15 12.24
CA VAL A 104 4.90 -7.23 12.62
C VAL A 104 4.80 -8.29 11.52
N VAL A 105 5.13 -7.89 10.31
CA VAL A 105 5.07 -8.79 9.17
C VAL A 105 6.30 -9.70 9.12
N MET A 106 7.41 -9.20 9.65
CA MET A 106 8.66 -9.96 9.68
C MET A 106 9.05 -10.32 11.11
N GLY A 107 8.07 -10.28 12.01
CA GLY A 107 8.33 -10.62 13.40
C GLY A 107 9.05 -9.50 14.13
N VAL B 1 13.35 -10.82 3.90
CA VAL B 1 12.77 -9.54 3.54
C VAL B 1 12.84 -8.54 4.70
N GLY B 2 13.08 -9.06 5.90
CA GLY B 2 13.18 -8.21 7.07
C GLY B 2 14.28 -7.18 6.94
N THR B 3 15.51 -7.64 6.76
CA THR B 3 16.65 -6.74 6.62
C THR B 3 16.40 -5.69 5.55
N THR B 4 15.60 -6.05 4.54
CA THR B 4 15.28 -5.14 3.45
C THR B 4 14.40 -3.99 3.94
N VAL B 5 13.53 -4.30 4.90
CA VAL B 5 12.62 -3.29 5.45
C VAL B 5 13.38 -2.25 6.26
N ALA B 6 14.45 -2.69 6.93
CA ALA B 6 15.27 -1.80 7.74
C ALA B 6 16.16 -0.93 6.87
N SER B 7 16.22 -1.26 5.58
CA SER B 7 17.05 -0.51 4.64
C SER B 7 16.23 0.58 3.95
N THR B 8 14.99 0.25 3.60
CA THR B 8 14.11 1.20 2.92
C THR B 8 13.52 2.19 3.92
N THR B 9 13.35 1.76 5.17
CA THR B 9 12.80 2.60 6.21
C THR B 9 13.79 3.68 6.63
N SER B 10 15.09 3.37 6.52
CA SER B 10 16.13 4.31 6.90
C SER B 10 16.16 5.49 5.93
N ARG B 11 15.85 5.23 4.67
CA ARG B 11 15.84 6.27 3.65
C ARG B 11 14.50 6.99 3.61
N LEU B 12 13.46 6.32 4.10
CA LEU B 12 12.11 6.90 4.12
C LEU B 12 11.98 7.90 5.26
N SER B 13 12.86 7.81 6.23
CA SER B 13 12.85 8.71 7.38
C SER B 13 13.55 10.02 7.06
N THR B 14 13.91 10.19 5.79
CA THR B 14 14.60 11.40 5.35
C THR B 14 13.61 12.38 4.72
N ALA B 15 14.09 13.61 4.46
CA ALA B 15 13.26 14.64 3.86
C ALA B 15 12.80 14.22 2.46
N GLU B 16 13.62 13.45 1.77
CA GLU B 16 13.30 12.99 0.43
C GLU B 16 11.95 12.28 0.41
N ALA B 17 11.77 11.33 1.33
CA ALA B 17 10.53 10.57 1.41
C ALA B 17 9.34 11.50 1.66
N SER B 18 9.58 12.58 2.40
CA SER B 18 8.53 13.54 2.71
C SER B 18 7.99 14.19 1.43
N SER B 19 8.90 14.64 0.58
CA SER B 19 8.52 15.28 -0.67
C SER B 19 7.68 14.34 -1.54
N ARG B 20 8.24 13.16 -1.82
CA ARG B 20 7.55 12.17 -2.63
C ARG B 20 6.12 11.95 -2.14
N ILE B 21 6.00 11.64 -0.85
CA ILE B 21 4.69 11.41 -0.25
C ILE B 21 3.76 12.59 -0.47
N SER B 22 4.32 13.80 -0.36
CA SER B 22 3.53 15.02 -0.55
C SER B 22 2.96 15.08 -1.96
N THR B 23 3.79 14.74 -2.95
CA THR B 23 3.36 14.76 -4.34
C THR B 23 2.43 13.59 -4.65
N ALA B 24 2.65 12.48 -3.97
CA ALA B 24 1.83 11.29 -4.18
C ALA B 24 0.41 11.50 -3.66
N ALA B 25 0.31 12.18 -2.51
CA ALA B 25 -0.99 12.46 -1.91
C ALA B 25 -1.64 13.68 -2.54
N SER B 26 -0.82 14.68 -2.86
CA SER B 26 -1.31 15.91 -3.47
C SER B 26 -1.97 15.63 -4.82
N THR B 27 -1.44 14.63 -5.52
CA THR B 27 -1.96 14.26 -6.82
C THR B 27 -3.02 13.16 -6.71
N LEU B 28 -2.88 12.31 -5.69
CA LEU B 28 -3.81 11.23 -5.47
C LEU B 28 -5.23 11.76 -5.24
N VAL B 29 -5.31 12.90 -4.56
CA VAL B 29 -6.61 13.52 -4.28
C VAL B 29 -6.68 14.93 -4.86
N SER B 30 -5.83 15.19 -5.85
CA SER B 30 -5.80 16.51 -6.50
C SER B 30 -7.19 16.91 -6.97
N GLY B 31 -7.72 16.18 -7.94
CA GLY B 31 -9.04 16.48 -8.46
C GLY B 31 -10.09 16.56 -7.37
N GLY B 32 -9.86 15.86 -6.26
CA GLY B 32 -10.80 15.88 -5.17
C GLY B 32 -10.96 14.52 -4.52
N TYR B 33 -10.47 13.48 -5.19
CA TYR B 33 -10.56 12.12 -4.69
C TYR B 33 -9.54 11.22 -5.36
N LEU B 34 -9.60 9.92 -5.04
CA LEU B 34 -8.68 8.95 -5.62
C LEU B 34 -8.93 8.78 -7.12
N ASN B 35 -7.91 9.08 -7.92
CA ASN B 35 -8.02 8.95 -9.36
C ASN B 35 -7.11 7.84 -9.88
N THR B 36 -7.72 6.80 -10.43
CA THR B 36 -6.97 5.67 -10.97
C THR B 36 -6.10 6.09 -12.14
N ALA B 37 -6.40 7.27 -12.70
CA ALA B 37 -5.64 7.79 -13.82
C ALA B 37 -4.26 8.28 -13.39
N ALA B 38 -4.06 8.37 -12.08
CA ALA B 38 -2.79 8.82 -11.53
C ALA B 38 -2.14 7.73 -10.68
N LEU B 39 -2.94 6.77 -10.24
CA LEU B 39 -2.45 5.67 -9.42
C LEU B 39 -1.15 5.10 -10.00
N PRO B 40 -1.20 4.70 -11.27
CA PRO B 40 -0.04 4.13 -11.97
C PRO B 40 1.04 5.18 -12.23
N SER B 41 0.65 6.45 -12.21
CA SER B 41 1.58 7.54 -12.44
C SER B 41 2.43 7.82 -11.20
N VAL B 42 1.76 7.88 -10.05
CA VAL B 42 2.45 8.14 -8.78
C VAL B 42 3.40 7.00 -8.43
N ILE B 43 2.92 5.77 -8.60
CA ILE B 43 3.72 4.59 -8.30
C ILE B 43 4.97 4.54 -9.18
N ALA B 44 4.81 4.87 -10.46
CA ALA B 44 5.92 4.87 -11.40
C ALA B 44 6.92 5.97 -11.07
N ASP B 45 6.42 7.06 -10.49
CA ASP B 45 7.28 8.19 -10.13
C ASP B 45 8.19 7.82 -8.96
N LEU B 46 7.59 7.42 -7.86
CA LEU B 46 8.37 7.04 -6.67
C LEU B 46 9.49 6.07 -7.03
N PHE B 47 9.14 5.01 -7.75
CA PHE B 47 10.12 4.02 -8.16
C PHE B 47 11.23 4.65 -8.99
N ALA B 48 10.90 5.75 -9.66
CA ALA B 48 11.86 6.46 -10.48
C ALA B 48 12.80 7.30 -9.63
N GLN B 49 12.23 8.02 -8.67
CA GLN B 49 13.03 8.88 -7.79
C GLN B 49 13.88 8.04 -6.85
N VAL B 50 13.25 7.09 -6.16
CA VAL B 50 13.96 6.23 -5.22
C VAL B 50 14.93 5.32 -5.95
N GLY B 51 14.54 4.86 -7.15
CA GLY B 51 15.40 3.99 -7.92
C GLY B 51 16.54 4.74 -8.58
N ALA B 52 16.38 6.04 -8.74
CA ALA B 52 17.41 6.87 -9.35
C ALA B 52 18.50 7.23 -8.35
N SER B 53 18.13 7.26 -7.07
CA SER B 53 19.07 7.60 -6.01
C SER B 53 19.81 6.35 -5.52
N SER B 54 19.18 5.19 -5.70
CA SER B 54 19.76 3.93 -5.26
C SER B 54 19.87 2.96 -6.43
N PRO B 55 20.83 3.24 -7.34
CA PRO B 55 21.06 2.40 -8.52
C PRO B 55 21.66 1.05 -8.16
N GLY B 56 22.36 1.00 -7.03
CA GLY B 56 22.98 -0.24 -6.60
C GLY B 56 22.02 -1.12 -5.81
N VAL B 57 20.81 -0.62 -5.60
CA VAL B 57 19.79 -1.38 -4.86
C VAL B 57 19.18 -2.47 -5.73
N SER B 58 18.40 -3.35 -5.11
CA SER B 58 17.75 -4.44 -5.82
C SER B 58 16.29 -4.11 -6.11
N ASP B 59 15.74 -4.72 -7.16
CA ASP B 59 14.37 -4.49 -7.54
C ASP B 59 13.43 -4.70 -6.36
N SER B 60 13.84 -5.56 -5.42
CA SER B 60 13.05 -5.85 -4.24
C SER B 60 13.04 -4.67 -3.28
N GLU B 61 14.24 -4.30 -2.80
CA GLU B 61 14.38 -3.19 -1.87
C GLU B 61 13.67 -1.95 -2.41
N VAL B 62 13.96 -1.61 -3.66
CA VAL B 62 13.36 -0.44 -4.29
C VAL B 62 11.84 -0.53 -4.28
N LEU B 63 11.32 -1.74 -4.43
CA LEU B 63 9.88 -1.97 -4.44
C LEU B 63 9.28 -1.69 -3.07
N ILE B 64 9.96 -2.15 -2.02
CA ILE B 64 9.49 -1.94 -0.65
C ILE B 64 9.39 -0.46 -0.32
N GLN B 65 10.19 0.34 -1.02
CA GLN B 65 10.20 1.79 -0.79
C GLN B 65 9.04 2.46 -1.51
N VAL B 66 8.71 1.95 -2.70
CA VAL B 66 7.62 2.49 -3.49
C VAL B 66 6.28 2.33 -2.77
N LEU B 67 6.14 1.21 -2.08
CA LEU B 67 4.90 0.93 -1.35
C LEU B 67 4.87 1.69 -0.03
N LEU B 68 6.05 2.00 0.50
CA LEU B 68 6.16 2.73 1.76
C LEU B 68 5.68 4.17 1.60
N GLU B 69 6.03 4.79 0.48
CA GLU B 69 5.63 6.17 0.21
C GLU B 69 4.16 6.24 -0.17
N ILE B 70 3.69 5.25 -0.94
CA ILE B 70 2.31 5.21 -1.37
C ILE B 70 1.36 5.12 -0.18
N VAL B 71 1.63 4.18 0.72
CA VAL B 71 0.81 3.99 1.91
C VAL B 71 0.88 5.22 2.82
N SER B 72 2.08 5.76 2.98
CA SER B 72 2.29 6.93 3.82
C SER B 72 1.42 8.10 3.36
N SER B 73 1.22 8.20 2.05
CA SER B 73 0.42 9.26 1.46
C SER B 73 -1.06 9.02 1.72
N LEU B 74 -1.58 7.91 1.20
CA LEU B 74 -2.98 7.57 1.37
C LEU B 74 -3.36 7.53 2.84
N ILE B 75 -2.46 7.01 3.67
CA ILE B 75 -2.70 6.92 5.10
C ILE B 75 -2.86 8.30 5.72
N HIS B 76 -1.97 9.22 5.35
CA HIS B 76 -2.01 10.59 5.86
C HIS B 76 -3.34 11.25 5.52
N ILE B 77 -3.94 10.84 4.41
CA ILE B 77 -5.21 11.40 3.97
C ILE B 77 -6.36 10.91 4.85
N LEU B 78 -6.48 9.59 4.95
CA LEU B 78 -7.54 8.99 5.76
C LEU B 78 -7.52 9.55 7.17
N SER B 79 -6.34 9.89 7.67
CA SER B 79 -6.19 10.43 9.01
C SER B 79 -7.21 11.54 9.26
N SER B 80 -7.57 12.26 8.20
CA SER B 80 -8.53 13.35 8.31
C SER B 80 -9.92 12.89 7.86
N SER B 81 -9.94 11.95 6.92
CA SER B 81 -11.20 11.43 6.41
C SER B 81 -12.07 10.87 7.54
N SER B 82 -13.23 10.34 7.18
CA SER B 82 -14.15 9.77 8.17
C SER B 82 -14.74 8.46 7.67
N VAL B 83 -14.29 8.02 6.50
CA VAL B 83 -14.77 6.78 5.92
C VAL B 83 -16.29 6.71 5.95
N GLY B 84 -16.93 7.25 4.91
CA GLY B 84 -18.37 7.24 4.85
C GLY B 84 -18.93 5.85 4.64
N GLN B 85 -19.77 5.70 3.61
CA GLN B 85 -20.38 4.40 3.31
C GLN B 85 -19.74 3.78 2.07
N VAL B 86 -19.07 2.65 2.26
CA VAL B 86 -18.40 1.96 1.17
C VAL B 86 -18.98 0.56 0.98
N ASP B 87 -19.13 0.15 -0.28
CA ASP B 87 -19.67 -1.18 -0.59
C ASP B 87 -18.54 -2.17 -0.88
N PHE B 88 -18.63 -3.34 -0.28
CA PHE B 88 -17.61 -4.37 -0.47
C PHE B 88 -17.60 -4.85 -1.93
N SER B 89 -18.63 -4.49 -2.67
CA SER B 89 -18.74 -4.88 -4.07
C SER B 89 -17.80 -4.04 -4.94
N SER B 90 -16.97 -3.23 -4.30
CA SER B 90 -16.03 -2.37 -5.01
C SER B 90 -14.62 -2.94 -4.95
N VAL B 91 -14.39 -3.80 -3.97
CA VAL B 91 -13.07 -4.42 -3.80
C VAL B 91 -12.57 -5.02 -5.11
N GLY B 92 -13.50 -5.47 -5.95
CA GLY B 92 -13.13 -6.06 -7.21
C GLY B 92 -12.39 -5.08 -8.11
N SER B 93 -12.96 -3.89 -8.27
CA SER B 93 -12.35 -2.86 -9.12
C SER B 93 -11.07 -2.32 -8.48
N SER B 94 -11.04 -2.32 -7.15
CA SER B 94 -9.89 -1.83 -6.42
C SER B 94 -8.67 -2.74 -6.63
N ALA B 95 -8.89 -4.04 -6.46
CA ALA B 95 -7.82 -5.01 -6.64
C ALA B 95 -7.34 -5.04 -8.08
N ALA B 96 -8.25 -4.76 -9.01
CA ALA B 96 -7.91 -4.76 -10.43
C ALA B 96 -7.09 -3.52 -10.80
N ALA B 97 -7.50 -2.37 -10.27
CA ALA B 97 -6.80 -1.12 -10.54
C ALA B 97 -5.34 -1.21 -10.11
N VAL B 98 -5.12 -1.72 -8.91
CA VAL B 98 -3.77 -1.86 -8.37
C VAL B 98 -2.96 -2.87 -9.17
N GLY B 99 -3.61 -3.95 -9.57
CA GLY B 99 -2.94 -4.99 -10.33
C GLY B 99 -2.44 -4.48 -11.67
N GLN B 100 -3.09 -3.46 -12.20
CA GLN B 100 -2.71 -2.88 -13.48
C GLN B 100 -1.59 -1.86 -13.31
N SER B 101 -1.61 -1.15 -12.18
CA SER B 101 -0.61 -0.13 -11.90
C SER B 101 0.77 -0.77 -11.76
N MET B 102 0.81 -1.93 -11.11
CA MET B 102 2.07 -2.64 -10.91
C MET B 102 2.80 -2.85 -12.24
N GLN B 103 2.03 -2.96 -13.31
CA GLN B 103 2.60 -3.16 -14.64
C GLN B 103 3.41 -1.95 -15.08
N VAL B 104 3.10 -0.80 -14.50
CA VAL B 104 3.80 0.44 -14.83
C VAL B 104 5.10 0.56 -14.05
N VAL B 105 5.19 -0.16 -12.93
CA VAL B 105 6.38 -0.13 -12.09
C VAL B 105 7.47 -1.04 -12.67
N MET B 106 7.06 -2.11 -13.34
CA MET B 106 8.00 -3.04 -13.94
C MET B 106 7.94 -2.98 -15.46
N GLY B 107 7.45 -1.85 -15.97
CA GLY B 107 7.35 -1.68 -17.41
C GLY B 107 6.21 -2.47 -18.01
N VAL A 1 11.57 -8.04 -10.45
CA VAL A 1 10.40 -8.05 -9.58
C VAL A 1 9.11 -8.20 -10.38
N GLY A 2 9.22 -8.04 -11.69
CA GLY A 2 8.06 -8.17 -12.56
C GLY A 2 7.40 -9.52 -12.44
N THR A 3 8.18 -10.58 -12.56
CA THR A 3 7.66 -11.94 -12.47
C THR A 3 6.94 -12.17 -11.14
N THR A 4 7.37 -11.45 -10.11
CA THR A 4 6.77 -11.58 -8.79
C THR A 4 5.37 -10.96 -8.77
N VAL A 5 5.19 -9.89 -9.53
CA VAL A 5 3.90 -9.21 -9.60
C VAL A 5 2.88 -10.05 -10.35
N ALA A 6 3.33 -10.75 -11.38
CA ALA A 6 2.46 -11.61 -12.18
C ALA A 6 2.14 -12.91 -11.44
N SER A 7 2.78 -13.11 -10.29
CA SER A 7 2.57 -14.31 -9.50
C SER A 7 1.56 -14.06 -8.39
N THR A 8 1.68 -12.91 -7.75
CA THR A 8 0.78 -12.54 -6.66
C THR A 8 -0.57 -12.07 -7.20
N THR A 9 -0.54 -11.33 -8.29
CA THR A 9 -1.77 -10.82 -8.89
C THR A 9 -2.65 -11.95 -9.39
N SER A 10 -2.03 -13.06 -9.78
CA SER A 10 -2.77 -14.21 -10.27
C SER A 10 -3.61 -14.84 -9.16
N ARG A 11 -3.11 -14.74 -7.92
CA ARG A 11 -3.83 -15.28 -6.78
C ARG A 11 -4.73 -14.24 -6.15
N LEU A 12 -4.41 -12.97 -6.38
CA LEU A 12 -5.20 -11.87 -5.83
C LEU A 12 -6.52 -11.72 -6.57
N SER A 13 -6.57 -12.25 -7.79
CA SER A 13 -7.79 -12.18 -8.60
C SER A 13 -8.73 -13.32 -8.26
N THR A 14 -8.39 -14.09 -7.24
CA THR A 14 -9.21 -15.22 -6.81
C THR A 14 -10.15 -14.82 -5.68
N ALA A 15 -11.21 -15.59 -5.49
CA ALA A 15 -12.18 -15.32 -4.44
C ALA A 15 -11.50 -15.21 -3.08
N GLU A 16 -10.39 -15.91 -2.91
CA GLU A 16 -9.66 -15.90 -1.66
C GLU A 16 -9.26 -14.48 -1.28
N ALA A 17 -8.59 -13.79 -2.21
CA ALA A 17 -8.16 -12.42 -1.97
C ALA A 17 -9.34 -11.50 -1.68
N SER A 18 -10.44 -11.73 -2.40
CA SER A 18 -11.64 -10.93 -2.21
C SER A 18 -12.09 -10.93 -0.76
N SER A 19 -12.18 -12.13 -0.19
CA SER A 19 -12.61 -12.28 1.20
C SER A 19 -11.66 -11.54 2.14
N ARG A 20 -10.37 -11.84 2.04
CA ARG A 20 -9.36 -11.21 2.87
C ARG A 20 -9.53 -9.69 2.87
N ILE A 21 -9.65 -9.12 1.67
CA ILE A 21 -9.81 -7.68 1.53
C ILE A 21 -11.02 -7.18 2.32
N SER A 22 -12.10 -7.95 2.27
CA SER A 22 -13.32 -7.59 2.98
C SER A 22 -13.05 -7.38 4.47
N THR A 23 -12.34 -8.34 5.07
CA THR A 23 -12.01 -8.27 6.48
C THR A 23 -10.94 -7.21 6.76
N ALA A 24 -10.05 -7.02 5.78
CA ALA A 24 -8.98 -6.05 5.91
C ALA A 24 -9.53 -4.62 5.94
N ALA A 25 -10.53 -4.37 5.10
CA ALA A 25 -11.15 -3.05 5.04
C ALA A 25 -12.25 -2.91 6.09
N SER A 26 -13.04 -3.95 6.27
CA SER A 26 -14.13 -3.93 7.24
C SER A 26 -13.60 -3.64 8.64
N THR A 27 -12.37 -4.07 8.90
CA THR A 27 -11.74 -3.87 10.21
C THR A 27 -10.89 -2.60 10.21
N LEU A 28 -10.31 -2.28 9.05
CA LEU A 28 -9.48 -1.09 8.91
C LEU A 28 -10.27 0.17 9.24
N VAL A 29 -11.56 0.14 8.95
CA VAL A 29 -12.43 1.29 9.21
C VAL A 29 -13.63 0.88 10.06
N SER A 30 -13.48 -0.22 10.80
CA SER A 30 -14.56 -0.72 11.65
C SER A 30 -15.02 0.36 12.63
N GLY A 31 -14.10 0.78 13.49
CA GLY A 31 -14.42 1.81 14.48
C GLY A 31 -15.00 3.06 13.85
N GLY A 32 -14.69 3.27 12.56
CA GLY A 32 -15.20 4.44 11.87
C GLY A 32 -14.13 5.09 11.00
N TYR A 33 -12.88 4.76 11.25
CA TYR A 33 -11.77 5.33 10.49
C TYR A 33 -10.54 4.43 10.58
N LEU A 34 -9.43 4.91 10.02
CA LEU A 34 -8.18 4.15 10.03
C LEU A 34 -7.65 4.02 11.46
N ASN A 35 -7.54 2.78 11.94
CA ASN A 35 -7.05 2.52 13.29
C ASN A 35 -5.66 1.90 13.24
N THR A 36 -4.67 2.63 13.73
CA THR A 36 -3.29 2.16 13.75
C THR A 36 -3.14 0.94 14.66
N ALA A 37 -4.08 0.79 15.58
CA ALA A 37 -4.06 -0.33 16.52
C ALA A 37 -4.39 -1.64 15.82
N ALA A 38 -4.86 -1.54 14.58
CA ALA A 38 -5.21 -2.72 13.80
C ALA A 38 -4.34 -2.84 12.55
N LEU A 39 -3.73 -1.72 12.16
CA LEU A 39 -2.87 -1.70 10.98
C LEU A 39 -1.93 -2.90 10.97
N PRO A 40 -1.17 -3.07 12.05
CA PRO A 40 -0.22 -4.18 12.19
C PRO A 40 -0.91 -5.52 12.35
N SER A 41 -2.18 -5.49 12.75
CA SER A 41 -2.96 -6.70 12.95
C SER A 41 -3.45 -7.25 11.62
N VAL A 42 -3.96 -6.36 10.77
CA VAL A 42 -4.48 -6.75 9.46
C VAL A 42 -3.34 -7.23 8.55
N ILE A 43 -2.23 -6.51 8.58
CA ILE A 43 -1.08 -6.86 7.75
C ILE A 43 -0.50 -8.20 8.16
N ALA A 44 -0.47 -8.46 9.46
CA ALA A 44 0.05 -9.72 9.98
C ALA A 44 -0.88 -10.88 9.64
N ASP A 45 -2.17 -10.59 9.54
CA ASP A 45 -3.16 -11.61 9.22
C ASP A 45 -3.02 -12.07 7.77
N LEU A 46 -3.10 -11.13 6.85
CA LEU A 46 -2.99 -11.42 5.43
C LEU A 46 -1.74 -12.25 5.14
N PHE A 47 -0.60 -11.80 5.69
CA PHE A 47 0.67 -12.50 5.50
C PHE A 47 0.58 -13.93 6.02
N ALA A 48 -0.25 -14.14 7.04
CA ALA A 48 -0.42 -15.46 7.63
C ALA A 48 -1.32 -16.33 6.77
N GLN A 49 -2.47 -15.78 6.37
CA GLN A 49 -3.42 -16.51 5.54
C GLN A 49 -2.77 -16.96 4.24
N VAL A 50 -2.16 -16.02 3.54
CA VAL A 50 -1.50 -16.32 2.27
C VAL A 50 -0.25 -17.18 2.48
N GLY A 51 0.46 -16.91 3.57
CA GLY A 51 1.66 -17.68 3.88
C GLY A 51 1.36 -19.13 4.18
N ALA A 52 0.12 -19.41 4.57
CA ALA A 52 -0.28 -20.78 4.88
C ALA A 52 -0.64 -21.55 3.62
N SER A 53 -1.05 -20.82 2.58
CA SER A 53 -1.42 -21.44 1.32
C SER A 53 -0.19 -21.73 0.46
N SER A 54 0.81 -20.87 0.57
CA SER A 54 2.04 -21.03 -0.19
C SER A 54 3.26 -20.93 0.72
N PRO A 55 3.49 -21.99 1.51
CA PRO A 55 4.62 -22.04 2.44
C PRO A 55 5.97 -22.15 1.72
N GLY A 56 5.93 -22.66 0.50
CA GLY A 56 7.15 -22.82 -0.28
C GLY A 56 7.50 -21.58 -1.07
N VAL A 57 6.66 -20.54 -0.95
CA VAL A 57 6.88 -19.29 -1.67
C VAL A 57 7.98 -18.47 -1.01
N SER A 58 8.45 -17.46 -1.72
CA SER A 58 9.51 -16.59 -1.21
C SER A 58 8.93 -15.46 -0.36
N ASP A 59 9.67 -15.08 0.68
CA ASP A 59 9.23 -14.02 1.57
C ASP A 59 8.87 -12.76 0.79
N SER A 60 9.52 -12.59 -0.36
CA SER A 60 9.29 -11.42 -1.21
C SER A 60 7.92 -11.52 -1.89
N GLU A 61 7.73 -12.57 -2.67
CA GLU A 61 6.47 -12.78 -3.38
C GLU A 61 5.28 -12.68 -2.42
N VAL A 62 5.38 -13.40 -1.31
CA VAL A 62 4.31 -13.40 -0.31
C VAL A 62 4.05 -11.99 0.21
N LEU A 63 5.11 -11.19 0.31
CA LEU A 63 4.99 -9.83 0.80
C LEU A 63 4.20 -8.96 -0.19
N ILE A 64 4.51 -9.13 -1.48
CA ILE A 64 3.83 -8.36 -2.52
C ILE A 64 2.33 -8.63 -2.49
N GLN A 65 1.94 -9.78 -1.94
CA GLN A 65 0.53 -10.14 -1.86
C GLN A 65 -0.14 -9.47 -0.66
N VAL A 66 0.61 -9.35 0.44
CA VAL A 66 0.08 -8.73 1.64
C VAL A 66 -0.27 -7.27 1.41
N LEU A 67 0.55 -6.60 0.60
CA LEU A 67 0.34 -5.19 0.29
C LEU A 67 -0.74 -5.03 -0.78
N LEU A 68 -0.77 -5.96 -1.72
CA LEU A 68 -1.75 -5.93 -2.80
C LEU A 68 -3.17 -5.95 -2.26
N GLU A 69 -3.39 -6.77 -1.23
CA GLU A 69 -4.69 -6.89 -0.60
C GLU A 69 -5.00 -5.67 0.27
N ILE A 70 -3.99 -5.20 0.98
CA ILE A 70 -4.15 -4.04 1.86
C ILE A 70 -4.61 -2.83 1.07
N VAL A 71 -3.91 -2.53 -0.02
CA VAL A 71 -4.25 -1.38 -0.86
C VAL A 71 -5.64 -1.55 -1.48
N SER A 72 -5.93 -2.77 -1.92
CA SER A 72 -7.23 -3.06 -2.54
C SER A 72 -8.37 -2.73 -1.58
N SER A 73 -8.14 -2.93 -0.29
CA SER A 73 -9.15 -2.65 0.73
C SER A 73 -9.28 -1.15 0.96
N LEU A 74 -8.20 -0.54 1.43
CA LEU A 74 -8.19 0.90 1.69
C LEU A 74 -8.66 1.69 0.48
N ILE A 75 -8.23 1.25 -0.70
CA ILE A 75 -8.62 1.91 -1.94
C ILE A 75 -10.13 1.83 -2.17
N HIS A 76 -10.67 0.62 -2.00
CA HIS A 76 -12.10 0.40 -2.18
C HIS A 76 -12.92 1.32 -1.28
N ILE A 77 -12.33 1.71 -0.16
CA ILE A 77 -13.00 2.59 0.79
C ILE A 77 -13.06 4.02 0.26
N LEU A 78 -11.91 4.55 -0.12
CA LEU A 78 -11.83 5.91 -0.65
C LEU A 78 -12.76 6.09 -1.84
N SER A 79 -12.95 5.03 -2.61
CA SER A 79 -13.81 5.06 -3.79
C SER A 79 -15.17 5.67 -3.44
N SER A 80 -15.56 5.55 -2.17
CA SER A 80 -16.83 6.09 -1.71
C SER A 80 -16.62 7.29 -0.81
N SER A 81 -15.49 7.30 -0.09
CA SER A 81 -15.18 8.39 0.82
C SER A 81 -14.94 9.69 0.04
N SER A 82 -14.46 10.72 0.74
CA SER A 82 -14.20 12.01 0.12
C SER A 82 -12.99 12.67 0.77
N VAL A 83 -11.95 12.90 -0.03
CA VAL A 83 -10.73 13.54 0.46
C VAL A 83 -11.00 14.97 0.90
N GLY A 84 -11.21 15.16 2.20
CA GLY A 84 -11.48 16.49 2.72
C GLY A 84 -10.24 17.35 2.73
N GLN A 85 -9.92 17.92 3.89
CA GLN A 85 -8.75 18.79 4.04
C GLN A 85 -7.64 18.07 4.80
N VAL A 86 -6.59 17.68 4.06
CA VAL A 86 -5.46 16.99 4.66
C VAL A 86 -4.25 17.90 4.76
N ASP A 87 -3.50 17.78 5.85
CA ASP A 87 -2.31 18.60 6.07
C ASP A 87 -1.05 17.79 5.83
N PHE A 88 -0.10 18.37 5.11
CA PHE A 88 1.16 17.70 4.79
C PHE A 88 1.97 17.46 6.07
N SER A 89 1.55 18.09 7.15
CA SER A 89 2.23 17.96 8.44
C SER A 89 1.81 16.67 9.15
N SER A 90 1.21 15.76 8.39
CA SER A 90 0.75 14.48 8.94
C SER A 90 1.49 13.31 8.30
N VAL A 91 2.15 13.58 7.18
CA VAL A 91 2.90 12.56 6.46
C VAL A 91 3.89 11.86 7.38
N GLY A 92 4.46 12.61 8.31
CA GLY A 92 5.42 12.06 9.25
C GLY A 92 4.86 10.89 10.03
N SER A 93 3.67 11.09 10.61
CA SER A 93 3.03 10.05 11.40
C SER A 93 2.55 8.90 10.50
N SER A 94 2.19 9.24 9.27
CA SER A 94 1.71 8.24 8.32
C SER A 94 2.83 7.27 7.94
N ALA A 95 3.98 7.82 7.58
CA ALA A 95 5.13 7.01 7.19
C ALA A 95 5.67 6.22 8.39
N ALA A 96 5.52 6.79 9.58
CA ALA A 96 6.00 6.15 10.80
C ALA A 96 5.14 4.94 11.14
N ALA A 97 3.82 5.10 11.06
CA ALA A 97 2.90 4.01 11.36
C ALA A 97 3.14 2.82 10.46
N VAL A 98 3.20 3.08 9.15
CA VAL A 98 3.42 2.02 8.17
C VAL A 98 4.76 1.33 8.40
N GLY A 99 5.77 2.12 8.74
CA GLY A 99 7.10 1.58 8.98
C GLY A 99 7.12 0.64 10.17
N GLN A 100 6.26 0.89 11.14
CA GLN A 100 6.20 0.07 12.34
C GLN A 100 5.41 -1.22 12.07
N SER A 101 4.44 -1.13 11.17
CA SER A 101 3.61 -2.28 10.83
C SER A 101 4.45 -3.38 10.19
N MET A 102 5.35 -2.99 9.29
CA MET A 102 6.22 -3.94 8.61
C MET A 102 7.00 -4.78 9.62
N GLN A 103 7.20 -4.23 10.81
CA GLN A 103 7.94 -4.92 11.87
C GLN A 103 7.13 -6.08 12.42
N VAL A 104 5.82 -6.05 12.20
CA VAL A 104 4.93 -7.10 12.67
C VAL A 104 4.82 -8.23 11.66
N VAL A 105 5.13 -7.92 10.40
CA VAL A 105 5.08 -8.91 9.34
C VAL A 105 6.39 -9.70 9.25
N MET A 106 7.49 -9.06 9.64
CA MET A 106 8.80 -9.71 9.61
C MET A 106 9.04 -10.50 10.90
N GLY A 107 8.23 -10.22 11.91
CA GLY A 107 8.39 -10.92 13.18
C GLY A 107 8.01 -10.04 14.36
N VAL B 1 12.83 -11.32 3.55
CA VAL B 1 12.35 -10.02 3.09
C VAL B 1 12.41 -8.99 4.21
N GLY B 2 12.92 -9.41 5.37
CA GLY B 2 13.03 -8.51 6.50
C GLY B 2 14.10 -7.47 6.31
N THR B 3 15.32 -7.91 6.02
CA THR B 3 16.44 -7.00 5.81
C THR B 3 16.10 -5.93 4.79
N THR B 4 15.21 -6.27 3.86
CA THR B 4 14.80 -5.34 2.82
C THR B 4 13.95 -4.21 3.40
N VAL B 5 13.17 -4.53 4.41
CA VAL B 5 12.31 -3.54 5.06
C VAL B 5 13.13 -2.52 5.84
N ALA B 6 14.22 -2.99 6.45
CA ALA B 6 15.09 -2.12 7.22
C ALA B 6 16.00 -1.29 6.32
N SER B 7 15.98 -1.61 5.03
CA SER B 7 16.80 -0.90 4.06
C SER B 7 16.01 0.23 3.40
N THR B 8 14.74 -0.04 3.09
CA THR B 8 13.88 0.94 2.46
C THR B 8 13.38 1.97 3.47
N THR B 9 13.06 1.49 4.68
CA THR B 9 12.57 2.37 5.74
C THR B 9 13.63 3.40 6.12
N SER B 10 14.89 3.04 5.97
CA SER B 10 16.00 3.92 6.32
C SER B 10 15.99 5.17 5.42
N ARG B 11 15.62 4.97 4.16
CA ARG B 11 15.57 6.07 3.21
C ARG B 11 14.20 6.76 3.23
N LEU B 12 13.20 6.03 3.70
CA LEU B 12 11.84 6.56 3.78
C LEU B 12 11.72 7.59 4.91
N SER B 13 12.58 7.45 5.91
CA SER B 13 12.56 8.37 7.05
C SER B 13 13.36 9.63 6.74
N THR B 14 13.79 9.76 5.48
CA THR B 14 14.56 10.92 5.06
C THR B 14 13.66 11.99 4.47
N ALA B 15 14.15 13.22 4.42
CA ALA B 15 13.39 14.34 3.87
C ALA B 15 12.93 14.05 2.44
N GLU B 16 13.76 13.32 1.70
CA GLU B 16 13.44 12.97 0.32
C GLU B 16 12.08 12.28 0.24
N ALA B 17 11.89 11.27 1.08
CA ALA B 17 10.63 10.52 1.09
C ALA B 17 9.46 11.44 1.40
N SER B 18 9.70 12.45 2.23
CA SER B 18 8.65 13.40 2.60
C SER B 18 8.14 14.14 1.38
N SER B 19 9.05 14.65 0.56
CA SER B 19 8.70 15.39 -0.64
C SER B 19 7.87 14.52 -1.59
N ARG B 20 8.43 13.38 -1.98
CA ARG B 20 7.74 12.46 -2.88
C ARG B 20 6.33 12.18 -2.39
N ILE B 21 6.20 11.84 -1.12
CA ILE B 21 4.90 11.55 -0.53
C ILE B 21 3.93 12.70 -0.73
N SER B 22 4.45 13.93 -0.59
CA SER B 22 3.63 15.12 -0.74
C SER B 22 3.08 15.22 -2.16
N THR B 23 3.93 14.92 -3.14
CA THR B 23 3.54 14.98 -4.54
C THR B 23 2.62 13.82 -4.90
N ALA B 24 2.84 12.68 -4.25
CA ALA B 24 2.02 11.49 -4.49
C ALA B 24 0.61 11.66 -3.95
N ALA B 25 0.51 12.29 -2.78
CA ALA B 25 -0.78 12.51 -2.14
C ALA B 25 -1.47 13.75 -2.72
N SER B 26 -0.67 14.75 -3.08
CA SER B 26 -1.20 15.99 -3.64
C SER B 26 -1.88 15.73 -4.98
N THR B 27 -1.31 14.81 -5.75
CA THR B 27 -1.85 14.47 -7.06
C THR B 27 -2.89 13.36 -6.95
N LEU B 28 -2.73 12.49 -5.96
CA LEU B 28 -3.66 11.39 -5.75
C LEU B 28 -5.07 11.91 -5.45
N VAL B 29 -5.13 13.01 -4.70
CA VAL B 29 -6.42 13.61 -4.35
C VAL B 29 -6.50 15.04 -4.86
N SER B 30 -5.72 15.35 -5.89
CA SER B 30 -5.71 16.69 -6.48
C SER B 30 -7.11 17.09 -6.95
N GLY B 31 -7.64 16.33 -7.90
CA GLY B 31 -8.97 16.62 -8.42
C GLY B 31 -10.02 16.67 -7.34
N GLY B 32 -9.74 16.00 -6.21
CA GLY B 32 -10.68 15.97 -5.11
C GLY B 32 -10.85 14.60 -4.53
N TYR B 33 -10.35 13.59 -5.23
CA TYR B 33 -10.44 12.21 -4.77
C TYR B 33 -9.43 11.32 -5.49
N LEU B 34 -9.50 10.02 -5.23
CA LEU B 34 -8.58 9.07 -5.84
C LEU B 34 -8.79 9.01 -7.36
N ASN B 35 -7.74 9.33 -8.10
CA ASN B 35 -7.82 9.31 -9.56
C ASN B 35 -6.97 8.16 -10.13
N THR B 36 -7.65 7.16 -10.69
CA THR B 36 -6.97 6.01 -11.27
C THR B 36 -6.10 6.43 -12.45
N ALA B 37 -6.41 7.58 -13.03
CA ALA B 37 -5.64 8.09 -14.17
C ALA B 37 -4.27 8.58 -13.73
N ALA B 38 -4.05 8.66 -12.43
CA ALA B 38 -2.78 9.10 -11.89
C ALA B 38 -2.12 8.01 -11.05
N LEU B 39 -2.92 7.03 -10.63
CA LEU B 39 -2.42 5.93 -9.81
C LEU B 39 -1.12 5.37 -10.40
N PRO B 40 -1.17 4.99 -11.68
CA PRO B 40 -0.02 4.43 -12.39
C PRO B 40 1.06 5.48 -12.64
N SER B 41 0.67 6.75 -12.58
CA SER B 41 1.60 7.85 -12.81
C SER B 41 2.45 8.11 -11.57
N VAL B 42 1.79 8.11 -10.41
CA VAL B 42 2.49 8.36 -9.16
C VAL B 42 3.41 7.20 -8.80
N ILE B 43 2.94 5.98 -9.02
CA ILE B 43 3.73 4.79 -8.73
C ILE B 43 4.97 4.73 -9.61
N ALA B 44 4.81 5.10 -10.88
CA ALA B 44 5.92 5.09 -11.82
C ALA B 44 6.92 6.18 -11.50
N ASP B 45 6.44 7.28 -10.92
CA ASP B 45 7.29 8.40 -10.56
C ASP B 45 8.21 8.04 -9.39
N LEU B 46 7.60 7.59 -8.30
CA LEU B 46 8.36 7.21 -7.11
C LEU B 46 9.44 6.18 -7.45
N PHE B 47 9.07 5.19 -8.25
CA PHE B 47 10.00 4.15 -8.66
C PHE B 47 11.16 4.74 -9.46
N ALA B 48 10.89 5.84 -10.16
CA ALA B 48 11.91 6.49 -10.97
C ALA B 48 12.83 7.33 -10.09
N GLN B 49 12.24 8.19 -9.26
CA GLN B 49 13.01 9.05 -8.38
C GLN B 49 13.94 8.23 -7.49
N VAL B 50 13.38 7.23 -6.81
CA VAL B 50 14.15 6.37 -5.92
C VAL B 50 15.11 5.50 -6.72
N GLY B 51 14.67 5.05 -7.90
CA GLY B 51 15.50 4.21 -8.73
C GLY B 51 16.72 4.94 -9.26
N ALA B 52 16.63 6.27 -9.29
CA ALA B 52 17.74 7.09 -9.79
C ALA B 52 18.79 7.31 -8.71
N SER B 53 18.35 7.24 -7.45
CA SER B 53 19.26 7.44 -6.32
C SER B 53 20.02 6.16 -6.00
N SER B 54 19.37 5.02 -6.22
CA SER B 54 19.98 3.72 -5.95
C SER B 54 19.82 2.79 -7.15
N PRO B 55 20.60 3.06 -8.21
CA PRO B 55 20.56 2.25 -9.43
C PRO B 55 21.15 0.86 -9.23
N GLY B 56 22.00 0.73 -8.22
CA GLY B 56 22.62 -0.56 -7.93
C GLY B 56 21.76 -1.42 -7.02
N VAL B 57 20.63 -0.89 -6.60
CA VAL B 57 19.72 -1.62 -5.72
C VAL B 57 18.97 -2.71 -6.48
N SER B 58 18.28 -3.57 -5.74
CA SER B 58 17.53 -4.66 -6.35
C SER B 58 16.09 -4.23 -6.65
N ASP B 59 15.55 -4.75 -7.75
CA ASP B 59 14.19 -4.42 -8.16
C ASP B 59 13.21 -4.63 -7.00
N SER B 60 13.55 -5.55 -6.10
CA SER B 60 12.70 -5.84 -4.96
C SER B 60 12.74 -4.71 -3.94
N GLU B 61 13.93 -4.43 -3.41
CA GLU B 61 14.09 -3.37 -2.43
C GLU B 61 13.46 -2.07 -2.92
N VAL B 62 13.80 -1.69 -4.15
CA VAL B 62 13.28 -0.46 -4.74
C VAL B 62 11.75 -0.48 -4.78
N LEU B 63 11.19 -1.67 -4.99
CA LEU B 63 9.74 -1.82 -5.05
C LEU B 63 9.11 -1.57 -3.69
N ILE B 64 9.73 -2.10 -2.65
CA ILE B 64 9.23 -1.94 -1.29
C ILE B 64 9.21 -0.47 -0.89
N GLN B 65 10.06 0.33 -1.53
CA GLN B 65 10.13 1.76 -1.25
C GLN B 65 9.02 2.51 -1.96
N VAL B 66 8.68 2.07 -3.17
CA VAL B 66 7.63 2.71 -3.95
C VAL B 66 6.29 2.59 -3.25
N LEU B 67 6.04 1.46 -2.62
CA LEU B 67 4.79 1.22 -1.91
C LEU B 67 4.79 1.92 -0.55
N LEU B 68 5.97 2.01 0.05
CA LEU B 68 6.11 2.66 1.35
C LEU B 68 5.70 4.13 1.28
N GLU B 69 6.07 4.79 0.19
CA GLU B 69 5.74 6.20 -0.01
C GLU B 69 4.27 6.35 -0.40
N ILE B 70 3.80 5.45 -1.25
CA ILE B 70 2.41 5.49 -1.72
C ILE B 70 1.44 5.38 -0.55
N VAL B 71 1.64 4.37 0.30
CA VAL B 71 0.78 4.18 1.46
C VAL B 71 0.89 5.33 2.44
N SER B 72 2.11 5.83 2.62
CA SER B 72 2.36 6.94 3.53
C SER B 72 1.52 8.16 3.14
N SER B 73 1.35 8.36 1.84
CA SER B 73 0.58 9.49 1.33
C SER B 73 -0.91 9.27 1.56
N LEU B 74 -1.45 8.22 0.94
CA LEU B 74 -2.87 7.90 1.07
C LEU B 74 -3.27 7.80 2.54
N ILE B 75 -2.41 7.21 3.35
CA ILE B 75 -2.67 7.06 4.77
C ILE B 75 -2.85 8.42 5.45
N HIS B 76 -1.90 9.32 5.20
CA HIS B 76 -1.96 10.65 5.78
C HIS B 76 -3.27 11.36 5.42
N ILE B 77 -3.85 10.97 4.28
CA ILE B 77 -5.10 11.56 3.83
C ILE B 77 -6.27 11.09 4.69
N LEU B 78 -6.38 9.78 4.87
CA LEU B 78 -7.45 9.21 5.67
C LEU B 78 -7.48 9.81 7.07
N SER B 79 -6.29 10.12 7.59
CA SER B 79 -6.17 10.71 8.93
C SER B 79 -7.10 11.90 9.07
N SER B 80 -7.42 12.54 7.96
CA SER B 80 -8.30 13.71 7.96
C SER B 80 -9.69 13.34 7.46
N SER B 81 -9.74 12.57 6.38
CA SER B 81 -11.01 12.16 5.80
C SER B 81 -11.84 11.36 6.81
N SER B 82 -12.98 10.86 6.36
CA SER B 82 -13.86 10.08 7.22
C SER B 82 -14.49 8.92 6.45
N VAL B 83 -14.12 7.69 6.85
CA VAL B 83 -14.65 6.50 6.21
C VAL B 83 -16.17 6.48 6.25
N GLY B 84 -16.79 7.03 5.21
CA GLY B 84 -18.24 7.06 5.14
C GLY B 84 -18.85 5.68 4.95
N GLN B 85 -19.74 5.56 3.98
CA GLN B 85 -20.39 4.28 3.70
C GLN B 85 -19.83 3.65 2.44
N VAL B 86 -19.04 2.59 2.61
CA VAL B 86 -18.45 1.89 1.48
C VAL B 86 -19.05 0.50 1.32
N ASP B 87 -19.21 0.06 0.07
CA ASP B 87 -19.78 -1.24 -0.22
C ASP B 87 -18.68 -2.23 -0.60
N PHE B 88 -18.75 -3.44 -0.06
CA PHE B 88 -17.76 -4.47 -0.34
C PHE B 88 -17.82 -4.89 -1.81
N SER B 89 -18.87 -4.46 -2.50
CA SER B 89 -19.04 -4.79 -3.90
C SER B 89 -18.18 -3.90 -4.79
N SER B 90 -17.16 -3.29 -4.19
CA SER B 90 -16.26 -2.41 -4.92
C SER B 90 -14.83 -2.94 -4.87
N VAL B 91 -14.56 -3.83 -3.92
CA VAL B 91 -13.24 -4.42 -3.78
C VAL B 91 -12.72 -4.96 -5.11
N GLY B 92 -13.64 -5.41 -5.95
CA GLY B 92 -13.27 -5.96 -7.24
C GLY B 92 -12.56 -4.95 -8.11
N SER B 93 -13.15 -3.76 -8.24
CA SER B 93 -12.57 -2.70 -9.06
C SER B 93 -11.30 -2.15 -8.40
N SER B 94 -11.26 -2.18 -7.08
CA SER B 94 -10.10 -1.69 -6.34
C SER B 94 -8.88 -2.56 -6.59
N ALA B 95 -9.06 -3.86 -6.45
CA ALA B 95 -7.96 -4.81 -6.66
C ALA B 95 -7.52 -4.82 -8.13
N ALA B 96 -8.46 -4.51 -9.02
CA ALA B 96 -8.17 -4.49 -10.45
C ALA B 96 -7.31 -3.28 -10.81
N ALA B 97 -7.68 -2.12 -10.28
CA ALA B 97 -6.95 -0.89 -10.55
C ALA B 97 -5.49 -1.01 -10.09
N VAL B 98 -5.29 -1.51 -8.88
CA VAL B 98 -3.96 -1.69 -8.33
C VAL B 98 -3.15 -2.68 -9.15
N GLY B 99 -3.81 -3.74 -9.59
CA GLY B 99 -3.13 -4.76 -10.38
C GLY B 99 -2.64 -4.24 -11.71
N GLN B 100 -3.34 -3.24 -12.24
CA GLN B 100 -2.98 -2.65 -13.52
C GLN B 100 -1.83 -1.66 -13.35
N SER B 101 -1.79 -1.00 -12.21
CA SER B 101 -0.74 -0.03 -11.92
C SER B 101 0.62 -0.69 -11.88
N MET B 102 0.70 -1.85 -11.25
CA MET B 102 1.94 -2.60 -11.15
C MET B 102 2.55 -2.84 -12.54
N GLN B 103 1.69 -2.83 -13.55
CA GLN B 103 2.14 -3.06 -14.92
C GLN B 103 2.95 -1.87 -15.43
N VAL B 104 2.74 -0.71 -14.82
CA VAL B 104 3.45 0.51 -15.22
C VAL B 104 4.80 0.59 -14.53
N VAL B 105 4.94 -0.10 -13.40
CA VAL B 105 6.19 -0.10 -12.64
C VAL B 105 7.17 -1.12 -13.21
N MET B 106 6.64 -2.20 -13.77
CA MET B 106 7.47 -3.24 -14.35
C MET B 106 7.83 -2.92 -15.80
N GLY B 107 7.10 -1.98 -16.37
CA GLY B 107 7.36 -1.59 -17.76
C GLY B 107 6.09 -1.15 -18.48
N VAL A 1 11.19 -8.77 -9.94
CA VAL A 1 9.88 -8.83 -9.31
C VAL A 1 8.77 -8.93 -10.35
N GLY A 2 9.13 -8.72 -11.62
CA GLY A 2 8.16 -8.79 -12.68
C GLY A 2 7.40 -10.10 -12.70
N THR A 3 8.13 -11.20 -12.49
CA THR A 3 7.53 -12.52 -12.49
C THR A 3 6.74 -12.77 -11.20
N THR A 4 7.29 -12.30 -10.09
CA THR A 4 6.65 -12.47 -8.79
C THR A 4 5.32 -11.71 -8.73
N VAL A 5 5.32 -10.50 -9.29
CA VAL A 5 4.12 -9.67 -9.30
C VAL A 5 2.99 -10.34 -10.09
N ALA A 6 3.36 -11.02 -11.17
CA ALA A 6 2.39 -11.70 -12.00
C ALA A 6 1.93 -13.00 -11.36
N SER A 7 2.59 -13.38 -10.27
CA SER A 7 2.25 -14.60 -9.56
C SER A 7 1.29 -14.32 -8.41
N THR A 8 1.52 -13.23 -7.70
CA THR A 8 0.68 -12.85 -6.58
C THR A 8 -0.63 -12.21 -7.06
N THR A 9 -0.56 -11.57 -8.22
CA THR A 9 -1.73 -10.92 -8.80
C THR A 9 -2.74 -11.94 -9.31
N SER A 10 -2.23 -13.09 -9.74
CA SER A 10 -3.08 -14.15 -10.27
C SER A 10 -3.93 -14.77 -9.15
N ARG A 11 -3.37 -14.82 -7.95
CA ARG A 11 -4.07 -15.38 -6.80
C ARG A 11 -4.96 -14.34 -6.14
N LEU A 12 -4.63 -13.07 -6.36
CA LEU A 12 -5.41 -11.97 -5.80
C LEU A 12 -6.73 -11.79 -6.54
N SER A 13 -6.78 -12.29 -7.77
CA SER A 13 -7.98 -12.18 -8.59
C SER A 13 -8.99 -13.27 -8.22
N THR A 14 -8.67 -14.04 -7.19
CA THR A 14 -9.54 -15.11 -6.74
C THR A 14 -10.48 -14.63 -5.64
N ALA A 15 -11.58 -15.36 -5.44
CA ALA A 15 -12.55 -15.01 -4.42
C ALA A 15 -11.89 -14.90 -3.05
N GLU A 16 -10.82 -15.66 -2.86
CA GLU A 16 -10.09 -15.65 -1.59
C GLU A 16 -9.62 -14.24 -1.24
N ALA A 17 -8.92 -13.61 -2.17
CA ALA A 17 -8.41 -12.26 -1.97
C ALA A 17 -9.55 -11.28 -1.70
N SER A 18 -10.66 -11.46 -2.41
CA SER A 18 -11.82 -10.59 -2.24
C SER A 18 -12.27 -10.56 -0.78
N SER A 19 -12.45 -11.74 -0.20
CA SER A 19 -12.89 -11.85 1.20
C SER A 19 -11.89 -11.17 2.12
N ARG A 20 -10.62 -11.52 1.99
CA ARG A 20 -9.57 -10.94 2.82
C ARG A 20 -9.67 -9.42 2.85
N ILE A 21 -9.73 -8.83 1.66
CA ILE A 21 -9.82 -7.37 1.54
C ILE A 21 -11.01 -6.84 2.32
N SER A 22 -12.13 -7.56 2.27
CA SER A 22 -13.34 -7.16 2.98
C SER A 22 -13.06 -6.98 4.46
N THR A 23 -12.36 -7.93 5.05
CA THR A 23 -12.03 -7.89 6.47
C THR A 23 -10.96 -6.83 6.75
N ALA A 24 -10.08 -6.64 5.79
CA ALA A 24 -9.00 -5.65 5.92
C ALA A 24 -9.56 -4.24 5.93
N ALA A 25 -10.57 -4.00 5.10
CA ALA A 25 -11.19 -2.69 5.00
C ALA A 25 -12.27 -2.50 6.07
N SER A 26 -13.11 -3.53 6.22
CA SER A 26 -14.20 -3.47 7.19
C SER A 26 -13.64 -3.27 8.61
N THR A 27 -12.43 -3.75 8.84
CA THR A 27 -11.79 -3.62 10.14
C THR A 27 -10.96 -2.35 10.22
N LEU A 28 -10.34 -1.98 9.10
CA LEU A 28 -9.51 -0.78 9.04
C LEU A 28 -10.33 0.46 9.39
N VAL A 29 -11.62 0.43 9.05
CA VAL A 29 -12.50 1.55 9.33
C VAL A 29 -13.67 1.13 10.23
N SER A 30 -13.48 0.01 10.95
CA SER A 30 -14.51 -0.49 11.83
C SER A 30 -15.00 0.59 12.78
N GLY A 31 -14.12 1.04 13.67
CA GLY A 31 -14.48 2.08 14.62
C GLY A 31 -15.06 3.30 13.94
N GLY A 32 -14.69 3.52 12.68
CA GLY A 32 -15.19 4.66 11.95
C GLY A 32 -14.11 5.34 11.13
N TYR A 33 -12.86 4.99 11.39
CA TYR A 33 -11.73 5.56 10.68
C TYR A 33 -10.52 4.64 10.72
N LEU A 34 -9.41 5.10 10.17
CA LEU A 34 -8.18 4.32 10.14
C LEU A 34 -7.65 4.10 11.56
N ASN A 35 -7.51 2.83 11.94
CA ASN A 35 -7.02 2.49 13.26
C ASN A 35 -5.62 1.88 13.18
N THR A 36 -4.63 2.62 13.66
CA THR A 36 -3.25 2.16 13.64
C THR A 36 -3.06 0.95 14.54
N ALA A 37 -3.98 0.77 15.48
CA ALA A 37 -3.91 -0.36 16.40
C ALA A 37 -4.24 -1.67 15.70
N ALA A 38 -4.74 -1.55 14.47
CA ALA A 38 -5.11 -2.73 13.68
C ALA A 38 -4.26 -2.84 12.42
N LEU A 39 -3.65 -1.73 12.03
CA LEU A 39 -2.80 -1.69 10.84
C LEU A 39 -1.86 -2.88 10.81
N PRO A 40 -1.08 -3.05 11.89
CA PRO A 40 -0.12 -4.15 12.01
C PRO A 40 -0.82 -5.51 12.17
N SER A 41 -2.08 -5.47 12.59
CA SER A 41 -2.84 -6.70 12.79
C SER A 41 -3.35 -7.24 11.47
N VAL A 42 -3.89 -6.35 10.64
CA VAL A 42 -4.42 -6.74 9.34
C VAL A 42 -3.30 -7.22 8.42
N ILE A 43 -2.18 -6.52 8.44
CA ILE A 43 -1.03 -6.87 7.61
C ILE A 43 -0.46 -8.23 8.01
N ALA A 44 -0.44 -8.50 9.31
CA ALA A 44 0.08 -9.77 9.82
C ALA A 44 -0.84 -10.92 9.44
N ASP A 45 -2.13 -10.63 9.30
CA ASP A 45 -3.11 -11.64 8.95
C ASP A 45 -2.92 -12.11 7.51
N LEU A 46 -2.95 -11.15 6.58
CA LEU A 46 -2.79 -11.46 5.16
C LEU A 46 -1.53 -12.28 4.93
N PHE A 47 -0.42 -11.84 5.52
CA PHE A 47 0.86 -12.54 5.38
C PHE A 47 0.77 -13.95 5.96
N ALA A 48 -0.10 -14.13 6.94
CA ALA A 48 -0.28 -15.43 7.58
C ALA A 48 -1.16 -16.33 6.74
N GLN A 49 -2.23 -15.76 6.18
CA GLN A 49 -3.15 -16.52 5.34
C GLN A 49 -2.45 -17.05 4.09
N VAL A 50 -1.81 -16.14 3.35
CA VAL A 50 -1.11 -16.52 2.14
C VAL A 50 0.13 -17.34 2.45
N GLY A 51 0.81 -16.99 3.55
CA GLY A 51 2.00 -17.72 3.93
C GLY A 51 1.72 -19.16 4.33
N ALA A 52 0.48 -19.40 4.77
CA ALA A 52 0.08 -20.74 5.18
C ALA A 52 -0.29 -21.59 3.97
N SER A 53 -0.71 -20.94 2.89
CA SER A 53 -1.09 -21.64 1.67
C SER A 53 0.11 -21.89 0.78
N SER A 54 1.02 -20.92 0.73
CA SER A 54 2.22 -21.03 -0.08
C SER A 54 3.48 -20.95 0.79
N PRO A 55 3.72 -22.00 1.57
CA PRO A 55 4.89 -22.07 2.45
C PRO A 55 6.19 -22.21 1.68
N GLY A 56 6.11 -22.71 0.45
CA GLY A 56 7.29 -22.89 -0.37
C GLY A 56 7.65 -21.63 -1.14
N VAL A 57 6.82 -20.60 -1.00
CA VAL A 57 7.06 -19.34 -1.71
C VAL A 57 8.19 -18.56 -1.05
N SER A 58 8.62 -17.50 -1.73
CA SER A 58 9.70 -16.66 -1.22
C SER A 58 9.16 -15.50 -0.40
N ASP A 59 9.92 -15.08 0.60
CA ASP A 59 9.51 -13.97 1.46
C ASP A 59 9.14 -12.75 0.63
N SER A 60 9.76 -12.62 -0.54
CA SER A 60 9.51 -11.50 -1.43
C SER A 60 8.14 -11.62 -2.08
N GLU A 61 7.93 -12.71 -2.81
CA GLU A 61 6.66 -12.94 -3.49
C GLU A 61 5.49 -12.81 -2.52
N VAL A 62 5.61 -13.48 -1.37
CA VAL A 62 4.57 -13.45 -0.36
C VAL A 62 4.29 -12.02 0.10
N LEU A 63 5.34 -11.21 0.16
CA LEU A 63 5.23 -9.82 0.58
C LEU A 63 4.41 -9.01 -0.42
N ILE A 64 4.69 -9.23 -1.71
CA ILE A 64 3.98 -8.53 -2.77
C ILE A 64 2.48 -8.78 -2.69
N GLN A 65 2.11 -9.91 -2.09
CA GLN A 65 0.70 -10.27 -1.96
C GLN A 65 0.06 -9.54 -0.78
N VAL A 66 0.83 -9.38 0.29
CA VAL A 66 0.34 -8.70 1.49
C VAL A 66 0.01 -7.24 1.18
N LEU A 67 0.81 -6.63 0.32
CA LEU A 67 0.59 -5.24 -0.05
C LEU A 67 -0.51 -5.11 -1.11
N LEU A 68 -0.67 -6.17 -1.90
CA LEU A 68 -1.69 -6.17 -2.95
C LEU A 68 -3.09 -6.14 -2.35
N GLU A 69 -3.28 -6.88 -1.25
CA GLU A 69 -4.57 -6.94 -0.59
C GLU A 69 -4.82 -5.67 0.22
N ILE A 70 -3.79 -5.19 0.91
CA ILE A 70 -3.90 -3.99 1.72
C ILE A 70 -4.36 -2.81 0.88
N VAL A 71 -3.70 -2.59 -0.26
CA VAL A 71 -4.06 -1.49 -1.15
C VAL A 71 -5.48 -1.66 -1.69
N SER A 72 -5.82 -2.87 -2.08
CA SER A 72 -7.15 -3.16 -2.62
C SER A 72 -8.23 -2.74 -1.64
N SER A 73 -7.93 -2.88 -0.35
CA SER A 73 -8.88 -2.52 0.70
C SER A 73 -8.96 -1.00 0.86
N LEU A 74 -7.86 -0.40 1.28
CA LEU A 74 -7.80 1.04 1.48
C LEU A 74 -8.29 1.78 0.24
N ILE A 75 -7.93 1.26 -0.93
CA ILE A 75 -8.35 1.87 -2.19
C ILE A 75 -9.86 1.81 -2.37
N HIS A 76 -10.44 0.66 -2.03
CA HIS A 76 -11.89 0.48 -2.16
C HIS A 76 -12.63 1.46 -1.26
N ILE A 77 -11.98 1.90 -0.19
CA ILE A 77 -12.58 2.84 0.75
C ILE A 77 -12.61 4.25 0.17
N LEU A 78 -11.45 4.71 -0.30
CA LEU A 78 -11.33 6.05 -0.88
C LEU A 78 -12.29 6.21 -2.06
N SER A 79 -12.53 5.11 -2.78
CA SER A 79 -13.41 5.13 -3.93
C SER A 79 -14.73 5.84 -3.59
N SER A 80 -15.12 5.77 -2.33
CA SER A 80 -16.35 6.40 -1.87
C SER A 80 -16.06 7.56 -0.93
N SER A 81 -14.92 7.48 -0.25
CA SER A 81 -14.51 8.53 0.69
C SER A 81 -14.42 9.88 -0.01
N SER A 82 -14.22 10.94 0.77
CA SER A 82 -14.10 12.28 0.23
C SER A 82 -12.98 13.06 0.92
N VAL A 83 -11.85 13.18 0.25
CA VAL A 83 -10.69 13.89 0.79
C VAL A 83 -11.10 15.28 1.29
N GLY A 84 -11.28 15.39 2.61
CA GLY A 84 -11.66 16.68 3.18
C GLY A 84 -10.53 17.69 3.15
N GLN A 85 -10.16 18.20 4.32
CA GLN A 85 -9.09 19.18 4.42
C GLN A 85 -7.82 18.55 4.98
N VAL A 86 -7.55 17.31 4.58
CA VAL A 86 -6.37 16.60 5.04
C VAL A 86 -5.14 17.51 5.05
N ASP A 87 -4.47 17.57 6.19
CA ASP A 87 -3.28 18.40 6.34
C ASP A 87 -2.02 17.60 6.05
N PHE A 88 -1.06 18.23 5.38
CA PHE A 88 0.20 17.58 5.04
C PHE A 88 1.01 17.27 6.28
N SER A 89 0.59 17.82 7.41
CA SER A 89 1.27 17.61 8.68
C SER A 89 0.85 16.29 9.31
N SER A 90 0.42 15.35 8.48
CA SER A 90 -0.03 14.05 8.96
C SER A 90 0.80 12.93 8.35
N VAL A 91 1.55 13.26 7.30
CA VAL A 91 2.39 12.29 6.62
C VAL A 91 3.40 11.67 7.58
N GLY A 92 3.91 12.48 8.50
CA GLY A 92 4.88 12.00 9.47
C GLY A 92 4.41 10.75 10.18
N SER A 93 3.22 10.82 10.77
CA SER A 93 2.66 9.68 11.50
C SER A 93 2.30 8.55 10.54
N SER A 94 1.92 8.92 9.32
CA SER A 94 1.54 7.94 8.31
C SER A 94 2.73 7.05 7.93
N ALA A 95 3.86 7.69 7.65
CA ALA A 95 5.07 6.97 7.27
C ALA A 95 5.62 6.16 8.45
N ALA A 96 5.45 6.69 9.66
CA ALA A 96 5.91 6.03 10.86
C ALA A 96 5.04 4.83 11.21
N ALA A 97 3.72 5.02 11.12
CA ALA A 97 2.78 3.96 11.41
C ALA A 97 3.02 2.74 10.52
N VAL A 98 3.16 2.99 9.21
CA VAL A 98 3.39 1.92 8.26
C VAL A 98 4.74 1.26 8.49
N GLY A 99 5.75 2.06 8.77
CA GLY A 99 7.08 1.55 9.02
C GLY A 99 7.14 0.63 10.23
N GLN A 100 6.23 0.84 11.17
CA GLN A 100 6.18 0.03 12.37
C GLN A 100 5.40 -1.26 12.13
N SER A 101 4.42 -1.19 11.25
CA SER A 101 3.59 -2.35 10.94
C SER A 101 4.42 -3.45 10.29
N MET A 102 5.29 -3.05 9.36
CA MET A 102 6.15 -4.00 8.67
C MET A 102 6.94 -4.86 9.67
N GLN A 103 7.26 -4.28 10.82
CA GLN A 103 7.99 -4.98 11.86
C GLN A 103 7.22 -6.21 12.34
N VAL A 104 5.90 -6.16 12.18
CA VAL A 104 5.05 -7.27 12.60
C VAL A 104 4.97 -8.35 11.53
N VAL A 105 5.25 -7.97 10.29
CA VAL A 105 5.22 -8.91 9.17
C VAL A 105 6.51 -9.71 9.09
N MET A 106 7.60 -9.13 9.59
CA MET A 106 8.90 -9.80 9.57
C MET A 106 9.42 -9.98 11.00
N GLY A 107 8.52 -9.97 11.97
CA GLY A 107 8.90 -10.14 13.35
C GLY A 107 10.04 -9.23 13.75
N VAL B 1 13.60 -10.70 3.74
CA VAL B 1 12.89 -9.44 3.54
C VAL B 1 12.96 -8.57 4.80
N GLY B 2 13.39 -9.17 5.90
CA GLY B 2 13.49 -8.44 7.15
C GLY B 2 14.52 -7.32 7.09
N THR B 3 15.78 -7.69 6.90
CA THR B 3 16.86 -6.71 6.83
C THR B 3 16.59 -5.68 5.74
N THR B 4 15.94 -6.11 4.67
CA THR B 4 15.62 -5.22 3.56
C THR B 4 14.59 -4.17 3.97
N VAL B 5 13.69 -4.56 4.86
CA VAL B 5 12.66 -3.64 5.34
C VAL B 5 13.26 -2.54 6.21
N ALA B 6 14.30 -2.88 6.95
CA ALA B 6 14.97 -1.92 7.82
C ALA B 6 15.90 -1.01 7.02
N SER B 7 16.08 -1.34 5.74
CA SER B 7 16.95 -0.55 4.88
C SER B 7 16.16 0.52 4.13
N THR B 8 14.96 0.15 3.69
CA THR B 8 14.10 1.10 2.97
C THR B 8 13.42 2.06 3.92
N THR B 9 13.18 1.61 5.16
CA THR B 9 12.54 2.44 6.16
C THR B 9 13.48 3.53 6.66
N SER B 10 14.78 3.25 6.63
CA SER B 10 15.78 4.21 7.08
C SER B 10 15.83 5.42 6.15
N ARG B 11 15.63 5.17 4.86
CA ARG B 11 15.65 6.24 3.87
C ARG B 11 14.32 6.96 3.81
N LEU B 12 13.26 6.28 4.24
CA LEU B 12 11.92 6.85 4.24
C LEU B 12 11.74 7.83 5.40
N SER B 13 12.60 7.70 6.41
CA SER B 13 12.54 8.56 7.59
C SER B 13 13.25 9.89 7.32
N THR B 14 13.66 10.09 6.07
CA THR B 14 14.36 11.31 5.69
C THR B 14 13.40 12.31 5.05
N ALA B 15 13.82 13.57 4.99
CA ALA B 15 13.00 14.62 4.40
C ALA B 15 12.61 14.27 2.97
N GLU B 16 13.49 13.56 2.28
CA GLU B 16 13.23 13.15 0.90
C GLU B 16 11.90 12.42 0.78
N ALA B 17 11.69 11.43 1.64
CA ALA B 17 10.45 10.66 1.63
C ALA B 17 9.25 11.55 1.87
N SER B 18 9.44 12.60 2.68
CA SER B 18 8.35 13.53 2.99
C SER B 18 7.87 14.24 1.72
N SER B 19 8.82 14.63 0.88
CA SER B 19 8.49 15.32 -0.37
C SER B 19 7.72 14.42 -1.31
N ARG B 20 8.32 13.27 -1.64
CA ARG B 20 7.69 12.31 -2.54
C ARG B 20 6.26 12.01 -2.10
N ILE B 21 6.10 11.64 -0.83
CA ILE B 21 4.79 11.32 -0.28
C ILE B 21 3.82 12.48 -0.49
N SER B 22 4.31 13.71 -0.31
CA SER B 22 3.49 14.89 -0.48
C SER B 22 2.97 15.00 -1.91
N THR B 23 3.83 14.69 -2.87
CA THR B 23 3.47 14.75 -4.27
C THR B 23 2.55 13.59 -4.66
N ALA B 24 2.74 12.46 -4.01
CA ALA B 24 1.93 11.28 -4.28
C ALA B 24 0.50 11.46 -3.76
N ALA B 25 0.37 12.10 -2.61
CA ALA B 25 -0.94 12.35 -2.02
C ALA B 25 -1.61 13.56 -2.63
N SER B 26 -0.80 14.57 -2.95
CA SER B 26 -1.32 15.81 -3.54
C SER B 26 -1.91 15.54 -4.92
N THR B 27 -1.29 14.61 -5.65
CA THR B 27 -1.77 14.26 -6.98
C THR B 27 -2.84 13.17 -6.92
N LEU B 28 -2.75 12.32 -5.90
CA LEU B 28 -3.71 11.24 -5.73
C LEU B 28 -5.11 11.78 -5.48
N VAL B 29 -5.18 12.91 -4.78
CA VAL B 29 -6.46 13.54 -4.47
C VAL B 29 -6.53 14.94 -5.06
N SER B 30 -5.72 15.20 -6.07
CA SER B 30 -5.69 16.50 -6.72
C SER B 30 -7.09 16.91 -7.18
N GLY B 31 -7.62 16.18 -8.17
CA GLY B 31 -8.94 16.48 -8.68
C GLY B 31 -9.99 16.55 -7.59
N GLY B 32 -9.73 15.84 -6.48
CA GLY B 32 -10.67 15.84 -5.38
C GLY B 32 -10.89 14.45 -4.82
N TYR B 33 -10.39 13.43 -5.52
CA TYR B 33 -10.54 12.06 -5.08
C TYR B 33 -9.47 11.17 -5.70
N LEU B 34 -9.54 9.87 -5.43
CA LEU B 34 -8.58 8.91 -5.96
C LEU B 34 -8.68 8.83 -7.48
N ASN B 35 -7.57 9.11 -8.16
CA ASN B 35 -7.53 9.05 -9.61
C ASN B 35 -6.70 7.88 -10.10
N THR B 36 -7.36 6.86 -10.65
CA THR B 36 -6.68 5.69 -11.14
C THR B 36 -5.76 6.03 -12.32
N ALA B 37 -6.03 7.16 -12.96
CA ALA B 37 -5.24 7.60 -14.09
C ALA B 37 -3.87 8.09 -13.64
N ALA B 38 -3.70 8.24 -12.33
CA ALA B 38 -2.43 8.71 -11.77
C ALA B 38 -1.80 7.64 -10.88
N LEU B 39 -2.62 6.70 -10.44
CA LEU B 39 -2.14 5.62 -9.57
C LEU B 39 -0.84 5.03 -10.10
N PRO B 40 -0.87 4.60 -11.38
CA PRO B 40 0.31 4.01 -12.03
C PRO B 40 1.39 5.04 -12.31
N SER B 41 1.01 6.31 -12.31
CA SER B 41 1.96 7.39 -12.57
C SER B 41 2.78 7.70 -11.31
N VAL B 42 2.10 7.78 -10.18
CA VAL B 42 2.77 8.07 -8.91
C VAL B 42 3.69 6.92 -8.51
N ILE B 43 3.22 5.70 -8.69
CA ILE B 43 4.00 4.52 -8.35
C ILE B 43 5.26 4.42 -9.20
N ALA B 44 5.12 4.74 -10.48
CA ALA B 44 6.25 4.70 -11.41
C ALA B 44 7.26 5.78 -11.08
N ASP B 45 6.80 6.88 -10.51
CA ASP B 45 7.67 7.99 -10.14
C ASP B 45 8.58 7.61 -8.98
N LEU B 46 7.97 7.21 -7.86
CA LEU B 46 8.72 6.82 -6.68
C LEU B 46 9.82 5.83 -7.04
N PHE B 47 9.44 4.76 -7.74
CA PHE B 47 10.39 3.74 -8.15
C PHE B 47 11.52 4.34 -8.98
N ALA B 48 11.22 5.45 -9.65
CA ALA B 48 12.22 6.13 -10.47
C ALA B 48 13.17 6.97 -9.62
N GLN B 49 12.60 7.72 -8.68
CA GLN B 49 13.40 8.56 -7.80
C GLN B 49 14.31 7.73 -6.92
N VAL B 50 13.73 6.71 -6.28
CA VAL B 50 14.50 5.83 -5.40
C VAL B 50 15.47 4.97 -6.20
N GLY B 51 15.04 4.52 -7.37
CA GLY B 51 15.89 3.69 -8.21
C GLY B 51 17.01 4.49 -8.86
N ALA B 52 16.85 5.80 -8.91
CA ALA B 52 17.85 6.68 -9.51
C ALA B 52 18.98 6.98 -8.52
N SER B 53 18.66 6.90 -7.23
CA SER B 53 19.65 7.17 -6.19
C SER B 53 20.35 5.88 -5.77
N SER B 54 19.61 4.77 -5.81
CA SER B 54 20.15 3.48 -5.42
C SER B 54 20.05 2.48 -6.57
N PRO B 55 20.86 2.69 -7.61
CA PRO B 55 20.89 1.83 -8.79
C PRO B 55 21.47 0.45 -8.49
N GLY B 56 22.29 0.38 -7.45
CA GLY B 56 22.91 -0.89 -7.07
C GLY B 56 22.01 -1.72 -6.19
N VAL B 57 20.85 -1.19 -5.85
CA VAL B 57 19.89 -1.90 -5.00
C VAL B 57 19.22 -3.03 -5.76
N SER B 58 18.46 -3.85 -5.05
CA SER B 58 17.76 -4.98 -5.65
C SER B 58 16.31 -4.61 -5.98
N ASP B 59 15.77 -5.23 -7.02
CA ASP B 59 14.40 -4.98 -7.43
C ASP B 59 13.44 -5.11 -6.25
N SER B 60 13.82 -5.95 -5.28
CA SER B 60 12.99 -6.18 -4.10
C SER B 60 13.03 -4.97 -3.17
N GLU B 61 14.22 -4.64 -2.69
CA GLU B 61 14.39 -3.51 -1.79
C GLU B 61 13.73 -2.26 -2.36
N VAL B 62 14.03 -1.96 -3.62
CA VAL B 62 13.46 -0.78 -4.29
C VAL B 62 11.93 -0.83 -4.27
N LEU B 63 11.39 -2.04 -4.40
CA LEU B 63 9.94 -2.22 -4.40
C LEU B 63 9.34 -1.91 -3.04
N ILE B 64 10.01 -2.38 -1.99
CA ILE B 64 9.55 -2.16 -0.62
C ILE B 64 9.50 -0.66 -0.31
N GLN B 65 10.33 0.12 -1.00
CA GLN B 65 10.38 1.56 -0.79
C GLN B 65 9.23 2.25 -1.50
N VAL B 66 8.87 1.74 -2.68
CA VAL B 66 7.79 2.32 -3.47
C VAL B 66 6.45 2.16 -2.75
N LEU B 67 6.28 1.05 -2.06
CA LEU B 67 5.05 0.78 -1.32
C LEU B 67 5.04 1.52 0.01
N LEU B 68 6.23 1.81 0.52
CA LEU B 68 6.37 2.52 1.79
C LEU B 68 5.91 3.96 1.66
N GLU B 69 6.26 4.60 0.54
CA GLU B 69 5.89 5.99 0.30
C GLU B 69 4.41 6.09 -0.09
N ILE B 70 3.95 5.15 -0.90
CA ILE B 70 2.57 5.13 -1.35
C ILE B 70 1.61 5.06 -0.17
N VAL B 71 1.85 4.10 0.73
CA VAL B 71 1.02 3.92 1.91
C VAL B 71 1.06 5.16 2.80
N SER B 72 2.26 5.71 2.98
CA SER B 72 2.43 6.89 3.82
C SER B 72 1.56 8.03 3.32
N SER B 73 1.38 8.11 2.01
CA SER B 73 0.57 9.18 1.40
C SER B 73 -0.91 8.91 1.63
N LEU B 74 -1.42 7.83 1.05
CA LEU B 74 -2.82 7.47 1.18
C LEU B 74 -3.24 7.45 2.66
N ILE B 75 -2.38 6.90 3.50
CA ILE B 75 -2.64 6.83 4.93
C ILE B 75 -2.85 8.22 5.53
N HIS B 76 -1.95 9.13 5.18
CA HIS B 76 -2.04 10.50 5.68
C HIS B 76 -3.35 11.15 5.29
N ILE B 77 -3.98 10.63 4.24
CA ILE B 77 -5.26 11.15 3.76
C ILE B 77 -6.41 10.67 4.63
N LEU B 78 -6.47 9.36 4.84
CA LEU B 78 -7.53 8.77 5.66
C LEU B 78 -7.57 9.42 7.04
N SER B 79 -6.40 9.77 7.55
CA SER B 79 -6.31 10.40 8.87
C SER B 79 -7.30 11.55 9.00
N SER B 80 -7.65 12.16 7.87
CA SER B 80 -8.60 13.26 7.86
C SER B 80 -9.96 12.81 7.36
N SER B 81 -9.98 11.77 6.53
CA SER B 81 -11.22 11.24 5.99
C SER B 81 -12.17 10.83 7.10
N SER B 82 -13.31 10.27 6.72
CA SER B 82 -14.31 9.83 7.69
C SER B 82 -15.01 8.56 7.21
N VAL B 83 -14.51 7.99 6.12
CA VAL B 83 -15.07 6.78 5.56
C VAL B 83 -16.59 6.87 5.46
N GLY B 84 -17.07 7.32 4.30
CA GLY B 84 -18.50 7.45 4.09
C GLY B 84 -19.21 6.11 4.09
N GLN B 85 -20.15 5.94 3.16
CA GLN B 85 -20.90 4.70 3.06
C GLN B 85 -20.29 3.77 2.02
N VAL B 86 -18.96 3.77 1.95
CA VAL B 86 -18.24 2.92 1.01
C VAL B 86 -18.84 1.52 0.95
N ASP B 87 -19.16 1.06 -0.25
CA ASP B 87 -19.74 -0.27 -0.44
C ASP B 87 -18.65 -1.30 -0.71
N PHE B 88 -18.84 -2.51 -0.20
CA PHE B 88 -17.88 -3.58 -0.39
C PHE B 88 -17.83 -4.02 -1.85
N SER B 89 -18.80 -3.55 -2.63
CA SER B 89 -18.88 -3.89 -4.05
C SER B 89 -17.92 -3.02 -4.87
N SER B 90 -16.87 -2.54 -4.22
CA SER B 90 -15.89 -1.69 -4.89
C SER B 90 -14.50 -2.31 -4.82
N VAL B 91 -14.34 -3.29 -3.93
CA VAL B 91 -13.06 -3.97 -3.76
C VAL B 91 -12.59 -4.59 -5.08
N GLY B 92 -13.55 -4.98 -5.91
CA GLY B 92 -13.21 -5.59 -7.20
C GLY B 92 -12.35 -4.68 -8.06
N SER B 93 -12.82 -3.45 -8.27
CA SER B 93 -12.09 -2.49 -9.08
C SER B 93 -10.81 -2.05 -8.39
N SER B 94 -10.84 -2.04 -7.06
CA SER B 94 -9.68 -1.62 -6.26
C SER B 94 -8.52 -2.59 -6.47
N ALA B 95 -8.80 -3.88 -6.34
CA ALA B 95 -7.78 -4.91 -6.51
C ALA B 95 -7.27 -4.95 -7.96
N ALA B 96 -8.17 -4.66 -8.90
CA ALA B 96 -7.82 -4.66 -10.31
C ALA B 96 -6.98 -3.45 -10.68
N ALA B 97 -7.39 -2.28 -10.18
CA ALA B 97 -6.66 -1.04 -10.44
C ALA B 97 -5.22 -1.14 -9.98
N VAL B 98 -5.02 -1.65 -8.77
CA VAL B 98 -3.68 -1.79 -8.20
C VAL B 98 -2.87 -2.82 -8.98
N GLY B 99 -3.54 -3.92 -9.35
CA GLY B 99 -2.86 -4.98 -10.09
C GLY B 99 -2.35 -4.50 -11.44
N GLN B 100 -3.00 -3.48 -11.99
CA GLN B 100 -2.61 -2.94 -13.28
C GLN B 100 -1.46 -1.95 -13.14
N SER B 101 -1.46 -1.22 -12.02
CA SER B 101 -0.41 -0.24 -11.76
C SER B 101 0.96 -0.91 -11.64
N MET B 102 0.99 -2.05 -10.95
CA MET B 102 2.23 -2.78 -10.77
C MET B 102 2.90 -3.08 -12.10
N GLN B 103 2.09 -3.18 -13.15
CA GLN B 103 2.60 -3.46 -14.49
C GLN B 103 3.44 -2.31 -15.00
N VAL B 104 3.22 -1.12 -14.46
CA VAL B 104 3.96 0.07 -14.87
C VAL B 104 5.27 0.18 -14.10
N VAL B 105 5.33 -0.47 -12.94
CA VAL B 105 6.54 -0.45 -12.12
C VAL B 105 7.59 -1.41 -12.65
N MET B 106 7.12 -2.50 -13.25
CA MET B 106 8.02 -3.51 -13.81
C MET B 106 7.83 -3.63 -15.32
N GLY B 107 7.32 -2.56 -15.94
CA GLY B 107 7.09 -2.58 -17.37
C GLY B 107 8.32 -3.04 -18.15
N VAL A 1 11.18 -8.33 -10.37
CA VAL A 1 9.95 -8.29 -9.58
C VAL A 1 8.73 -8.43 -10.48
N GLY A 2 8.94 -8.29 -11.79
CA GLY A 2 7.84 -8.40 -12.72
C GLY A 2 7.14 -9.75 -12.65
N THR A 3 7.92 -10.82 -12.69
CA THR A 3 7.35 -12.17 -12.62
C THR A 3 6.68 -12.41 -11.27
N THR A 4 7.14 -11.70 -10.25
CA THR A 4 6.58 -11.85 -8.91
C THR A 4 5.15 -11.32 -8.84
N VAL A 5 4.89 -10.26 -9.61
CA VAL A 5 3.57 -9.65 -9.64
C VAL A 5 2.56 -10.55 -10.35
N ALA A 6 2.99 -11.16 -11.46
CA ALA A 6 2.14 -12.05 -12.23
C ALA A 6 1.82 -13.32 -11.45
N SER A 7 2.54 -13.53 -10.35
CA SER A 7 2.34 -14.70 -9.50
C SER A 7 1.40 -14.39 -8.35
N THR A 8 1.56 -13.21 -7.77
CA THR A 8 0.73 -12.78 -6.65
C THR A 8 -0.63 -12.28 -7.13
N THR A 9 -0.65 -11.72 -8.33
CA THR A 9 -1.89 -11.21 -8.90
C THR A 9 -2.81 -12.35 -9.34
N SER A 10 -2.21 -13.47 -9.72
CA SER A 10 -2.99 -14.63 -10.16
C SER A 10 -3.81 -15.20 -9.02
N ARG A 11 -3.26 -15.13 -7.81
CA ARG A 11 -3.95 -15.64 -6.63
C ARG A 11 -4.84 -14.56 -6.01
N LEU A 12 -4.52 -13.31 -6.29
CA LEU A 12 -5.29 -12.19 -5.76
C LEU A 12 -6.61 -12.03 -6.51
N SER A 13 -6.66 -12.57 -7.72
CA SER A 13 -7.86 -12.48 -8.54
C SER A 13 -8.87 -13.58 -8.16
N THR A 14 -8.53 -14.33 -7.11
CA THR A 14 -9.40 -15.40 -6.65
C THR A 14 -10.30 -14.93 -5.52
N ALA A 15 -11.39 -15.66 -5.29
CA ALA A 15 -12.34 -15.31 -4.24
C ALA A 15 -11.64 -15.20 -2.89
N GLU A 16 -10.53 -15.91 -2.74
CA GLU A 16 -9.76 -15.89 -1.49
C GLU A 16 -9.33 -14.46 -1.15
N ALA A 17 -8.69 -13.80 -2.11
CA ALA A 17 -8.23 -12.42 -1.91
C ALA A 17 -9.40 -11.48 -1.64
N SER A 18 -10.50 -11.71 -2.35
CA SER A 18 -11.69 -10.88 -2.21
C SER A 18 -12.14 -10.83 -0.75
N SER A 19 -12.27 -12.00 -0.14
CA SER A 19 -12.71 -12.09 1.26
C SER A 19 -11.71 -11.38 2.18
N ARG A 20 -10.44 -11.73 2.03
CA ARG A 20 -9.39 -11.14 2.85
C ARG A 20 -9.49 -9.61 2.83
N ILE A 21 -9.58 -9.04 1.64
CA ILE A 21 -9.68 -7.59 1.48
C ILE A 21 -10.87 -7.04 2.26
N SER A 22 -11.99 -7.77 2.23
CA SER A 22 -13.19 -7.35 2.93
C SER A 22 -12.91 -7.14 4.41
N THR A 23 -12.21 -8.09 5.03
CA THR A 23 -11.87 -8.01 6.43
C THR A 23 -10.83 -6.92 6.70
N ALA A 24 -9.96 -6.71 5.73
CA ALA A 24 -8.91 -5.69 5.84
C ALA A 24 -9.51 -4.28 5.91
N ALA A 25 -10.54 -4.05 5.10
CA ALA A 25 -11.19 -2.76 5.06
C ALA A 25 -12.30 -2.67 6.12
N SER A 26 -13.05 -3.75 6.26
CA SER A 26 -14.15 -3.79 7.22
C SER A 26 -13.63 -3.52 8.63
N THR A 27 -12.38 -3.89 8.88
CA THR A 27 -11.76 -3.68 10.19
C THR A 27 -10.96 -2.39 10.21
N LEU A 28 -10.39 -2.02 9.07
CA LEU A 28 -9.60 -0.80 8.97
C LEU A 28 -10.44 0.43 9.29
N VAL A 29 -11.73 0.38 8.94
CA VAL A 29 -12.64 1.47 9.19
C VAL A 29 -14.04 0.97 9.53
N SER A 30 -14.12 0.05 10.48
CA SER A 30 -15.39 -0.51 10.90
C SER A 30 -16.48 0.55 10.92
N GLY A 31 -16.42 1.43 11.92
CA GLY A 31 -17.41 2.49 12.03
C GLY A 31 -16.82 3.76 12.59
N GLY A 32 -15.63 4.12 12.14
CA GLY A 32 -14.98 5.33 12.62
C GLY A 32 -13.96 5.86 11.63
N TYR A 33 -12.84 5.15 11.50
CA TYR A 33 -11.78 5.56 10.59
C TYR A 33 -10.58 4.61 10.69
N LEU A 34 -9.50 4.97 10.02
CA LEU A 34 -8.28 4.15 10.03
C LEU A 34 -7.69 4.07 11.44
N ASN A 35 -7.56 2.85 11.94
CA ASN A 35 -7.00 2.64 13.27
C ASN A 35 -5.61 2.02 13.18
N THR A 36 -4.61 2.79 13.61
CA THR A 36 -3.22 2.32 13.58
C THR A 36 -3.04 1.10 14.47
N ALA A 37 -3.93 0.94 15.43
CA ALA A 37 -3.87 -0.19 16.36
C ALA A 37 -4.23 -1.49 15.66
N ALA A 38 -4.74 -1.39 14.44
CA ALA A 38 -5.13 -2.55 13.66
C ALA A 38 -4.28 -2.68 12.40
N LEU A 39 -3.66 -1.58 12.01
CA LEU A 39 -2.81 -1.57 10.81
C LEU A 39 -1.89 -2.79 10.78
N PRO A 40 -1.13 -2.98 11.86
CA PRO A 40 -0.20 -4.10 11.99
C PRO A 40 -0.92 -5.44 12.14
N SER A 41 -2.17 -5.38 12.55
CA SER A 41 -2.97 -6.58 12.75
C SER A 41 -3.49 -7.11 11.41
N VAL A 42 -4.02 -6.21 10.60
CA VAL A 42 -4.54 -6.58 9.29
C VAL A 42 -3.43 -7.08 8.36
N ILE A 43 -2.31 -6.37 8.38
CA ILE A 43 -1.17 -6.75 7.55
C ILE A 43 -0.62 -8.11 7.95
N ALA A 44 -0.58 -8.37 9.25
CA ALA A 44 -0.09 -9.65 9.76
C ALA A 44 -1.01 -10.79 9.37
N ASP A 45 -2.30 -10.49 9.25
CA ASP A 45 -3.29 -11.50 8.89
C ASP A 45 -3.09 -11.97 7.45
N LEU A 46 -3.11 -11.03 6.52
CA LEU A 46 -2.94 -11.35 5.11
C LEU A 46 -1.66 -12.16 4.88
N PHE A 47 -0.59 -11.75 5.55
CA PHE A 47 0.70 -12.43 5.42
C PHE A 47 0.59 -13.87 5.94
N ALA A 48 -0.26 -14.07 6.93
CA ALA A 48 -0.45 -15.40 7.51
C ALA A 48 -1.35 -16.25 6.63
N GLN A 49 -2.40 -15.64 6.08
CA GLN A 49 -3.32 -16.36 5.21
C GLN A 49 -2.63 -16.86 3.95
N VAL A 50 -1.99 -15.94 3.23
CA VAL A 50 -1.29 -16.29 2.00
C VAL A 50 -0.01 -17.07 2.31
N GLY A 51 0.65 -16.72 3.40
CA GLY A 51 1.87 -17.40 3.78
C GLY A 51 1.63 -18.82 4.23
N ALA A 52 0.38 -19.11 4.62
CA ALA A 52 0.01 -20.45 5.08
C ALA A 52 -0.26 -21.37 3.89
N SER A 53 -0.66 -20.78 2.77
CA SER A 53 -0.97 -21.56 1.57
C SER A 53 0.30 -21.80 0.75
N SER A 54 1.22 -20.84 0.79
CA SER A 54 2.46 -20.94 0.05
C SER A 54 3.67 -20.86 0.99
N PRO A 55 3.89 -21.93 1.77
CA PRO A 55 5.00 -22.01 2.72
C PRO A 55 6.34 -22.12 2.02
N GLY A 56 6.34 -22.59 0.78
CA GLY A 56 7.57 -22.74 0.03
C GLY A 56 7.86 -21.53 -0.84
N VAL A 57 7.09 -20.46 -0.64
CA VAL A 57 7.27 -19.24 -1.42
C VAL A 57 8.37 -18.37 -0.81
N SER A 58 8.76 -17.33 -1.55
CA SER A 58 9.80 -16.42 -1.09
C SER A 58 9.22 -15.26 -0.31
N ASP A 59 9.96 -14.79 0.69
CA ASP A 59 9.50 -13.67 1.52
C ASP A 59 9.10 -12.48 0.66
N SER A 60 9.71 -12.38 -0.52
CA SER A 60 9.42 -11.28 -1.44
C SER A 60 8.05 -11.45 -2.07
N GLU A 61 7.87 -12.54 -2.81
CA GLU A 61 6.60 -12.81 -3.47
C GLU A 61 5.43 -12.70 -2.48
N VAL A 62 5.58 -13.34 -1.32
CA VAL A 62 4.54 -13.31 -0.30
C VAL A 62 4.27 -11.89 0.16
N LEU A 63 5.33 -11.07 0.20
CA LEU A 63 5.19 -9.68 0.62
C LEU A 63 4.36 -8.88 -0.38
N ILE A 64 4.64 -9.09 -1.67
CA ILE A 64 3.90 -8.40 -2.73
C ILE A 64 2.41 -8.68 -2.66
N GLN A 65 2.06 -9.82 -2.05
CA GLN A 65 0.66 -10.20 -1.91
C GLN A 65 0.01 -9.46 -0.75
N VAL A 66 0.74 -9.31 0.34
CA VAL A 66 0.22 -8.61 1.52
C VAL A 66 -0.11 -7.16 1.20
N LEU A 67 0.72 -6.55 0.36
CA LEU A 67 0.52 -5.15 -0.03
C LEU A 67 -0.56 -5.05 -1.11
N LEU A 68 -0.74 -6.11 -1.88
CA LEU A 68 -1.75 -6.13 -2.94
C LEU A 68 -3.15 -6.11 -2.36
N GLU A 69 -3.35 -6.85 -1.28
CA GLU A 69 -4.66 -6.91 -0.63
C GLU A 69 -4.92 -5.65 0.19
N ILE A 70 -3.89 -5.17 0.88
CA ILE A 70 -4.01 -3.97 1.69
C ILE A 70 -4.50 -2.79 0.86
N VAL A 71 -3.85 -2.56 -0.28
CA VAL A 71 -4.23 -1.47 -1.17
C VAL A 71 -5.64 -1.65 -1.71
N SER A 72 -5.95 -2.88 -2.11
CA SER A 72 -7.27 -3.19 -2.66
C SER A 72 -8.36 -2.79 -1.67
N SER A 73 -8.08 -2.93 -0.38
CA SER A 73 -9.04 -2.59 0.65
C SER A 73 -9.14 -1.08 0.84
N LEU A 74 -8.04 -0.47 1.27
CA LEU A 74 -7.99 0.98 1.48
C LEU A 74 -8.49 1.73 0.25
N ILE A 75 -8.12 1.23 -0.93
CA ILE A 75 -8.53 1.85 -2.18
C ILE A 75 -10.04 1.77 -2.36
N HIS A 76 -10.60 0.60 -2.10
CA HIS A 76 -12.04 0.38 -2.23
C HIS A 76 -12.81 1.32 -1.31
N ILE A 77 -12.13 1.82 -0.28
CA ILE A 77 -12.75 2.73 0.68
C ILE A 77 -12.77 4.16 0.15
N LEU A 78 -11.62 4.62 -0.33
CA LEU A 78 -11.50 5.98 -0.86
C LEU A 78 -12.50 6.20 -2.00
N SER A 79 -12.76 5.13 -2.76
CA SER A 79 -13.69 5.22 -3.88
C SER A 79 -14.99 5.88 -3.46
N SER A 80 -15.32 5.76 -2.17
CA SER A 80 -16.55 6.33 -1.64
C SER A 80 -16.24 7.55 -0.77
N SER A 81 -15.02 7.61 -0.26
CA SER A 81 -14.60 8.72 0.59
C SER A 81 -14.58 10.03 -0.19
N SER A 82 -14.27 11.12 0.50
CA SER A 82 -14.21 12.43 -0.13
C SER A 82 -12.93 13.16 0.24
N VAL A 83 -12.07 12.48 1.00
CA VAL A 83 -10.80 13.06 1.42
C VAL A 83 -11.02 14.21 2.39
N GLY A 84 -11.46 15.35 1.86
CA GLY A 84 -11.70 16.51 2.70
C GLY A 84 -10.46 17.37 2.86
N GLN A 85 -10.19 17.79 4.09
CA GLN A 85 -9.04 18.63 4.38
C GLN A 85 -7.95 17.81 5.10
N VAL A 86 -6.86 17.53 4.37
CA VAL A 86 -5.76 16.77 4.94
C VAL A 86 -4.55 17.66 5.20
N ASP A 87 -3.85 17.40 6.29
CA ASP A 87 -2.66 18.18 6.64
C ASP A 87 -1.39 17.41 6.33
N PHE A 88 -0.50 18.03 5.58
CA PHE A 88 0.77 17.41 5.21
C PHE A 88 1.61 17.12 6.43
N SER A 89 1.24 17.72 7.56
CA SER A 89 1.97 17.54 8.80
C SER A 89 1.64 16.20 9.44
N SER A 90 0.83 15.40 8.75
CA SER A 90 0.43 14.09 9.24
C SER A 90 1.27 12.99 8.59
N VAL A 91 1.89 13.32 7.47
CA VAL A 91 2.72 12.35 6.75
C VAL A 91 3.74 11.71 7.69
N GLY A 92 4.24 12.48 8.63
CA GLY A 92 5.22 11.97 9.57
C GLY A 92 4.71 10.76 10.34
N SER A 93 3.51 10.88 10.89
CA SER A 93 2.92 9.77 11.66
C SER A 93 2.53 8.62 10.73
N SER A 94 2.16 8.97 9.51
CA SER A 94 1.74 7.97 8.53
C SER A 94 2.93 7.08 8.13
N ALA A 95 4.06 7.71 7.83
CA ALA A 95 5.26 6.98 7.44
C ALA A 95 5.79 6.15 8.60
N ALA A 96 5.63 6.66 9.81
CA ALA A 96 6.10 5.96 11.01
C ALA A 96 5.20 4.77 11.33
N ALA A 97 3.89 4.98 11.27
CA ALA A 97 2.93 3.92 11.55
C ALA A 97 3.15 2.73 10.62
N VAL A 98 3.27 3.00 9.33
CA VAL A 98 3.48 1.95 8.34
C VAL A 98 4.83 1.27 8.54
N GLY A 99 5.85 2.06 8.84
CA GLY A 99 7.18 1.52 9.05
C GLY A 99 7.23 0.56 10.23
N GLN A 100 6.33 0.76 11.19
CA GLN A 100 6.28 -0.09 12.37
C GLN A 100 5.48 -1.35 12.11
N SER A 101 4.48 -1.23 11.23
CA SER A 101 3.62 -2.36 10.90
C SER A 101 4.42 -3.47 10.21
N MET A 102 5.33 -3.07 9.32
CA MET A 102 6.15 -4.02 8.60
C MET A 102 6.90 -4.94 9.57
N GLN A 103 7.20 -4.42 10.76
CA GLN A 103 7.92 -5.19 11.77
C GLN A 103 7.06 -6.36 12.26
N VAL A 104 5.75 -6.23 12.08
CA VAL A 104 4.83 -7.29 12.51
C VAL A 104 4.67 -8.35 11.43
N VAL A 105 4.96 -7.97 10.18
CA VAL A 105 4.85 -8.89 9.07
C VAL A 105 6.02 -9.86 9.03
N MET A 106 7.19 -9.38 9.45
CA MET A 106 8.39 -10.20 9.47
C MET A 106 9.01 -10.24 10.87
N GLY A 107 8.19 -9.98 11.87
CA GLY A 107 8.66 -9.99 13.24
C GLY A 107 9.90 -9.12 13.42
N VAL B 1 13.30 -10.68 4.09
CA VAL B 1 12.71 -9.40 3.75
C VAL B 1 12.80 -8.43 4.92
N GLY B 2 13.15 -8.95 6.09
CA GLY B 2 13.26 -8.12 7.27
C GLY B 2 14.33 -7.05 7.13
N THR B 3 15.56 -7.49 6.89
CA THR B 3 16.68 -6.57 6.74
C THR B 3 16.41 -5.54 5.65
N THR B 4 15.56 -5.91 4.70
CA THR B 4 15.22 -5.03 3.60
C THR B 4 14.41 -3.83 4.09
N VAL B 5 13.52 -4.08 5.05
CA VAL B 5 12.69 -3.03 5.61
C VAL B 5 13.53 -1.99 6.35
N ALA B 6 14.53 -2.46 7.08
CA ALA B 6 15.42 -1.58 7.83
C ALA B 6 16.29 -0.75 6.89
N SER B 7 16.32 -1.13 5.62
CA SER B 7 17.12 -0.42 4.63
C SER B 7 16.29 0.61 3.89
N THR B 8 15.04 0.25 3.60
CA THR B 8 14.14 1.16 2.89
C THR B 8 13.56 2.20 3.84
N THR B 9 13.40 1.83 5.10
CA THR B 9 12.86 2.73 6.11
C THR B 9 13.87 3.81 6.48
N SER B 10 15.15 3.47 6.39
CA SER B 10 16.22 4.41 6.72
C SER B 10 16.23 5.59 5.75
N ARG B 11 15.87 5.31 4.50
CA ARG B 11 15.83 6.35 3.48
C ARG B 11 14.48 7.07 3.48
N LEU B 12 13.46 6.40 3.98
CA LEU B 12 12.12 6.96 4.03
C LEU B 12 11.98 7.94 5.20
N SER B 13 12.88 7.81 6.18
CA SER B 13 12.86 8.68 7.34
C SER B 13 13.55 10.01 7.04
N THR B 14 13.91 10.21 5.78
CA THR B 14 14.58 11.43 5.36
C THR B 14 13.59 12.42 4.77
N ALA B 15 13.98 13.70 4.71
CA ALA B 15 13.14 14.74 4.16
C ALA B 15 12.70 14.40 2.74
N GLU B 16 13.56 13.69 2.01
CA GLU B 16 13.26 13.31 0.64
C GLU B 16 11.93 12.55 0.56
N ALA B 17 11.78 11.56 1.42
CA ALA B 17 10.56 10.76 1.45
C ALA B 17 9.34 11.64 1.73
N SER B 18 9.53 12.67 2.55
CA SER B 18 8.45 13.57 2.90
C SER B 18 7.90 14.29 1.66
N SER B 19 8.82 14.76 0.81
CA SER B 19 8.42 15.46 -0.41
C SER B 19 7.66 14.54 -1.34
N ARG B 20 8.28 13.41 -1.69
CA ARG B 20 7.65 12.44 -2.58
C ARG B 20 6.24 12.10 -2.11
N ILE B 21 6.11 11.74 -0.84
CA ILE B 21 4.81 11.40 -0.27
C ILE B 21 3.81 12.53 -0.46
N SER B 22 4.27 13.76 -0.29
CA SER B 22 3.41 14.94 -0.44
C SER B 22 2.87 15.02 -1.86
N THR B 23 3.71 14.70 -2.84
CA THR B 23 3.33 14.75 -4.24
C THR B 23 2.39 13.59 -4.59
N ALA B 24 2.58 12.46 -3.92
CA ALA B 24 1.74 11.29 -4.15
C ALA B 24 0.33 11.51 -3.65
N ALA B 25 0.20 12.18 -2.51
CA ALA B 25 -1.10 12.46 -1.93
C ALA B 25 -1.72 13.72 -2.54
N SER B 26 -0.87 14.68 -2.87
CA SER B 26 -1.35 15.94 -3.45
C SER B 26 -1.95 15.70 -4.83
N THR B 27 -1.47 14.67 -5.53
CA THR B 27 -1.96 14.34 -6.85
C THR B 27 -3.04 13.26 -6.78
N LEU B 28 -2.92 12.38 -5.79
CA LEU B 28 -3.89 11.31 -5.60
C LEU B 28 -5.29 11.86 -5.36
N VAL B 29 -5.37 12.94 -4.58
CA VAL B 29 -6.64 13.57 -4.27
C VAL B 29 -6.51 15.09 -4.26
N SER B 30 -5.99 15.63 -5.36
CA SER B 30 -5.82 17.08 -5.48
C SER B 30 -6.99 17.83 -4.85
N GLY B 31 -8.15 17.74 -5.49
CA GLY B 31 -9.33 18.41 -4.99
C GLY B 31 -10.61 17.68 -5.35
N GLY B 32 -10.52 16.36 -5.45
CA GLY B 32 -11.70 15.57 -5.79
C GLY B 32 -11.71 14.23 -5.08
N TYR B 33 -10.76 13.37 -5.43
CA TYR B 33 -10.67 12.04 -4.83
C TYR B 33 -9.57 11.22 -5.48
N LEU B 34 -9.51 9.94 -5.13
CA LEU B 34 -8.50 9.04 -5.69
C LEU B 34 -8.70 8.86 -7.19
N ASN B 35 -7.69 9.23 -7.96
CA ASN B 35 -7.75 9.12 -9.42
C ASN B 35 -6.92 7.93 -9.90
N THR B 36 -7.59 6.91 -10.42
CA THR B 36 -6.91 5.72 -10.91
C THR B 36 -6.00 6.06 -12.09
N ALA B 37 -6.28 7.17 -12.75
CA ALA B 37 -5.48 7.61 -13.89
C ALA B 37 -4.13 8.12 -13.44
N ALA B 38 -3.97 8.30 -12.13
CA ALA B 38 -2.72 8.80 -11.57
C ALA B 38 -2.04 7.73 -10.71
N LEU B 39 -2.83 6.74 -10.28
CA LEU B 39 -2.32 5.67 -9.43
C LEU B 39 -0.99 5.14 -9.98
N PRO B 40 -1.01 4.74 -11.26
CA PRO B 40 0.18 4.21 -11.94
C PRO B 40 1.24 5.27 -12.17
N SER B 41 0.82 6.53 -12.15
CA SER B 41 1.74 7.65 -12.37
C SER B 41 2.54 7.94 -11.10
N VAL B 42 1.85 7.99 -9.98
CA VAL B 42 2.50 8.27 -8.69
C VAL B 42 3.45 7.15 -8.30
N ILE B 43 3.00 5.91 -8.50
CA ILE B 43 3.82 4.75 -8.17
C ILE B 43 5.08 4.70 -9.03
N ALA B 44 4.93 5.05 -10.31
CA ALA B 44 6.06 5.05 -11.23
C ALA B 44 7.06 6.14 -10.87
N ASP B 45 6.57 7.22 -10.28
CA ASP B 45 7.42 8.34 -9.88
C ASP B 45 8.34 7.94 -8.74
N LEU B 46 7.74 7.48 -7.64
CA LEU B 46 8.50 7.07 -6.46
C LEU B 46 9.56 6.04 -6.84
N PHE B 47 9.19 5.10 -7.71
CA PHE B 47 10.10 4.06 -8.16
C PHE B 47 11.27 4.66 -8.94
N ALA B 48 11.01 5.76 -9.63
CA ALA B 48 12.03 6.43 -10.43
C ALA B 48 12.97 7.22 -9.53
N GLN B 49 12.41 8.02 -8.63
CA GLN B 49 13.21 8.84 -7.73
C GLN B 49 14.13 7.96 -6.87
N VAL B 50 13.54 6.96 -6.21
CA VAL B 50 14.31 6.05 -5.37
C VAL B 50 15.22 5.16 -6.21
N GLY B 51 14.74 4.76 -7.37
CA GLY B 51 15.51 3.90 -8.24
C GLY B 51 16.68 4.64 -8.90
N ALA B 52 16.58 5.97 -8.93
CA ALA B 52 17.62 6.80 -9.53
C ALA B 52 18.76 7.02 -8.54
N SER B 53 18.45 6.98 -7.25
CA SER B 53 19.46 7.19 -6.22
C SER B 53 20.18 5.88 -5.89
N SER B 54 19.46 4.77 -6.02
CA SER B 54 20.03 3.46 -5.73
C SER B 54 19.91 2.54 -6.94
N PRO B 55 20.72 2.81 -7.97
CA PRO B 55 20.73 2.01 -9.21
C PRO B 55 21.30 0.62 -8.99
N GLY B 56 22.12 0.47 -7.96
CA GLY B 56 22.71 -0.82 -7.67
C GLY B 56 21.90 -1.63 -6.68
N VAL B 57 20.70 -1.15 -6.37
CA VAL B 57 19.82 -1.84 -5.44
C VAL B 57 19.06 -2.96 -6.12
N SER B 58 18.37 -3.77 -5.31
CA SER B 58 17.60 -4.89 -5.84
C SER B 58 16.17 -4.48 -6.12
N ASP B 59 15.58 -5.06 -7.16
CA ASP B 59 14.20 -4.75 -7.53
C ASP B 59 13.27 -4.92 -6.34
N SER B 60 13.65 -5.78 -5.41
CA SER B 60 12.84 -6.04 -4.22
C SER B 60 12.90 -4.86 -3.26
N GLU B 61 14.11 -4.55 -2.77
CA GLU B 61 14.31 -3.45 -1.86
C GLU B 61 13.66 -2.17 -2.39
N VAL B 62 13.95 -1.85 -3.64
CA VAL B 62 13.39 -0.66 -4.27
C VAL B 62 11.87 -0.69 -4.25
N LEU B 63 11.30 -1.88 -4.40
CA LEU B 63 9.86 -2.05 -4.40
C LEU B 63 9.28 -1.75 -3.02
N ILE B 64 9.92 -2.24 -1.99
CA ILE B 64 9.47 -2.02 -0.62
C ILE B 64 9.43 -0.54 -0.28
N GLN B 65 10.26 0.24 -0.97
CA GLN B 65 10.33 1.68 -0.74
C GLN B 65 9.17 2.39 -1.45
N VAL B 66 8.83 1.90 -2.64
CA VAL B 66 7.75 2.49 -3.42
C VAL B 66 6.41 2.34 -2.70
N LEU B 67 6.22 1.21 -2.03
CA LEU B 67 4.99 0.94 -1.30
C LEU B 67 4.98 1.68 0.04
N LEU B 68 6.17 1.97 0.55
CA LEU B 68 6.31 2.67 1.82
C LEU B 68 5.83 4.12 1.70
N GLU B 69 6.19 4.76 0.60
CA GLU B 69 5.80 6.14 0.36
C GLU B 69 4.33 6.23 -0.03
N ILE B 70 3.87 5.28 -0.84
CA ILE B 70 2.48 5.25 -1.28
C ILE B 70 1.53 5.19 -0.09
N VAL B 71 1.78 4.24 0.81
CA VAL B 71 0.95 4.07 1.99
C VAL B 71 1.00 5.31 2.89
N SER B 72 2.20 5.86 3.06
CA SER B 72 2.40 7.03 3.90
C SER B 72 1.51 8.18 3.43
N SER B 73 1.34 8.28 2.11
CA SER B 73 0.51 9.34 1.53
C SER B 73 -0.97 9.07 1.77
N LEU B 74 -1.46 7.97 1.19
CA LEU B 74 -2.86 7.60 1.33
C LEU B 74 -3.26 7.57 2.80
N ILE B 75 -2.37 7.06 3.65
CA ILE B 75 -2.64 6.97 5.08
C ILE B 75 -2.82 8.36 5.69
N HIS B 76 -1.94 9.29 5.33
CA HIS B 76 -2.01 10.65 5.84
C HIS B 76 -3.36 11.29 5.50
N ILE B 77 -3.95 10.84 4.40
CA ILE B 77 -5.24 11.37 3.96
C ILE B 77 -6.37 10.86 4.85
N LEU B 78 -6.44 9.54 4.99
CA LEU B 78 -7.47 8.92 5.82
C LEU B 78 -7.49 9.53 7.22
N SER B 79 -6.31 9.91 7.71
CA SER B 79 -6.19 10.50 9.04
C SER B 79 -7.23 11.61 9.23
N SER B 80 -7.58 12.28 8.15
CA SER B 80 -8.55 13.37 8.19
C SER B 80 -9.91 12.89 7.71
N SER B 81 -9.92 11.94 6.78
CA SER B 81 -11.16 11.41 6.23
C SER B 81 -12.04 10.85 7.35
N SER B 82 -13.22 10.35 6.96
CA SER B 82 -14.16 9.80 7.93
C SER B 82 -14.73 8.47 7.42
N VAL B 83 -14.30 8.07 6.22
CA VAL B 83 -14.77 6.82 5.64
C VAL B 83 -16.27 6.67 5.78
N GLY B 84 -17.03 7.27 4.87
CA GLY B 84 -18.48 7.19 4.92
C GLY B 84 -18.98 5.78 4.69
N GLN B 85 -19.85 5.62 3.72
CA GLN B 85 -20.42 4.31 3.40
C GLN B 85 -19.81 3.75 2.13
N VAL B 86 -19.01 2.68 2.28
CA VAL B 86 -18.37 2.05 1.13
C VAL B 86 -18.93 0.65 0.90
N ASP B 87 -19.13 0.31 -0.37
CA ASP B 87 -19.66 -1.00 -0.73
C ASP B 87 -18.53 -1.99 -1.01
N PHE B 88 -18.61 -3.15 -0.40
CA PHE B 88 -17.59 -4.19 -0.57
C PHE B 88 -17.55 -4.66 -2.02
N SER B 89 -18.57 -4.30 -2.79
CA SER B 89 -18.66 -4.69 -4.19
C SER B 89 -17.71 -3.86 -5.04
N SER B 90 -16.89 -3.05 -4.39
CA SER B 90 -15.94 -2.19 -5.08
C SER B 90 -14.52 -2.78 -5.02
N VAL B 91 -14.30 -3.65 -4.05
CA VAL B 91 -13.00 -4.28 -3.88
C VAL B 91 -12.50 -4.87 -5.20
N GLY B 92 -13.43 -5.32 -6.03
CA GLY B 92 -13.06 -5.89 -7.31
C GLY B 92 -12.29 -4.93 -8.18
N SER B 93 -12.84 -3.72 -8.36
CA SER B 93 -12.20 -2.71 -9.19
C SER B 93 -10.92 -2.19 -8.52
N SER B 94 -10.91 -2.20 -7.19
CA SER B 94 -9.75 -1.74 -6.43
C SER B 94 -8.56 -2.66 -6.64
N ALA B 95 -8.79 -3.97 -6.52
CA ALA B 95 -7.74 -4.95 -6.69
C ALA B 95 -7.23 -4.97 -8.13
N ALA B 96 -8.13 -4.68 -9.07
CA ALA B 96 -7.78 -4.65 -10.48
C ALA B 96 -6.94 -3.43 -10.82
N ALA B 97 -7.37 -2.26 -10.33
CA ALA B 97 -6.67 -1.02 -10.58
C ALA B 97 -5.22 -1.10 -10.09
N VAL B 98 -5.05 -1.61 -8.87
CA VAL B 98 -3.72 -1.73 -8.28
C VAL B 98 -2.88 -2.75 -9.04
N GLY B 99 -3.51 -3.85 -9.44
CA GLY B 99 -2.80 -4.88 -10.17
C GLY B 99 -2.27 -4.39 -11.51
N GLN B 100 -2.92 -3.37 -12.06
CA GLN B 100 -2.51 -2.81 -13.34
C GLN B 100 -1.40 -1.78 -13.15
N SER B 101 -1.42 -1.09 -12.02
CA SER B 101 -0.43 -0.07 -11.72
C SER B 101 0.96 -0.71 -11.57
N MET B 102 1.01 -1.86 -10.92
CA MET B 102 2.27 -2.57 -10.72
C MET B 102 2.99 -2.79 -12.04
N GLN B 103 2.22 -2.91 -13.11
CA GLN B 103 2.78 -3.13 -14.44
C GLN B 103 3.58 -1.91 -14.90
N VAL B 104 3.26 -0.75 -14.34
CA VAL B 104 3.94 0.49 -14.69
C VAL B 104 5.23 0.65 -13.91
N VAL B 105 5.31 -0.03 -12.76
CA VAL B 105 6.49 0.04 -11.92
C VAL B 105 7.62 -0.81 -12.48
N MET B 106 7.27 -1.94 -13.10
CA MET B 106 8.26 -2.82 -13.69
C MET B 106 7.98 -3.04 -15.18
N GLY B 107 7.31 -2.07 -15.79
CA GLY B 107 6.99 -2.18 -17.21
C GLY B 107 6.28 -3.47 -17.55
N VAL A 1 11.39 -8.46 -10.15
CA VAL A 1 10.17 -8.43 -9.37
C VAL A 1 8.93 -8.51 -10.26
N GLY A 2 9.14 -8.33 -11.57
CA GLY A 2 8.03 -8.39 -12.50
C GLY A 2 7.31 -9.71 -12.48
N THR A 3 8.08 -10.80 -12.56
CA THR A 3 7.49 -12.14 -12.54
C THR A 3 6.74 -12.41 -11.24
N THR A 4 7.18 -11.74 -10.18
CA THR A 4 6.55 -11.91 -8.87
C THR A 4 5.14 -11.31 -8.86
N VAL A 5 4.96 -10.24 -9.61
CA VAL A 5 3.66 -9.57 -9.70
C VAL A 5 2.65 -10.43 -10.45
N ALA A 6 3.13 -11.14 -11.47
CA ALA A 6 2.27 -12.00 -12.28
C ALA A 6 1.94 -13.29 -11.54
N SER A 7 2.60 -13.50 -10.40
CA SER A 7 2.37 -14.70 -9.60
C SER A 7 1.41 -14.42 -8.46
N THR A 8 1.53 -13.25 -7.85
CA THR A 8 0.67 -12.85 -6.75
C THR A 8 -0.69 -12.40 -7.25
N THR A 9 -0.72 -11.79 -8.44
CA THR A 9 -1.96 -11.31 -9.03
C THR A 9 -2.83 -12.47 -9.48
N SER A 10 -2.19 -13.58 -9.86
CA SER A 10 -2.92 -14.76 -10.32
C SER A 10 -3.72 -15.38 -9.18
N ARG A 11 -3.22 -15.24 -7.96
CA ARG A 11 -3.87 -15.79 -6.79
C ARG A 11 -4.78 -14.75 -6.14
N LEU A 12 -4.48 -13.48 -6.39
CA LEU A 12 -5.27 -12.38 -5.83
C LEU A 12 -6.61 -12.25 -6.54
N SER A 13 -6.69 -12.81 -7.74
CA SER A 13 -7.92 -12.76 -8.53
C SER A 13 -8.89 -13.87 -8.10
N THR A 14 -8.52 -14.59 -7.05
CA THR A 14 -9.35 -15.67 -6.55
C THR A 14 -10.26 -15.19 -5.41
N ALA A 15 -11.29 -15.97 -5.12
CA ALA A 15 -12.23 -15.63 -4.06
C ALA A 15 -11.50 -15.43 -2.73
N GLU A 16 -10.39 -16.13 -2.56
CA GLU A 16 -9.61 -16.03 -1.33
C GLU A 16 -9.20 -14.59 -1.05
N ALA A 17 -8.58 -13.96 -2.05
CA ALA A 17 -8.14 -12.58 -1.93
C ALA A 17 -9.32 -11.66 -1.66
N SER A 18 -10.44 -11.93 -2.33
CA SER A 18 -11.63 -11.11 -2.17
C SER A 18 -12.06 -11.04 -0.70
N SER A 19 -12.18 -12.22 -0.08
CA SER A 19 -12.58 -12.29 1.32
C SER A 19 -11.61 -11.53 2.21
N ARG A 20 -10.32 -11.81 2.06
CA ARG A 20 -9.29 -11.15 2.85
C ARG A 20 -9.48 -9.64 2.83
N ILE A 21 -9.61 -9.08 1.63
CA ILE A 21 -9.80 -7.64 1.47
C ILE A 21 -11.00 -7.15 2.26
N SER A 22 -12.07 -7.94 2.25
CA SER A 22 -13.29 -7.59 2.96
C SER A 22 -13.01 -7.35 4.44
N THR A 23 -12.26 -8.26 5.05
CA THR A 23 -11.91 -8.14 6.46
C THR A 23 -10.87 -7.04 6.68
N ALA A 24 -10.02 -6.84 5.70
CA ALA A 24 -8.97 -5.82 5.79
C ALA A 24 -9.58 -4.42 5.79
N ALA A 25 -10.62 -4.23 4.98
CA ALA A 25 -11.28 -2.93 4.90
C ALA A 25 -12.37 -2.80 5.97
N SER A 26 -13.17 -3.86 6.12
CA SER A 26 -14.24 -3.86 7.10
C SER A 26 -13.69 -3.61 8.51
N THR A 27 -12.45 -4.04 8.73
CA THR A 27 -11.82 -3.87 10.04
C THR A 27 -11.03 -2.57 10.10
N LEU A 28 -10.41 -2.20 8.97
CA LEU A 28 -9.63 -0.98 8.90
C LEU A 28 -10.49 0.24 9.24
N VAL A 29 -11.78 0.15 8.93
CA VAL A 29 -12.70 1.25 9.20
C VAL A 29 -13.82 0.80 10.14
N SER A 30 -13.57 -0.28 10.87
CA SER A 30 -14.55 -0.82 11.80
C SER A 30 -15.05 0.28 12.74
N GLY A 31 -14.15 0.78 13.58
CA GLY A 31 -14.51 1.83 14.52
C GLY A 31 -15.16 3.03 13.83
N GLY A 32 -14.85 3.20 12.55
CA GLY A 32 -15.41 4.31 11.80
C GLY A 32 -14.37 5.00 10.93
N TYR A 33 -13.10 4.70 11.17
CA TYR A 33 -12.00 5.29 10.42
C TYR A 33 -10.75 4.43 10.49
N LEU A 34 -9.66 4.93 9.92
CA LEU A 34 -8.40 4.21 9.93
C LEU A 34 -7.85 4.08 11.35
N ASN A 35 -7.67 2.85 11.81
CA ASN A 35 -7.14 2.59 13.14
C ASN A 35 -5.73 2.02 13.08
N THR A 36 -4.76 2.80 13.51
CA THR A 36 -3.36 2.38 13.50
C THR A 36 -3.16 1.16 14.40
N ALA A 37 -4.05 1.00 15.38
CA ALA A 37 -3.97 -0.12 16.31
C ALA A 37 -4.28 -1.44 15.61
N ALA A 38 -4.78 -1.34 14.37
CA ALA A 38 -5.12 -2.53 13.60
C ALA A 38 -4.26 -2.64 12.35
N LEU A 39 -3.64 -1.52 11.97
CA LEU A 39 -2.79 -1.50 10.79
C LEU A 39 -1.85 -2.70 10.76
N PRO A 40 -1.09 -2.87 11.84
CA PRO A 40 -0.14 -3.98 11.97
C PRO A 40 -0.83 -5.33 12.13
N SER A 41 -2.10 -5.28 12.55
CA SER A 41 -2.87 -6.50 12.74
C SER A 41 -3.38 -7.04 11.41
N VAL A 42 -3.91 -6.15 10.57
CA VAL A 42 -4.43 -6.53 9.27
C VAL A 42 -3.31 -7.05 8.36
N ILE A 43 -2.17 -6.35 8.39
CA ILE A 43 -1.04 -6.74 7.57
C ILE A 43 -0.52 -8.12 7.96
N ALA A 44 -0.48 -8.39 9.27
CA ALA A 44 -0.01 -9.67 9.77
C ALA A 44 -0.98 -10.78 9.43
N ASP A 45 -2.26 -10.42 9.30
CA ASP A 45 -3.29 -11.40 8.97
C ASP A 45 -3.14 -11.89 7.53
N LEU A 46 -3.15 -10.97 6.58
CA LEU A 46 -3.01 -11.32 5.17
C LEU A 46 -1.73 -12.12 4.94
N PHE A 47 -0.68 -11.79 5.67
CA PHE A 47 0.60 -12.49 5.54
C PHE A 47 0.48 -13.93 6.03
N ALA A 48 -0.43 -14.16 6.96
CA ALA A 48 -0.64 -15.49 7.52
C ALA A 48 -1.44 -16.36 6.55
N GLN A 49 -2.53 -15.82 6.04
CA GLN A 49 -3.39 -16.55 5.11
C GLN A 49 -2.60 -16.96 3.86
N VAL A 50 -1.96 -15.98 3.23
CA VAL A 50 -1.17 -16.23 2.03
C VAL A 50 0.08 -17.05 2.35
N GLY A 51 0.67 -16.77 3.51
CA GLY A 51 1.87 -17.48 3.92
C GLY A 51 1.57 -18.90 4.36
N ALA A 52 0.30 -19.19 4.62
CA ALA A 52 -0.11 -20.53 5.05
C ALA A 52 -0.51 -21.39 3.86
N SER A 53 -0.95 -20.74 2.78
CA SER A 53 -1.36 -21.46 1.58
C SER A 53 -0.18 -21.70 0.65
N SER A 54 0.83 -20.83 0.75
CA SER A 54 2.02 -20.94 -0.08
C SER A 54 3.28 -20.92 0.77
N PRO A 55 3.54 -22.04 1.48
CA PRO A 55 4.71 -22.16 2.34
C PRO A 55 6.01 -22.26 1.55
N GLY A 56 5.89 -22.64 0.28
CA GLY A 56 7.07 -22.77 -0.58
C GLY A 56 7.39 -21.47 -1.30
N VAL A 57 6.62 -20.43 -1.02
CA VAL A 57 6.82 -19.13 -1.66
C VAL A 57 7.99 -18.39 -1.02
N SER A 58 8.43 -17.31 -1.67
CA SER A 58 9.54 -16.51 -1.16
C SER A 58 9.03 -15.32 -0.36
N ASP A 59 9.83 -14.89 0.60
CA ASP A 59 9.47 -13.75 1.45
C ASP A 59 9.06 -12.55 0.61
N SER A 60 9.63 -12.46 -0.60
CA SER A 60 9.33 -11.36 -1.49
C SER A 60 7.92 -11.50 -2.08
N GLU A 61 7.69 -12.59 -2.79
CA GLU A 61 6.39 -12.84 -3.40
C GLU A 61 5.27 -12.69 -2.38
N VAL A 62 5.44 -13.32 -1.22
CA VAL A 62 4.44 -13.26 -0.16
C VAL A 62 4.20 -11.82 0.28
N LEU A 63 5.27 -11.03 0.29
CA LEU A 63 5.17 -9.62 0.69
C LEU A 63 4.32 -8.83 -0.30
N ILE A 64 4.53 -9.09 -1.59
CA ILE A 64 3.77 -8.40 -2.63
C ILE A 64 2.27 -8.68 -2.49
N GLN A 65 1.94 -9.81 -1.88
CA GLN A 65 0.54 -10.19 -1.70
C GLN A 65 -0.09 -9.40 -0.56
N VAL A 66 0.67 -9.18 0.50
CA VAL A 66 0.18 -8.42 1.65
C VAL A 66 -0.13 -6.98 1.27
N LEU A 67 0.72 -6.41 0.41
CA LEU A 67 0.54 -5.03 -0.03
C LEU A 67 -0.55 -4.94 -1.10
N LEU A 68 -0.80 -6.05 -1.77
CA LEU A 68 -1.82 -6.10 -2.81
C LEU A 68 -3.22 -6.09 -2.21
N GLU A 69 -3.41 -6.84 -1.13
CA GLU A 69 -4.70 -6.90 -0.47
C GLU A 69 -4.97 -5.62 0.32
N ILE A 70 -3.93 -5.07 0.93
CA ILE A 70 -4.05 -3.85 1.71
C ILE A 70 -4.51 -2.69 0.84
N VAL A 71 -3.80 -2.48 -0.27
CA VAL A 71 -4.14 -1.40 -1.20
C VAL A 71 -5.55 -1.57 -1.75
N SER A 72 -5.89 -2.80 -2.12
CA SER A 72 -7.21 -3.09 -2.67
C SER A 72 -8.31 -2.70 -1.68
N SER A 73 -8.03 -2.88 -0.40
CA SER A 73 -8.99 -2.55 0.65
C SER A 73 -9.16 -1.04 0.78
N LEU A 74 -8.08 -0.36 1.15
CA LEU A 74 -8.10 1.09 1.32
C LEU A 74 -8.60 1.77 0.04
N ILE A 75 -8.07 1.34 -1.09
CA ILE A 75 -8.46 1.91 -2.38
C ILE A 75 -9.98 1.87 -2.56
N HIS A 76 -10.57 0.73 -2.24
CA HIS A 76 -12.01 0.54 -2.36
C HIS A 76 -12.76 1.48 -1.40
N ILE A 77 -12.09 1.85 -0.32
CA ILE A 77 -12.69 2.74 0.67
C ILE A 77 -12.69 4.19 0.19
N LEU A 78 -11.56 4.61 -0.37
CA LEU A 78 -11.43 5.97 -0.89
C LEU A 78 -12.41 6.23 -2.02
N SER A 79 -12.67 5.20 -2.82
CA SER A 79 -13.59 5.32 -3.94
C SER A 79 -14.92 5.91 -3.50
N SER A 80 -15.25 5.72 -2.23
CA SER A 80 -16.49 6.24 -1.67
C SER A 80 -16.23 7.46 -0.79
N SER A 81 -15.03 7.54 -0.25
CA SER A 81 -14.65 8.66 0.61
C SER A 81 -14.60 9.96 -0.17
N SER A 82 -14.22 11.05 0.51
CA SER A 82 -14.14 12.35 -0.11
C SER A 82 -12.85 13.07 0.29
N VAL A 83 -11.99 12.35 1.02
CA VAL A 83 -10.73 12.92 1.48
C VAL A 83 -10.96 14.04 2.49
N GLY A 84 -11.37 15.20 2.00
CA GLY A 84 -11.62 16.33 2.88
C GLY A 84 -10.40 17.23 3.03
N GLN A 85 -10.15 17.66 4.26
CA GLN A 85 -9.01 18.53 4.53
C GLN A 85 -7.91 17.76 5.25
N VAL A 86 -6.72 17.75 4.64
CA VAL A 86 -5.58 17.05 5.22
C VAL A 86 -4.35 17.97 5.30
N ASP A 87 -3.61 17.84 6.40
CA ASP A 87 -2.42 18.66 6.60
C ASP A 87 -1.15 17.85 6.33
N PHE A 88 -0.31 18.37 5.45
CA PHE A 88 0.94 17.69 5.10
C PHE A 88 1.83 17.53 6.33
N SER A 89 1.49 18.25 7.39
CA SER A 89 2.27 18.19 8.63
C SER A 89 1.91 16.93 9.44
N SER A 90 1.28 15.97 8.77
CA SER A 90 0.89 14.73 9.43
C SER A 90 1.55 13.52 8.77
N VAL A 91 2.11 13.75 7.58
CA VAL A 91 2.78 12.69 6.84
C VAL A 91 3.80 11.97 7.72
N GLY A 92 4.45 12.72 8.59
CA GLY A 92 5.44 12.14 9.48
C GLY A 92 4.90 10.97 10.28
N SER A 93 3.75 11.18 10.93
CA SER A 93 3.13 10.13 11.73
C SER A 93 2.62 9.00 10.85
N SER A 94 2.22 9.33 9.63
CA SER A 94 1.72 8.34 8.69
C SER A 94 2.82 7.37 8.28
N ALA A 95 3.97 7.92 7.90
CA ALA A 95 5.11 7.11 7.48
C ALA A 95 5.66 6.31 8.66
N ALA A 96 5.50 6.84 9.87
CA ALA A 96 6.00 6.18 11.07
C ALA A 96 5.14 4.97 11.41
N ALA A 97 3.82 5.15 11.37
CA ALA A 97 2.89 4.07 11.68
C ALA A 97 3.08 2.90 10.71
N VAL A 98 3.21 3.21 9.43
CA VAL A 98 3.40 2.19 8.40
C VAL A 98 4.73 1.48 8.57
N GLY A 99 5.76 2.24 8.96
CA GLY A 99 7.08 1.67 9.14
C GLY A 99 7.14 0.72 10.31
N GLN A 100 6.30 0.95 11.31
CA GLN A 100 6.25 0.10 12.50
C GLN A 100 5.46 -1.17 12.23
N SER A 101 4.49 -1.07 11.33
CA SER A 101 3.65 -2.21 10.99
C SER A 101 4.47 -3.31 10.30
N MET A 102 5.33 -2.91 9.38
CA MET A 102 6.17 -3.85 8.64
C MET A 102 6.95 -4.74 9.61
N GLN A 103 7.23 -4.21 10.79
CA GLN A 103 7.97 -4.96 11.80
C GLN A 103 7.17 -6.18 12.28
N VAL A 104 5.86 -6.10 12.12
CA VAL A 104 4.98 -7.19 12.53
C VAL A 104 4.90 -8.27 11.45
N VAL A 105 5.21 -7.88 10.21
CA VAL A 105 5.18 -8.81 9.09
C VAL A 105 6.45 -9.64 9.03
N MET A 106 7.55 -9.07 9.53
CA MET A 106 8.83 -9.76 9.53
C MET A 106 9.15 -10.31 10.92
N GLY A 107 8.13 -10.35 11.79
CA GLY A 107 8.33 -10.85 13.13
C GLY A 107 7.38 -10.21 14.13
N VAL B 1 13.42 -10.65 3.78
CA VAL B 1 12.84 -9.36 3.42
C VAL B 1 12.90 -8.38 4.59
N GLY B 2 13.15 -8.91 5.78
CA GLY B 2 13.23 -8.07 6.96
C GLY B 2 14.32 -7.02 6.85
N THR B 3 15.52 -7.45 6.54
CA THR B 3 16.66 -6.55 6.41
C THR B 3 16.38 -5.47 5.36
N THR B 4 15.55 -5.81 4.37
CA THR B 4 15.20 -4.88 3.32
C THR B 4 14.33 -3.74 3.84
N VAL B 5 13.49 -4.05 4.83
CA VAL B 5 12.61 -3.05 5.42
C VAL B 5 13.41 -2.03 6.23
N ALA B 6 14.47 -2.50 6.88
CA ALA B 6 15.32 -1.63 7.69
C ALA B 6 16.20 -0.75 6.81
N SER B 7 16.23 -1.06 5.52
CA SER B 7 17.04 -0.29 4.57
C SER B 7 16.21 0.79 3.90
N THR B 8 14.96 0.46 3.57
CA THR B 8 14.06 1.41 2.92
C THR B 8 13.49 2.39 3.93
N THR B 9 13.37 1.96 5.18
CA THR B 9 12.84 2.81 6.23
C THR B 9 13.84 3.89 6.63
N SER B 10 15.12 3.57 6.54
CA SER B 10 16.17 4.51 6.88
C SER B 10 16.17 5.71 5.93
N ARG B 11 15.84 5.45 4.67
CA ARG B 11 15.80 6.49 3.66
C ARG B 11 14.44 7.19 3.65
N LEU B 12 13.43 6.50 4.16
CA LEU B 12 12.07 7.05 4.20
C LEU B 12 11.95 8.09 5.31
N SER B 13 12.86 8.02 6.29
CA SER B 13 12.85 8.94 7.40
C SER B 13 13.53 10.26 7.03
N THR B 14 13.86 10.40 5.75
CA THR B 14 14.52 11.61 5.26
C THR B 14 13.52 12.58 4.66
N ALA B 15 13.95 13.81 4.42
CA ALA B 15 13.08 14.83 3.83
C ALA B 15 12.60 14.40 2.45
N GLU B 16 13.44 13.65 1.74
CA GLU B 16 13.11 13.19 0.40
C GLU B 16 11.77 12.45 0.41
N ALA B 17 11.64 11.49 1.33
CA ALA B 17 10.42 10.71 1.44
C ALA B 17 9.21 11.59 1.70
N SER B 18 9.44 12.68 2.45
CA SER B 18 8.36 13.61 2.79
C SER B 18 7.80 14.26 1.53
N SER B 19 8.70 14.76 0.67
CA SER B 19 8.29 15.42 -0.55
C SER B 19 7.48 14.48 -1.43
N ARG B 20 8.06 13.33 -1.75
CA ARG B 20 7.39 12.34 -2.59
C ARG B 20 5.98 12.06 -2.08
N ILE B 21 5.87 11.74 -0.79
CA ILE B 21 4.58 11.46 -0.18
C ILE B 21 3.61 12.61 -0.39
N SER B 22 4.11 13.83 -0.28
CA SER B 22 3.29 15.03 -0.46
C SER B 22 2.72 15.09 -1.88
N THR B 23 3.57 14.77 -2.86
CA THR B 23 3.15 14.79 -4.25
C THR B 23 2.24 13.61 -4.58
N ALA B 24 2.47 12.50 -3.89
CA ALA B 24 1.66 11.29 -4.11
C ALA B 24 0.25 11.49 -3.59
N ALA B 25 0.12 12.14 -2.44
CA ALA B 25 -1.18 12.40 -1.84
C ALA B 25 -1.85 13.63 -2.46
N SER B 26 -1.04 14.63 -2.79
CA SER B 26 -1.54 15.86 -3.39
C SER B 26 -2.18 15.58 -4.75
N THR B 27 -1.61 14.62 -5.48
CA THR B 27 -2.12 14.26 -6.79
C THR B 27 -3.18 13.17 -6.70
N LEU B 28 -3.05 12.33 -5.69
CA LEU B 28 -3.99 11.23 -5.48
C LEU B 28 -5.40 11.77 -5.23
N VAL B 29 -5.47 12.89 -4.52
CA VAL B 29 -6.76 13.52 -4.22
C VAL B 29 -6.86 14.90 -4.85
N SER B 30 -6.05 15.13 -5.87
CA SER B 30 -6.05 16.42 -6.57
C SER B 30 -7.46 16.81 -6.99
N GLY B 31 -8.03 16.04 -7.91
CA GLY B 31 -9.36 16.32 -8.39
C GLY B 31 -10.38 16.40 -7.27
N GLY B 32 -10.07 15.75 -6.15
CA GLY B 32 -10.97 15.76 -5.01
C GLY B 32 -11.14 14.39 -4.41
N TYR B 33 -10.68 13.36 -5.11
CA TYR B 33 -10.79 11.99 -4.63
C TYR B 33 -9.75 11.10 -5.31
N LEU B 34 -9.82 9.80 -5.01
CA LEU B 34 -8.88 8.84 -5.58
C LEU B 34 -9.07 8.72 -7.09
N ASN B 35 -8.01 9.01 -7.84
CA ASN B 35 -8.07 8.93 -9.29
C ASN B 35 -7.21 7.78 -9.81
N THR B 36 -7.87 6.74 -10.32
CA THR B 36 -7.17 5.58 -10.84
C THR B 36 -6.28 5.95 -12.03
N ALA B 37 -6.62 7.07 -12.67
CA ALA B 37 -5.85 7.54 -13.82
C ALA B 37 -4.48 8.05 -13.39
N ALA B 38 -4.29 8.20 -12.08
CA ALA B 38 -3.03 8.68 -11.54
C ALA B 38 -2.35 7.61 -10.68
N LEU B 39 -3.14 6.64 -10.24
CA LEU B 39 -2.62 5.55 -9.42
C LEU B 39 -1.30 5.02 -9.98
N PRO B 40 -1.33 4.62 -11.26
CA PRO B 40 -0.14 4.07 -11.94
C PRO B 40 0.91 5.14 -12.20
N SER B 41 0.48 6.40 -12.19
CA SER B 41 1.39 7.53 -12.43
C SER B 41 2.21 7.82 -11.18
N VAL B 42 1.55 7.84 -10.03
CA VAL B 42 2.22 8.13 -8.76
C VAL B 42 3.20 7.01 -8.40
N ILE B 43 2.77 5.76 -8.60
CA ILE B 43 3.61 4.62 -8.30
C ILE B 43 4.88 4.62 -9.16
N ALA B 44 4.73 4.96 -10.43
CA ALA B 44 5.85 5.01 -11.35
C ALA B 44 6.79 6.17 -11.01
N ASP B 45 6.23 7.22 -10.42
CA ASP B 45 7.01 8.40 -10.05
C ASP B 45 7.94 8.08 -8.89
N LEU B 46 7.37 7.61 -7.79
CA LEU B 46 8.15 7.27 -6.60
C LEU B 46 9.29 6.32 -6.97
N PHE B 47 8.99 5.31 -7.76
CA PHE B 47 9.99 4.33 -8.17
C PHE B 47 11.10 4.99 -8.97
N ALA B 48 10.75 6.07 -9.68
CA ALA B 48 11.72 6.80 -10.48
C ALA B 48 12.69 7.58 -9.60
N GLN B 49 12.14 8.28 -8.61
CA GLN B 49 12.97 9.07 -7.70
C GLN B 49 13.91 8.18 -6.91
N VAL B 50 13.34 7.15 -6.27
CA VAL B 50 14.13 6.23 -5.47
C VAL B 50 15.05 5.39 -6.35
N GLY B 51 14.55 5.01 -7.52
CA GLY B 51 15.34 4.20 -8.44
C GLY B 51 16.44 5.00 -9.10
N ALA B 52 16.32 6.32 -9.06
CA ALA B 52 17.31 7.20 -9.67
C ALA B 52 18.39 7.59 -8.66
N SER B 53 18.04 7.57 -7.38
CA SER B 53 18.98 7.93 -6.31
C SER B 53 19.74 6.69 -5.84
N SER B 54 19.15 5.51 -6.05
CA SER B 54 19.76 4.26 -5.63
C SER B 54 19.76 3.26 -6.78
N PRO B 55 20.64 3.48 -7.77
CA PRO B 55 20.76 2.60 -8.94
C PRO B 55 21.36 1.24 -8.58
N GLY B 56 22.11 1.20 -7.48
CA GLY B 56 22.72 -0.04 -7.05
C GLY B 56 21.78 -0.90 -6.22
N VAL B 57 20.59 -0.38 -5.96
CA VAL B 57 19.60 -1.11 -5.17
C VAL B 57 18.98 -2.25 -5.97
N SER B 58 18.24 -3.11 -5.29
CA SER B 58 17.60 -4.25 -5.93
C SER B 58 16.13 -3.95 -6.22
N ASP B 59 15.58 -4.61 -7.24
CA ASP B 59 14.19 -4.42 -7.62
C ASP B 59 13.27 -4.60 -6.41
N SER B 60 13.72 -5.40 -5.45
CA SER B 60 12.94 -5.67 -4.25
C SER B 60 12.93 -4.45 -3.33
N GLU B 61 14.11 -4.05 -2.88
CA GLU B 61 14.24 -2.91 -1.98
C GLU B 61 13.51 -1.69 -2.55
N VAL B 62 13.77 -1.39 -3.83
CA VAL B 62 13.14 -0.26 -4.49
C VAL B 62 11.62 -0.38 -4.46
N LEU B 63 11.13 -1.62 -4.58
CA LEU B 63 9.70 -1.87 -4.56
C LEU B 63 9.10 -1.57 -3.19
N ILE B 64 9.80 -1.96 -2.13
CA ILE B 64 9.35 -1.72 -0.78
C ILE B 64 9.23 -0.23 -0.49
N GLN B 65 10.02 0.56 -1.19
CA GLN B 65 10.00 2.01 -1.01
C GLN B 65 8.77 2.63 -1.67
N VAL B 66 8.43 2.12 -2.85
CA VAL B 66 7.27 2.62 -3.59
C VAL B 66 5.98 2.39 -2.80
N LEU B 67 5.89 1.23 -2.15
CA LEU B 67 4.71 0.89 -1.38
C LEU B 67 4.71 1.62 -0.04
N LEU B 68 5.90 2.03 0.41
CA LEU B 68 6.03 2.73 1.67
C LEU B 68 5.55 4.17 1.55
N GLU B 69 5.89 4.82 0.44
CA GLU B 69 5.48 6.19 0.19
C GLU B 69 4.01 6.27 -0.16
N ILE B 70 3.52 5.26 -0.87
CA ILE B 70 2.12 5.22 -1.28
C ILE B 70 1.20 5.08 -0.06
N VAL B 71 1.49 4.09 0.78
CA VAL B 71 0.70 3.86 1.98
C VAL B 71 0.71 5.06 2.90
N SER B 72 1.89 5.68 3.04
CA SER B 72 2.04 6.85 3.90
C SER B 72 1.14 7.99 3.43
N SER B 73 1.00 8.12 2.11
CA SER B 73 0.16 9.17 1.53
C SER B 73 -1.32 8.91 1.81
N LEU B 74 -1.81 7.77 1.33
CA LEU B 74 -3.21 7.41 1.53
C LEU B 74 -3.55 7.36 3.02
N ILE B 75 -2.69 6.72 3.80
CA ILE B 75 -2.90 6.60 5.24
C ILE B 75 -3.19 7.96 5.86
N HIS B 76 -2.41 8.96 5.48
CA HIS B 76 -2.59 10.32 6.00
C HIS B 76 -3.96 10.87 5.61
N ILE B 77 -4.39 10.56 4.39
CA ILE B 77 -5.68 11.02 3.89
C ILE B 77 -6.83 10.46 4.72
N LEU B 78 -6.75 9.17 5.01
CA LEU B 78 -7.78 8.50 5.80
C LEU B 78 -7.85 9.09 7.22
N SER B 79 -6.69 9.47 7.74
CA SER B 79 -6.61 10.03 9.09
C SER B 79 -7.58 11.21 9.23
N SER B 80 -7.92 11.83 8.11
CA SER B 80 -8.83 12.97 8.11
C SER B 80 -10.20 12.58 7.55
N SER B 81 -10.20 11.67 6.59
CA SER B 81 -11.44 11.21 5.97
C SER B 81 -12.36 10.58 7.02
N SER B 82 -13.47 10.02 6.55
CA SER B 82 -14.44 9.39 7.44
C SER B 82 -14.87 8.03 6.89
N VAL B 83 -14.29 7.63 5.77
CA VAL B 83 -14.62 6.36 5.14
C VAL B 83 -15.99 6.40 4.48
N GLY B 84 -17.00 6.83 5.24
CA GLY B 84 -18.34 6.91 4.71
C GLY B 84 -18.95 5.55 4.48
N GLN B 85 -19.79 5.45 3.44
CA GLN B 85 -20.45 4.18 3.12
C GLN B 85 -19.81 3.55 1.88
N VAL B 86 -19.24 2.37 2.06
CA VAL B 86 -18.60 1.66 0.96
C VAL B 86 -19.16 0.24 0.82
N ASP B 87 -19.38 -0.18 -0.42
CA ASP B 87 -19.91 -1.52 -0.69
C ASP B 87 -18.79 -2.50 -1.00
N PHE B 88 -18.82 -3.66 -0.38
CA PHE B 88 -17.81 -4.69 -0.59
C PHE B 88 -17.87 -5.22 -2.01
N SER B 89 -18.94 -4.88 -2.73
CA SER B 89 -19.12 -5.33 -4.10
C SER B 89 -18.28 -4.49 -5.05
N SER B 90 -17.31 -3.77 -4.51
CA SER B 90 -16.43 -2.92 -5.31
C SER B 90 -14.98 -3.37 -5.21
N VAL B 91 -14.68 -4.18 -4.19
CA VAL B 91 -13.34 -4.68 -3.97
C VAL B 91 -12.75 -5.26 -5.26
N GLY B 92 -13.62 -5.85 -6.09
CA GLY B 92 -13.17 -6.43 -7.33
C GLY B 92 -12.48 -5.43 -8.24
N SER B 93 -13.12 -4.29 -8.44
CA SER B 93 -12.56 -3.23 -9.28
C SER B 93 -11.33 -2.61 -8.64
N SER B 94 -11.31 -2.58 -7.31
CA SER B 94 -10.20 -2.01 -6.57
C SER B 94 -8.93 -2.84 -6.76
N ALA B 95 -9.06 -4.16 -6.58
CA ALA B 95 -7.94 -5.07 -6.74
C ALA B 95 -7.46 -5.10 -8.18
N ALA B 96 -8.38 -4.86 -9.11
CA ALA B 96 -8.05 -4.86 -10.54
C ALA B 96 -7.22 -3.64 -10.91
N ALA B 97 -7.66 -2.47 -10.45
CA ALA B 97 -6.95 -1.22 -10.74
C ALA B 97 -5.53 -1.27 -10.22
N VAL B 98 -5.37 -1.73 -8.98
CA VAL B 98 -4.05 -1.82 -8.36
C VAL B 98 -3.16 -2.82 -9.10
N GLY B 99 -3.77 -3.92 -9.55
CA GLY B 99 -3.02 -4.95 -10.26
C GLY B 99 -2.48 -4.44 -11.58
N GLN B 100 -3.18 -3.48 -12.18
CA GLN B 100 -2.76 -2.92 -13.46
C GLN B 100 -1.64 -1.90 -13.26
N SER B 101 -1.70 -1.19 -12.15
CA SER B 101 -0.70 -0.17 -11.84
C SER B 101 0.68 -0.79 -11.71
N MET B 102 0.75 -1.94 -11.04
CA MET B 102 2.01 -2.64 -10.83
C MET B 102 2.72 -2.89 -12.16
N GLN B 103 1.93 -2.98 -13.23
CA GLN B 103 2.48 -3.22 -14.56
C GLN B 103 3.30 -2.02 -15.03
N VAL B 104 2.99 -0.86 -14.49
CA VAL B 104 3.69 0.38 -14.85
C VAL B 104 5.01 0.50 -14.08
N VAL B 105 5.11 -0.20 -12.96
CA VAL B 105 6.32 -0.17 -12.14
C VAL B 105 7.38 -1.10 -12.71
N MET B 106 6.94 -2.18 -13.33
CA MET B 106 7.86 -3.15 -13.92
C MET B 106 8.00 -2.93 -15.43
N GLY B 107 7.52 -1.78 -15.89
CA GLY B 107 7.59 -1.46 -17.31
C GLY B 107 6.47 -0.54 -17.76
N VAL A 1 11.53 -8.46 -10.26
CA VAL A 1 10.32 -8.47 -9.44
C VAL A 1 9.07 -8.55 -10.29
N GLY A 2 9.23 -8.30 -11.59
CA GLY A 2 8.10 -8.35 -12.50
C GLY A 2 7.40 -9.69 -12.48
N THR A 3 8.17 -10.76 -12.61
CA THR A 3 7.61 -12.11 -12.62
C THR A 3 6.87 -12.40 -11.32
N THR A 4 7.32 -11.79 -10.23
CA THR A 4 6.70 -11.97 -8.93
C THR A 4 5.30 -11.38 -8.90
N VAL A 5 5.12 -10.25 -9.57
CA VAL A 5 3.82 -9.58 -9.63
C VAL A 5 2.81 -10.40 -10.41
N ALA A 6 3.27 -11.09 -11.45
CA ALA A 6 2.41 -11.92 -12.27
C ALA A 6 2.04 -13.21 -11.55
N SER A 7 2.70 -13.47 -10.43
CA SER A 7 2.44 -14.68 -9.65
C SER A 7 1.44 -14.39 -8.54
N THR A 8 1.58 -13.23 -7.90
CA THR A 8 0.69 -12.84 -6.81
C THR A 8 -0.64 -12.36 -7.35
N THR A 9 -0.62 -11.79 -8.55
CA THR A 9 -1.84 -11.28 -9.17
C THR A 9 -2.77 -12.40 -9.58
N SER A 10 -2.18 -13.55 -9.96
CA SER A 10 -2.97 -14.70 -10.37
C SER A 10 -3.72 -15.30 -9.19
N ARG A 11 -3.13 -15.20 -8.01
CA ARG A 11 -3.75 -15.73 -6.81
C ARG A 11 -4.67 -14.69 -6.16
N LEU A 12 -4.41 -13.42 -6.46
CA LEU A 12 -5.21 -12.33 -5.91
C LEU A 12 -6.57 -12.26 -6.59
N SER A 13 -6.66 -12.84 -7.78
CA SER A 13 -7.91 -12.84 -8.54
C SER A 13 -8.82 -13.98 -8.08
N THR A 14 -8.39 -14.69 -7.04
CA THR A 14 -9.16 -15.80 -6.51
C THR A 14 -10.02 -15.36 -5.33
N ALA A 15 -11.00 -16.19 -4.98
CA ALA A 15 -11.90 -15.89 -3.86
C ALA A 15 -11.10 -15.64 -2.59
N GLU A 16 -9.91 -16.23 -2.51
CA GLU A 16 -9.06 -16.08 -1.34
C GLU A 16 -8.77 -14.61 -1.06
N ALA A 17 -8.26 -13.92 -2.07
CA ALA A 17 -7.95 -12.50 -1.94
C ALA A 17 -9.19 -11.67 -1.67
N SER A 18 -10.29 -12.05 -2.32
CA SER A 18 -11.55 -11.33 -2.16
C SER A 18 -11.94 -11.26 -0.69
N SER A 19 -11.93 -12.41 -0.02
CA SER A 19 -12.28 -12.47 1.39
C SER A 19 -11.34 -11.62 2.23
N ARG A 20 -10.03 -11.83 2.04
CA ARG A 20 -9.03 -11.08 2.79
C ARG A 20 -9.29 -9.58 2.69
N ILE A 21 -9.49 -9.08 1.48
CA ILE A 21 -9.75 -7.67 1.26
C ILE A 21 -10.95 -7.20 2.05
N SER A 22 -11.99 -8.04 2.09
CA SER A 22 -13.21 -7.71 2.82
C SER A 22 -12.92 -7.44 4.29
N THR A 23 -12.14 -8.33 4.91
CA THR A 23 -11.78 -8.19 6.32
C THR A 23 -10.77 -7.06 6.51
N ALA A 24 -9.93 -6.83 5.50
CA ALA A 24 -8.93 -5.78 5.56
C ALA A 24 -9.57 -4.40 5.64
N ALA A 25 -10.61 -4.19 4.84
CA ALA A 25 -11.33 -2.93 4.82
C ALA A 25 -12.42 -2.89 5.89
N SER A 26 -13.08 -4.02 6.10
CA SER A 26 -14.14 -4.12 7.09
C SER A 26 -13.63 -3.77 8.48
N THR A 27 -12.34 -4.05 8.71
CA THR A 27 -11.72 -3.76 10.00
C THR A 27 -10.96 -2.45 9.97
N LEU A 28 -10.41 -2.11 8.81
CA LEU A 28 -9.65 -0.87 8.64
C LEU A 28 -10.52 0.34 8.96
N VAL A 29 -11.82 0.22 8.67
CA VAL A 29 -12.76 1.31 8.93
C VAL A 29 -13.90 0.85 9.83
N SER A 30 -13.67 -0.24 10.55
CA SER A 30 -14.69 -0.79 11.45
C SER A 30 -15.18 0.28 12.43
N GLY A 31 -14.26 0.81 13.22
CA GLY A 31 -14.61 1.83 14.19
C GLY A 31 -15.22 3.06 13.54
N GLY A 32 -14.98 3.21 12.24
CA GLY A 32 -15.51 4.36 11.52
C GLY A 32 -14.43 5.08 10.73
N TYR A 33 -13.18 4.73 10.97
CA TYR A 33 -12.06 5.36 10.28
C TYR A 33 -10.81 4.49 10.37
N LEU A 34 -9.69 5.02 9.87
CA LEU A 34 -8.43 4.28 9.88
C LEU A 34 -7.89 4.17 11.30
N ASN A 35 -7.69 2.93 11.75
CA ASN A 35 -7.17 2.69 13.10
C ASN A 35 -5.76 2.10 13.04
N THR A 36 -4.78 2.88 13.46
CA THR A 36 -3.39 2.44 13.45
C THR A 36 -3.19 1.24 14.37
N ALA A 37 -4.12 1.06 15.31
CA ALA A 37 -4.04 -0.04 16.25
C ALA A 37 -4.39 -1.37 15.58
N ALA A 38 -4.87 -1.29 14.34
CA ALA A 38 -5.24 -2.48 13.59
C ALA A 38 -4.37 -2.61 12.33
N LEU A 39 -3.80 -1.50 11.90
CA LEU A 39 -2.95 -1.48 10.70
C LEU A 39 -1.98 -2.66 10.72
N PRO A 40 -1.20 -2.77 11.80
CA PRO A 40 -0.21 -3.84 11.96
C PRO A 40 -0.87 -5.21 12.18
N SER A 41 -2.12 -5.19 12.61
CA SER A 41 -2.87 -6.42 12.85
C SER A 41 -3.35 -7.04 11.54
N VAL A 42 -3.92 -6.19 10.69
CA VAL A 42 -4.43 -6.65 9.39
C VAL A 42 -3.30 -7.14 8.50
N ILE A 43 -2.21 -6.38 8.46
CA ILE A 43 -1.05 -6.74 7.65
C ILE A 43 -0.47 -8.09 8.08
N ALA A 44 -0.40 -8.30 9.39
CA ALA A 44 0.13 -9.56 9.93
C ALA A 44 -0.80 -10.72 9.61
N ASP A 45 -2.09 -10.43 9.50
CA ASP A 45 -3.09 -11.46 9.21
C ASP A 45 -2.95 -11.95 7.77
N LEU A 46 -3.04 -11.02 6.83
CA LEU A 46 -2.93 -11.36 5.41
C LEU A 46 -1.68 -12.20 5.15
N PHE A 47 -0.55 -11.77 5.72
CA PHE A 47 0.70 -12.47 5.55
C PHE A 47 0.59 -13.92 6.04
N ALA A 48 -0.24 -14.13 7.05
CA ALA A 48 -0.45 -15.46 7.62
C ALA A 48 -1.41 -16.27 6.76
N GLN A 49 -2.50 -15.65 6.33
CA GLN A 49 -3.50 -16.31 5.51
C GLN A 49 -2.88 -16.82 4.21
N VAL A 50 -2.23 -15.92 3.48
CA VAL A 50 -1.59 -16.27 2.21
C VAL A 50 -0.36 -17.15 2.45
N GLY A 51 0.37 -16.86 3.52
CA GLY A 51 1.56 -17.64 3.84
C GLY A 51 1.24 -19.04 4.28
N ALA A 52 -0.03 -19.27 4.66
CA ALA A 52 -0.46 -20.58 5.11
C ALA A 52 -0.85 -21.47 3.93
N SER A 53 -1.26 -20.83 2.83
CA SER A 53 -1.67 -21.57 1.64
C SER A 53 -0.48 -21.82 0.72
N SER A 54 0.45 -20.86 0.68
CA SER A 54 1.63 -20.98 -0.16
C SER A 54 2.90 -21.01 0.70
N PRO A 55 3.10 -22.14 1.42
CA PRO A 55 4.26 -22.33 2.29
C PRO A 55 5.55 -22.50 1.49
N GLY A 56 5.43 -22.91 0.24
CA GLY A 56 6.59 -23.10 -0.60
C GLY A 56 6.97 -21.85 -1.37
N VAL A 57 6.22 -20.77 -1.12
CA VAL A 57 6.49 -19.50 -1.80
C VAL A 57 7.66 -18.77 -1.16
N SER A 58 8.10 -17.69 -1.80
CA SER A 58 9.22 -16.90 -1.29
C SER A 58 8.72 -15.74 -0.45
N ASP A 59 9.50 -15.37 0.56
CA ASP A 59 9.15 -14.27 1.45
C ASP A 59 8.83 -13.01 0.65
N SER A 60 9.46 -12.88 -0.51
CA SER A 60 9.23 -11.72 -1.37
C SER A 60 7.86 -11.79 -2.03
N GLU A 61 7.64 -12.86 -2.80
CA GLU A 61 6.37 -13.03 -3.49
C GLU A 61 5.19 -12.89 -2.53
N VAL A 62 5.28 -13.58 -1.39
CA VAL A 62 4.22 -13.52 -0.39
C VAL A 62 4.00 -12.10 0.10
N LEU A 63 5.08 -11.32 0.18
CA LEU A 63 5.01 -9.94 0.63
C LEU A 63 4.24 -9.08 -0.38
N ILE A 64 4.54 -9.28 -1.65
CA ILE A 64 3.88 -8.52 -2.71
C ILE A 64 2.37 -8.74 -2.69
N GLN A 65 1.95 -9.85 -2.08
CA GLN A 65 0.53 -10.17 -1.98
C GLN A 65 -0.11 -9.46 -0.79
N VAL A 66 0.62 -9.38 0.30
CA VAL A 66 0.13 -8.72 1.52
C VAL A 66 -0.20 -7.26 1.24
N LEU A 67 0.60 -6.63 0.39
CA LEU A 67 0.39 -5.22 0.05
C LEU A 67 -0.72 -5.07 -0.98
N LEU A 68 -0.92 -6.11 -1.79
CA LEU A 68 -1.95 -6.09 -2.82
C LEU A 68 -3.34 -6.05 -2.19
N GLU A 69 -3.53 -6.81 -1.12
CA GLU A 69 -4.81 -6.86 -0.42
C GLU A 69 -5.02 -5.60 0.40
N ILE A 70 -3.96 -5.14 1.05
CA ILE A 70 -4.03 -3.94 1.88
C ILE A 70 -4.47 -2.73 1.06
N VAL A 71 -3.82 -2.53 -0.07
CA VAL A 71 -4.15 -1.40 -0.94
C VAL A 71 -5.54 -1.56 -1.54
N SER A 72 -5.87 -2.78 -1.95
CA SER A 72 -7.18 -3.05 -2.54
C SER A 72 -8.30 -2.64 -1.59
N SER A 73 -8.05 -2.80 -0.30
CA SER A 73 -9.05 -2.45 0.72
C SER A 73 -9.13 -0.94 0.90
N LEU A 74 -8.03 -0.34 1.37
CA LEU A 74 -7.99 1.09 1.59
C LEU A 74 -8.42 1.86 0.33
N ILE A 75 -7.99 1.36 -0.83
CA ILE A 75 -8.34 1.99 -2.10
C ILE A 75 -9.85 1.97 -2.32
N HIS A 76 -10.47 0.81 -2.09
CA HIS A 76 -11.91 0.67 -2.27
C HIS A 76 -12.67 1.65 -1.38
N ILE A 77 -12.06 2.01 -0.26
CA ILE A 77 -12.68 2.95 0.68
C ILE A 77 -12.64 4.37 0.14
N LEU A 78 -11.49 4.77 -0.39
CA LEU A 78 -11.31 6.10 -0.94
C LEU A 78 -12.26 6.33 -2.12
N SER A 79 -12.51 5.27 -2.87
CA SER A 79 -13.39 5.35 -4.04
C SER A 79 -14.71 6.02 -3.67
N SER A 80 -15.08 5.92 -2.40
CA SER A 80 -16.33 6.52 -1.93
C SER A 80 -16.04 7.71 -1.00
N SER A 81 -14.83 7.75 -0.47
CA SER A 81 -14.43 8.83 0.43
C SER A 81 -14.37 10.16 -0.30
N SER A 82 -14.09 11.23 0.43
CA SER A 82 -14.02 12.56 -0.15
C SER A 82 -12.76 13.29 0.32
N VAL A 83 -11.91 12.57 1.05
CA VAL A 83 -10.67 13.15 1.57
C VAL A 83 -10.96 14.22 2.61
N GLY A 84 -11.41 15.39 2.15
CA GLY A 84 -11.71 16.48 3.06
C GLY A 84 -10.48 17.31 3.41
N GLN A 85 -10.34 17.64 4.69
CA GLN A 85 -9.21 18.43 5.14
C GLN A 85 -8.23 17.58 5.95
N VAL A 86 -7.15 17.16 5.30
CA VAL A 86 -6.14 16.33 5.95
C VAL A 86 -4.92 17.16 6.36
N ASP A 87 -4.42 16.91 7.56
CA ASP A 87 -3.26 17.64 8.07
C ASP A 87 -1.97 17.08 7.47
N PHE A 88 -1.66 17.49 6.24
CA PHE A 88 -0.46 17.03 5.56
C PHE A 88 0.79 17.48 6.30
N SER A 89 0.61 18.40 7.25
CA SER A 89 1.74 18.91 8.03
C SER A 89 2.13 17.93 9.12
N SER A 90 2.25 16.66 8.77
CA SER A 90 2.63 15.62 9.72
C SER A 90 2.89 14.30 9.00
N VAL A 91 3.34 14.40 7.76
CA VAL A 91 3.64 13.21 6.97
C VAL A 91 4.62 12.29 7.70
N GLY A 92 5.51 12.90 8.49
CA GLY A 92 6.48 12.12 9.23
C GLY A 92 5.84 11.09 10.14
N SER A 93 4.79 11.51 10.84
CA SER A 93 4.08 10.62 11.76
C SER A 93 3.35 9.52 11.00
N SER A 94 2.81 9.87 9.84
CA SER A 94 2.08 8.91 9.02
C SER A 94 3.02 7.85 8.46
N ALA A 95 4.14 8.29 7.90
CA ALA A 95 5.12 7.37 7.33
C ALA A 95 5.73 6.49 8.41
N ALA A 96 5.77 7.00 9.64
CA ALA A 96 6.33 6.26 10.76
C ALA A 96 5.41 5.12 11.17
N ALA A 97 4.11 5.40 11.18
CA ALA A 97 3.11 4.40 11.56
C ALA A 97 3.20 3.17 10.67
N VAL A 98 3.20 3.39 9.36
CA VAL A 98 3.27 2.31 8.40
C VAL A 98 4.59 1.55 8.53
N GLY A 99 5.68 2.29 8.73
CA GLY A 99 6.98 1.67 8.87
C GLY A 99 7.07 0.77 10.08
N GLN A 100 6.23 1.03 11.08
CA GLN A 100 6.21 0.23 12.30
C GLN A 100 5.43 -1.06 12.10
N SER A 101 4.38 -0.98 11.29
CA SER A 101 3.53 -2.14 11.02
C SER A 101 4.33 -3.24 10.31
N MET A 102 5.14 -2.84 9.35
CA MET A 102 5.96 -3.78 8.60
C MET A 102 6.81 -4.63 9.54
N GLN A 103 7.16 -4.06 10.69
CA GLN A 103 7.96 -4.77 11.68
C GLN A 103 7.23 -6.00 12.21
N VAL A 104 5.90 -5.98 12.11
CA VAL A 104 5.09 -7.10 12.58
C VAL A 104 5.01 -8.20 11.53
N VAL A 105 5.25 -7.83 10.27
CA VAL A 105 5.21 -8.78 9.17
C VAL A 105 6.52 -9.54 9.05
N MET A 106 7.62 -8.90 9.46
CA MET A 106 8.93 -9.52 9.40
C MET A 106 9.56 -9.61 10.78
N GLY A 107 8.71 -9.54 11.81
CA GLY A 107 9.20 -9.61 13.18
C GLY A 107 8.09 -9.49 14.19
N VAL B 1 13.09 -11.22 3.87
CA VAL B 1 12.64 -9.89 3.48
C VAL B 1 12.75 -8.90 4.63
N GLY B 2 12.93 -9.43 5.84
CA GLY B 2 13.04 -8.59 7.01
C GLY B 2 14.16 -7.57 6.88
N THR B 3 15.37 -8.05 6.63
CA THR B 3 16.53 -7.18 6.49
C THR B 3 16.26 -6.07 5.48
N THR B 4 15.48 -6.39 4.45
CA THR B 4 15.15 -5.43 3.42
C THR B 4 14.29 -4.30 3.96
N VAL B 5 13.45 -4.62 4.94
CA VAL B 5 12.57 -3.64 5.55
C VAL B 5 13.37 -2.63 6.38
N ALA B 6 14.45 -3.09 6.98
CA ALA B 6 15.31 -2.24 7.79
C ALA B 6 16.20 -1.36 6.91
N SER B 7 16.23 -1.66 5.62
CA SER B 7 17.05 -0.92 4.68
C SER B 7 16.24 0.20 4.03
N THR B 8 14.99 -0.09 3.70
CA THR B 8 14.11 0.90 3.07
C THR B 8 13.60 1.89 4.10
N THR B 9 13.46 1.46 5.34
CA THR B 9 12.97 2.31 6.41
C THR B 9 14.00 3.38 6.77
N SER B 10 15.28 3.02 6.64
CA SER B 10 16.36 3.95 6.95
C SER B 10 16.39 5.11 5.97
N ARG B 11 16.02 4.84 4.72
CA ARG B 11 16.01 5.86 3.67
C ARG B 11 14.67 6.59 3.66
N LEU B 12 13.64 5.94 4.17
CA LEU B 12 12.30 6.53 4.21
C LEU B 12 12.22 7.62 5.29
N SER B 13 13.13 7.56 6.25
CA SER B 13 13.16 8.53 7.33
C SER B 13 13.93 9.79 6.91
N THR B 14 14.31 9.85 5.64
CA THR B 14 15.03 11.00 5.12
C THR B 14 14.08 12.00 4.47
N ALA B 15 14.64 13.14 4.08
CA ALA B 15 13.84 14.19 3.43
C ALA B 15 13.29 13.72 2.09
N GLU B 16 14.06 12.87 1.41
CA GLU B 16 13.65 12.35 0.11
C GLU B 16 12.26 11.71 0.20
N ALA B 17 12.08 10.82 1.16
CA ALA B 17 10.80 10.15 1.34
C ALA B 17 9.68 11.16 1.63
N SER B 18 10.03 12.23 2.32
CA SER B 18 9.06 13.27 2.66
C SER B 18 8.47 13.90 1.41
N SER B 19 9.35 14.26 0.47
CA SER B 19 8.92 14.88 -0.78
C SER B 19 7.99 13.95 -1.56
N ARG B 20 8.47 12.75 -1.84
CA ARG B 20 7.69 11.76 -2.58
C ARG B 20 6.30 11.62 -1.99
N ILE B 21 6.23 11.33 -0.68
CA ILE B 21 4.96 11.18 0.00
C ILE B 21 4.08 12.41 -0.17
N SER B 22 4.70 13.58 -0.13
CA SER B 22 3.98 14.84 -0.28
C SER B 22 3.31 14.92 -1.64
N THR B 23 4.05 14.54 -2.68
CA THR B 23 3.54 14.57 -4.04
C THR B 23 2.58 13.41 -4.29
N ALA B 24 2.83 12.30 -3.63
CA ALA B 24 1.99 11.11 -3.78
C ALA B 24 0.55 11.41 -3.35
N ALA B 25 0.40 12.09 -2.22
CA ALA B 25 -0.91 12.44 -1.70
C ALA B 25 -1.44 13.72 -2.34
N SER B 26 -0.52 14.63 -2.67
CA SER B 26 -0.89 15.90 -3.29
C SER B 26 -1.56 15.67 -4.63
N THR B 27 -1.20 14.58 -5.30
CA THR B 27 -1.76 14.25 -6.60
C THR B 27 -2.85 13.19 -6.47
N LEU B 28 -2.71 12.32 -5.48
CA LEU B 28 -3.68 11.26 -5.25
C LEU B 28 -5.07 11.83 -5.00
N VAL B 29 -5.12 12.95 -4.29
CA VAL B 29 -6.39 13.61 -3.98
C VAL B 29 -6.42 15.02 -4.54
N SER B 30 -5.58 15.28 -5.54
CA SER B 30 -5.51 16.60 -6.16
C SER B 30 -6.88 17.04 -6.64
N GLY B 31 -7.49 16.23 -7.50
CA GLY B 31 -8.80 16.55 -8.03
C GLY B 31 -9.86 16.62 -6.95
N GLY B 32 -9.57 16.02 -5.80
CA GLY B 32 -10.51 16.03 -4.69
C GLY B 32 -10.77 14.65 -4.13
N TYR B 33 -10.31 13.63 -4.85
CA TYR B 33 -10.48 12.25 -4.42
C TYR B 33 -9.46 11.33 -5.10
N LEU B 34 -9.59 10.03 -4.85
CA LEU B 34 -8.68 9.05 -5.43
C LEU B 34 -8.91 8.91 -6.93
N ASN B 35 -7.86 9.15 -7.70
CA ASN B 35 -7.95 9.05 -9.16
C ASN B 35 -7.10 7.88 -9.67
N THR B 36 -7.78 6.85 -10.18
CA THR B 36 -7.10 5.67 -10.69
C THR B 36 -6.24 6.03 -11.91
N ALA B 37 -6.53 7.17 -12.52
CA ALA B 37 -5.79 7.62 -13.69
C ALA B 37 -4.40 8.12 -13.31
N ALA B 38 -4.17 8.25 -12.00
CA ALA B 38 -2.88 8.71 -11.50
C ALA B 38 -2.22 7.64 -10.64
N LEU B 39 -3.03 6.71 -10.12
CA LEU B 39 -2.51 5.64 -9.29
C LEU B 39 -1.24 5.03 -9.88
N PRO B 40 -1.34 4.60 -11.14
CA PRO B 40 -0.21 3.98 -11.86
C PRO B 40 0.87 5.01 -12.19
N SER B 41 0.50 6.28 -12.21
CA SER B 41 1.44 7.34 -12.52
C SER B 41 2.33 7.65 -11.32
N VAL B 42 1.72 7.77 -10.15
CA VAL B 42 2.45 8.05 -8.92
C VAL B 42 3.39 6.90 -8.57
N ILE B 43 2.88 5.68 -8.66
CA ILE B 43 3.68 4.50 -8.34
C ILE B 43 4.90 4.41 -9.24
N ALA B 44 4.72 4.70 -10.52
CA ALA B 44 5.81 4.65 -11.48
C ALA B 44 6.82 5.76 -11.22
N ASP B 45 6.35 6.87 -10.67
CA ASP B 45 7.21 8.00 -10.35
C ASP B 45 8.14 7.68 -9.18
N LEU B 46 7.54 7.32 -8.05
CA LEU B 46 8.31 6.99 -6.86
C LEU B 46 9.44 6.01 -7.19
N PHE B 47 9.08 4.92 -7.87
CA PHE B 47 10.06 3.91 -8.24
C PHE B 47 11.20 4.52 -9.04
N ALA B 48 10.90 5.61 -9.75
CA ALA B 48 11.91 6.30 -10.55
C ALA B 48 12.79 7.20 -9.68
N GLN B 49 12.15 7.93 -8.77
CA GLN B 49 12.87 8.83 -7.88
C GLN B 49 13.84 8.05 -6.99
N VAL B 50 13.32 7.03 -6.31
CA VAL B 50 14.14 6.21 -5.42
C VAL B 50 15.13 5.37 -6.22
N GLY B 51 14.68 4.85 -7.36
CA GLY B 51 15.54 4.04 -8.19
C GLY B 51 16.62 4.84 -8.88
N ALA B 52 16.45 6.16 -8.91
CA ALA B 52 17.42 7.04 -9.55
C ALA B 52 18.55 7.39 -8.57
N SER B 53 18.25 7.35 -7.29
CA SER B 53 19.24 7.66 -6.26
C SER B 53 19.97 6.41 -5.80
N SER B 54 19.27 5.28 -5.85
CA SER B 54 19.85 4.00 -5.43
C SER B 54 19.86 3.01 -6.59
N PRO B 55 20.73 3.27 -7.58
CA PRO B 55 20.85 2.41 -8.76
C PRO B 55 21.49 1.06 -8.44
N GLY B 56 22.26 1.02 -7.35
CA GLY B 56 22.90 -0.21 -6.95
C GLY B 56 22.01 -1.08 -6.06
N VAL B 57 20.82 -0.58 -5.78
CA VAL B 57 19.87 -1.31 -4.94
C VAL B 57 19.26 -2.48 -5.71
N SER B 58 18.51 -3.31 -5.00
CA SER B 58 17.87 -4.47 -5.61
C SER B 58 16.42 -4.15 -5.98
N ASP B 59 15.94 -4.76 -7.06
CA ASP B 59 14.58 -4.54 -7.53
C ASP B 59 13.58 -4.75 -6.41
N SER B 60 13.94 -5.62 -5.47
CA SER B 60 13.06 -5.91 -4.33
C SER B 60 13.05 -4.75 -3.34
N GLU B 61 14.23 -4.42 -2.82
CA GLU B 61 14.36 -3.32 -1.86
C GLU B 61 13.68 -2.06 -2.38
N VAL B 62 13.99 -1.70 -3.61
CA VAL B 62 13.40 -0.51 -4.23
C VAL B 62 11.88 -0.59 -4.25
N LEU B 63 11.37 -1.80 -4.46
CA LEU B 63 9.92 -2.02 -4.52
C LEU B 63 9.29 -1.78 -3.14
N ILE B 64 9.93 -2.30 -2.10
CA ILE B 64 9.44 -2.14 -0.74
C ILE B 64 9.35 -0.66 -0.36
N GLN B 65 10.16 0.15 -1.02
CA GLN B 65 10.17 1.59 -0.73
C GLN B 65 9.02 2.30 -1.45
N VAL B 66 8.73 1.86 -2.67
CA VAL B 66 7.66 2.44 -3.47
C VAL B 66 6.31 2.28 -2.76
N LEU B 67 6.13 1.14 -2.10
CA LEU B 67 4.89 0.86 -1.38
C LEU B 67 4.85 1.59 -0.04
N LEU B 68 6.04 1.89 0.48
CA LEU B 68 6.14 2.58 1.76
C LEU B 68 5.67 4.02 1.64
N GLU B 69 6.04 4.67 0.54
CA GLU B 69 5.66 6.05 0.29
C GLU B 69 4.19 6.16 -0.09
N ILE B 70 3.73 5.20 -0.89
CA ILE B 70 2.34 5.19 -1.34
C ILE B 70 1.38 5.08 -0.15
N VAL B 71 1.63 4.09 0.71
CA VAL B 71 0.80 3.88 1.89
C VAL B 71 0.85 5.07 2.82
N SER B 72 2.05 5.63 3.00
CA SER B 72 2.23 6.78 3.87
C SER B 72 1.34 7.95 3.42
N SER B 73 1.18 8.10 2.12
CA SER B 73 0.36 9.17 1.56
C SER B 73 -1.12 8.92 1.83
N LEU B 74 -1.63 7.83 1.27
CA LEU B 74 -3.04 7.47 1.44
C LEU B 74 -3.40 7.39 2.93
N ILE B 75 -2.51 6.79 3.71
CA ILE B 75 -2.73 6.66 5.14
C ILE B 75 -2.98 8.00 5.79
N HIS B 76 -2.14 8.98 5.48
CA HIS B 76 -2.28 10.32 6.03
C HIS B 76 -3.63 10.93 5.67
N ILE B 77 -4.11 10.61 4.47
CA ILE B 77 -5.39 11.12 4.00
C ILE B 77 -6.54 10.60 4.86
N LEU B 78 -6.55 9.29 5.09
CA LEU B 78 -7.59 8.66 5.89
C LEU B 78 -7.58 9.21 7.32
N SER B 79 -6.41 9.57 7.80
CA SER B 79 -6.27 10.13 9.15
C SER B 79 -7.34 11.18 9.41
N SER B 80 -7.70 11.91 8.37
CA SER B 80 -8.71 12.96 8.49
C SER B 80 -10.06 12.49 7.97
N SER B 81 -10.02 11.56 7.01
CA SER B 81 -11.25 11.03 6.41
C SER B 81 -12.18 10.49 7.50
N SER B 82 -13.36 10.04 7.08
CA SER B 82 -14.34 9.51 8.01
C SER B 82 -14.98 8.23 7.46
N VAL B 83 -14.51 7.81 6.28
CA VAL B 83 -15.04 6.61 5.65
C VAL B 83 -16.57 6.59 5.67
N GLY B 84 -17.17 7.29 4.72
CA GLY B 84 -18.63 7.33 4.66
C GLY B 84 -19.24 5.99 4.33
N GLN B 85 -20.04 5.94 3.27
CA GLN B 85 -20.69 4.70 2.86
C GLN B 85 -20.04 4.13 1.62
N VAL B 86 -19.10 3.21 1.81
CA VAL B 86 -18.39 2.58 0.70
C VAL B 86 -19.09 1.30 0.26
N ASP B 87 -19.20 1.12 -1.06
CA ASP B 87 -19.84 -0.06 -1.61
C ASP B 87 -18.86 -1.23 -1.70
N PHE B 88 -18.85 -2.05 -0.67
CA PHE B 88 -17.95 -3.21 -0.62
C PHE B 88 -18.31 -4.20 -1.72
N SER B 89 -19.48 -4.04 -2.31
CA SER B 89 -19.94 -4.93 -3.37
C SER B 89 -19.24 -4.62 -4.69
N SER B 90 -17.92 -4.43 -4.61
CA SER B 90 -17.12 -4.12 -5.80
C SER B 90 -15.63 -4.27 -5.51
N VAL B 91 -15.31 -5.06 -4.49
CA VAL B 91 -13.92 -5.29 -4.11
C VAL B 91 -13.12 -5.85 -5.27
N GLY B 92 -13.78 -6.64 -6.11
CA GLY B 92 -13.10 -7.23 -7.25
C GLY B 92 -12.54 -6.18 -8.20
N SER B 93 -13.34 -5.17 -8.50
CA SER B 93 -12.92 -4.10 -9.40
C SER B 93 -11.79 -3.29 -8.78
N SER B 94 -11.85 -3.12 -7.46
CA SER B 94 -10.84 -2.35 -6.75
C SER B 94 -9.48 -3.06 -6.80
N ALA B 95 -9.48 -4.35 -6.50
CA ALA B 95 -8.26 -5.15 -6.51
C ALA B 95 -7.66 -5.20 -7.91
N ALA B 96 -8.52 -5.07 -8.92
CA ALA B 96 -8.08 -5.11 -10.31
C ALA B 96 -7.34 -3.84 -10.69
N ALA B 97 -7.86 -2.70 -10.24
CA ALA B 97 -7.25 -1.41 -10.53
C ALA B 97 -5.82 -1.36 -10.02
N VAL B 98 -5.62 -1.77 -8.77
CA VAL B 98 -4.29 -1.78 -8.17
C VAL B 98 -3.37 -2.77 -8.86
N GLY B 99 -3.91 -3.93 -9.21
CA GLY B 99 -3.12 -4.95 -9.87
C GLY B 99 -2.63 -4.50 -11.24
N GLN B 100 -3.34 -3.55 -11.84
CA GLN B 100 -2.97 -3.04 -13.15
C GLN B 100 -1.84 -2.02 -13.04
N SER B 101 -1.88 -1.21 -11.99
CA SER B 101 -0.86 -0.19 -11.76
C SER B 101 0.52 -0.83 -11.62
N MET B 102 0.57 -1.93 -10.89
CA MET B 102 1.84 -2.64 -10.67
C MET B 102 2.49 -2.99 -12.00
N GLN B 103 1.67 -3.15 -13.04
CA GLN B 103 2.18 -3.48 -14.37
C GLN B 103 3.03 -2.35 -14.93
N VAL B 104 2.80 -1.14 -14.44
CA VAL B 104 3.54 0.03 -14.89
C VAL B 104 4.87 0.16 -14.16
N VAL B 105 4.96 -0.45 -12.98
CA VAL B 105 6.17 -0.41 -12.17
C VAL B 105 7.22 -1.38 -12.71
N MET B 106 6.76 -2.51 -13.23
CA MET B 106 7.65 -3.52 -13.78
C MET B 106 7.29 -3.84 -15.23
N GLY B 107 6.69 -2.86 -15.92
CA GLY B 107 6.31 -3.06 -17.30
C GLY B 107 5.61 -1.85 -17.88
N VAL A 1 11.70 -9.14 -10.23
CA VAL A 1 10.49 -8.93 -9.43
C VAL A 1 9.24 -8.95 -10.31
N GLY A 2 9.44 -8.76 -11.62
CA GLY A 2 8.32 -8.76 -12.54
C GLY A 2 7.54 -10.06 -12.50
N THR A 3 8.24 -11.18 -12.60
CA THR A 3 7.61 -12.49 -12.57
C THR A 3 6.84 -12.71 -11.27
N THR A 4 7.31 -12.06 -10.20
CA THR A 4 6.68 -12.18 -8.90
C THR A 4 5.32 -11.49 -8.87
N VAL A 5 5.22 -10.39 -9.61
CA VAL A 5 3.97 -9.64 -9.68
C VAL A 5 2.90 -10.41 -10.46
N ALA A 6 3.33 -11.13 -11.49
CA ALA A 6 2.41 -11.91 -12.31
C ALA A 6 1.97 -13.17 -11.58
N SER A 7 2.59 -13.44 -10.44
CA SER A 7 2.25 -14.63 -9.65
C SER A 7 1.34 -14.25 -8.49
N THR A 8 1.60 -13.11 -7.87
CA THR A 8 0.80 -12.65 -6.75
C THR A 8 -0.53 -12.07 -7.22
N THR A 9 -0.52 -11.47 -8.40
CA THR A 9 -1.72 -10.87 -8.98
C THR A 9 -2.70 -11.95 -9.45
N SER A 10 -2.15 -13.09 -9.87
CA SER A 10 -2.98 -14.19 -10.36
C SER A 10 -3.80 -14.79 -9.23
N ARG A 11 -3.24 -14.77 -8.02
CA ARG A 11 -3.93 -15.32 -6.85
C ARG A 11 -4.83 -14.27 -6.22
N LEU A 12 -4.53 -13.00 -6.45
CA LEU A 12 -5.32 -11.90 -5.91
C LEU A 12 -6.63 -11.76 -6.66
N SER A 13 -6.68 -12.28 -7.87
CA SER A 13 -7.88 -12.22 -8.69
C SER A 13 -8.87 -13.31 -8.30
N THR A 14 -8.54 -14.06 -7.25
CA THR A 14 -9.39 -15.14 -6.78
C THR A 14 -10.26 -14.68 -5.61
N ALA A 15 -11.32 -15.43 -5.34
CA ALA A 15 -12.23 -15.11 -4.24
C ALA A 15 -11.47 -14.97 -2.93
N GLU A 16 -10.33 -15.65 -2.84
CA GLU A 16 -9.52 -15.60 -1.62
C GLU A 16 -9.14 -14.18 -1.26
N ALA A 17 -8.58 -13.46 -2.24
CA ALA A 17 -8.16 -12.07 -2.02
C ALA A 17 -9.38 -11.18 -1.75
N SER A 18 -10.48 -11.46 -2.44
CA SER A 18 -11.69 -10.68 -2.28
C SER A 18 -12.13 -10.66 -0.81
N SER A 19 -12.27 -11.85 -0.23
CA SER A 19 -12.69 -11.97 1.16
C SER A 19 -11.71 -11.24 2.09
N ARG A 20 -10.44 -11.58 1.98
CA ARG A 20 -9.41 -10.97 2.80
C ARG A 20 -9.54 -9.45 2.79
N ILE A 21 -9.64 -8.87 1.60
CA ILE A 21 -9.76 -7.43 1.44
C ILE A 21 -10.97 -6.91 2.22
N SER A 22 -12.06 -7.67 2.19
CA SER A 22 -13.28 -7.29 2.90
C SER A 22 -13.01 -7.06 4.38
N THR A 23 -12.33 -8.02 4.99
CA THR A 23 -12.01 -7.94 6.42
C THR A 23 -10.89 -6.93 6.67
N ALA A 24 -10.00 -6.79 5.70
CA ALA A 24 -8.89 -5.84 5.81
C ALA A 24 -9.39 -4.41 5.84
N ALA A 25 -10.40 -4.11 5.02
CA ALA A 25 -10.97 -2.77 4.96
C ALA A 25 -12.05 -2.59 6.01
N SER A 26 -12.92 -3.58 6.14
CA SER A 26 -14.01 -3.52 7.11
C SER A 26 -13.46 -3.34 8.53
N THR A 27 -12.26 -3.85 8.75
CA THR A 27 -11.62 -3.75 10.06
C THR A 27 -10.71 -2.53 10.15
N LEU A 28 -10.11 -2.17 9.01
CA LEU A 28 -9.21 -1.02 8.96
C LEU A 28 -9.94 0.26 9.37
N VAL A 29 -11.24 0.31 9.07
CA VAL A 29 -12.04 1.48 9.43
C VAL A 29 -13.32 1.07 10.16
N SER A 30 -13.24 -0.06 10.88
CA SER A 30 -14.38 -0.55 11.63
C SER A 30 -14.80 0.43 12.71
N GLY A 31 -13.88 0.72 13.63
CA GLY A 31 -14.17 1.64 14.71
C GLY A 31 -14.78 2.94 14.21
N GLY A 32 -14.46 3.31 12.98
CA GLY A 32 -14.98 4.54 12.40
C GLY A 32 -13.94 5.29 11.61
N TYR A 33 -12.70 4.84 11.68
CA TYR A 33 -11.60 5.48 10.97
C TYR A 33 -10.35 4.61 10.97
N LEU A 34 -9.27 5.14 10.42
CA LEU A 34 -8.01 4.41 10.36
C LEU A 34 -7.45 4.16 11.76
N ASN A 35 -7.41 2.90 12.15
CA ASN A 35 -6.90 2.52 13.47
C ASN A 35 -5.49 1.95 13.37
N THR A 36 -4.50 2.75 13.74
CA THR A 36 -3.11 2.32 13.70
C THR A 36 -2.89 1.08 14.55
N ALA A 37 -3.75 0.87 15.54
CA ALA A 37 -3.65 -0.28 16.42
C ALA A 37 -4.01 -1.56 15.68
N ALA A 38 -4.57 -1.42 14.49
CA ALA A 38 -4.97 -2.56 13.68
C ALA A 38 -4.10 -2.69 12.44
N LEU A 39 -3.44 -1.59 12.06
CA LEU A 39 -2.57 -1.59 10.89
C LEU A 39 -1.67 -2.81 10.87
N PRO A 40 -0.93 -3.02 11.96
CA PRO A 40 -0.01 -4.16 12.10
C PRO A 40 -0.75 -5.48 12.23
N SER A 41 -2.02 -5.41 12.63
CA SER A 41 -2.83 -6.61 12.80
C SER A 41 -3.34 -7.12 11.46
N VAL A 42 -3.84 -6.20 10.63
CA VAL A 42 -4.35 -6.56 9.32
C VAL A 42 -3.25 -7.07 8.41
N ILE A 43 -2.10 -6.40 8.43
CA ILE A 43 -0.96 -6.78 7.62
C ILE A 43 -0.44 -8.16 8.02
N ALA A 44 -0.41 -8.43 9.32
CA ALA A 44 0.05 -9.71 9.84
C ALA A 44 -0.92 -10.83 9.48
N ASP A 45 -2.19 -10.48 9.34
CA ASP A 45 -3.23 -11.46 9.00
C ASP A 45 -3.05 -11.95 7.57
N LEU A 46 -3.07 -11.01 6.62
CA LEU A 46 -2.91 -11.35 5.21
C LEU A 46 -1.66 -12.19 4.98
N PHE A 47 -0.57 -11.83 5.67
CA PHE A 47 0.68 -12.55 5.54
C PHE A 47 0.54 -13.98 6.04
N ALA A 48 -0.30 -14.17 7.05
CA ALA A 48 -0.53 -15.49 7.63
C ALA A 48 -1.44 -16.33 6.73
N GLN A 49 -2.54 -15.73 6.30
CA GLN A 49 -3.50 -16.42 5.44
C GLN A 49 -2.84 -16.86 4.13
N VAL A 50 -2.18 -15.92 3.47
CA VAL A 50 -1.51 -16.21 2.21
C VAL A 50 -0.29 -17.11 2.42
N GLY A 51 0.40 -16.89 3.54
CA GLY A 51 1.58 -17.69 3.85
C GLY A 51 1.22 -19.13 4.19
N ALA A 52 -0.02 -19.36 4.56
CA ALA A 52 -0.49 -20.69 4.91
C ALA A 52 -0.85 -21.49 3.68
N SER A 53 -1.21 -20.79 2.61
CA SER A 53 -1.59 -21.44 1.35
C SER A 53 -0.35 -21.79 0.53
N SER A 54 0.68 -20.97 0.65
CA SER A 54 1.92 -21.19 -0.09
C SER A 54 3.13 -21.05 0.83
N PRO A 55 3.34 -22.07 1.69
CA PRO A 55 4.45 -22.08 2.64
C PRO A 55 5.79 -22.27 1.95
N GLY A 56 5.76 -22.81 0.73
CA GLY A 56 6.98 -23.03 -0.02
C GLY A 56 7.35 -21.84 -0.89
N VAL A 57 6.59 -20.76 -0.77
CA VAL A 57 6.84 -19.56 -1.56
C VAL A 57 7.98 -18.74 -0.96
N SER A 58 8.41 -17.72 -1.70
CA SER A 58 9.50 -16.86 -1.23
C SER A 58 8.96 -15.69 -0.41
N ASP A 59 9.73 -15.30 0.60
CA ASP A 59 9.33 -14.19 1.46
C ASP A 59 8.97 -12.96 0.64
N SER A 60 9.60 -12.82 -0.52
CA SER A 60 9.36 -11.68 -1.41
C SER A 60 7.98 -11.78 -2.04
N GLU A 61 7.74 -12.86 -2.79
CA GLU A 61 6.47 -13.07 -3.45
C GLU A 61 5.31 -12.92 -2.48
N VAL A 62 5.41 -13.60 -1.34
CA VAL A 62 4.38 -13.54 -0.31
C VAL A 62 4.16 -12.11 0.17
N LEU A 63 5.24 -11.34 0.21
CA LEU A 63 5.17 -9.95 0.65
C LEU A 63 4.35 -9.11 -0.33
N ILE A 64 4.60 -9.32 -1.62
CA ILE A 64 3.90 -8.59 -2.66
C ILE A 64 2.39 -8.82 -2.58
N GLN A 65 2.01 -9.95 -2.00
CA GLN A 65 0.60 -10.30 -1.85
C GLN A 65 -0.03 -9.55 -0.68
N VAL A 66 0.73 -9.39 0.40
CA VAL A 66 0.26 -8.70 1.58
C VAL A 66 -0.03 -7.23 1.28
N LEU A 67 0.78 -6.63 0.42
CA LEU A 67 0.62 -5.24 0.03
C LEU A 67 -0.46 -5.09 -1.03
N LEU A 68 -0.67 -6.14 -1.79
CA LEU A 68 -1.68 -6.14 -2.85
C LEU A 68 -3.09 -6.08 -2.27
N GLU A 69 -3.31 -6.83 -1.19
CA GLU A 69 -4.61 -6.87 -0.54
C GLU A 69 -4.84 -5.60 0.27
N ILE A 70 -3.80 -5.13 0.95
CA ILE A 70 -3.90 -3.92 1.77
C ILE A 70 -4.34 -2.73 0.92
N VAL A 71 -3.66 -2.52 -0.20
CA VAL A 71 -3.99 -1.41 -1.10
C VAL A 71 -5.41 -1.54 -1.63
N SER A 72 -5.79 -2.75 -2.04
CA SER A 72 -7.12 -3.01 -2.57
C SER A 72 -8.19 -2.59 -1.57
N SER A 73 -7.90 -2.77 -0.28
CA SER A 73 -8.84 -2.41 0.77
C SER A 73 -8.94 -0.89 0.92
N LEU A 74 -7.84 -0.27 1.35
CA LEU A 74 -7.80 1.17 1.54
C LEU A 74 -8.28 1.89 0.28
N ILE A 75 -7.83 1.43 -0.88
CA ILE A 75 -8.21 2.03 -2.15
C ILE A 75 -9.73 2.06 -2.30
N HIS A 76 -10.38 0.93 -2.01
CA HIS A 76 -11.83 0.82 -2.11
C HIS A 76 -12.51 1.81 -1.18
N ILE A 77 -11.81 2.19 -0.12
CA ILE A 77 -12.35 3.13 0.86
C ILE A 77 -12.30 4.56 0.33
N LEU A 78 -11.19 4.90 -0.31
CA LEU A 78 -11.01 6.25 -0.87
C LEU A 78 -12.01 6.51 -2.00
N SER A 79 -12.37 5.45 -2.72
CA SER A 79 -13.31 5.57 -3.83
C SER A 79 -14.56 6.35 -3.39
N SER A 80 -14.86 6.29 -2.10
CA SER A 80 -16.02 6.98 -1.55
C SER A 80 -15.61 8.30 -0.91
N SER A 81 -14.63 8.24 -0.01
CA SER A 81 -14.15 9.43 0.68
C SER A 81 -12.80 9.88 0.12
N SER A 82 -12.64 11.18 -0.04
CA SER A 82 -11.40 11.74 -0.57
C SER A 82 -11.32 13.24 -0.32
N VAL A 83 -10.11 13.78 -0.33
CA VAL A 83 -9.90 15.21 -0.11
C VAL A 83 -10.36 15.62 1.29
N GLY A 84 -11.66 15.91 1.42
CA GLY A 84 -12.20 16.31 2.70
C GLY A 84 -11.30 17.30 3.42
N GLN A 85 -10.92 16.94 4.65
CA GLN A 85 -10.06 17.80 5.45
C GLN A 85 -8.64 17.25 5.51
N VAL A 86 -8.23 16.57 4.45
CA VAL A 86 -6.90 15.98 4.38
C VAL A 86 -5.82 17.02 4.70
N ASP A 87 -5.11 16.80 5.80
CA ASP A 87 -4.06 17.72 6.23
C ASP A 87 -2.68 17.12 5.97
N PHE A 88 -1.90 17.78 5.12
CA PHE A 88 -0.56 17.31 4.79
C PHE A 88 0.29 17.17 6.05
N SER A 89 -0.13 17.84 7.12
CA SER A 89 0.60 17.80 8.38
C SER A 89 0.33 16.50 9.13
N SER A 90 0.41 15.38 8.41
CA SER A 90 0.18 14.07 9.00
C SER A 90 0.95 13.00 8.27
N VAL A 91 1.90 13.42 7.42
CA VAL A 91 2.71 12.48 6.66
C VAL A 91 3.74 11.80 7.56
N GLY A 92 4.35 12.56 8.46
CA GLY A 92 5.34 12.00 9.36
C GLY A 92 4.81 10.82 10.14
N SER A 93 3.64 11.00 10.75
CA SER A 93 3.03 9.93 11.54
C SER A 93 2.55 8.79 10.65
N SER A 94 2.15 9.13 9.43
CA SER A 94 1.66 8.14 8.48
C SER A 94 2.79 7.19 8.06
N ALA A 95 3.93 7.78 7.70
CA ALA A 95 5.09 6.99 7.28
C ALA A 95 5.64 6.17 8.44
N ALA A 96 5.52 6.71 9.65
CA ALA A 96 6.01 6.03 10.84
C ALA A 96 5.13 4.84 11.21
N ALA A 97 3.82 5.05 11.14
CA ALA A 97 2.86 3.99 11.45
C ALA A 97 3.06 2.78 10.55
N VAL A 98 3.18 3.02 9.25
CA VAL A 98 3.38 1.94 8.29
C VAL A 98 4.73 1.27 8.49
N GLY A 99 5.75 2.07 8.78
CA GLY A 99 7.07 1.53 9.00
C GLY A 99 7.15 0.63 10.22
N GLN A 100 6.24 0.86 11.17
CA GLN A 100 6.21 0.07 12.40
C GLN A 100 5.43 -1.23 12.19
N SER A 101 4.42 -1.17 11.33
CA SER A 101 3.60 -2.33 11.04
C SER A 101 4.42 -3.43 10.36
N MET A 102 5.26 -3.03 9.41
CA MET A 102 6.10 -3.98 8.69
C MET A 102 6.92 -4.83 9.66
N GLN A 103 7.24 -4.27 10.82
CA GLN A 103 8.01 -4.98 11.83
C GLN A 103 7.24 -6.18 12.35
N VAL A 104 5.93 -6.14 12.23
CA VAL A 104 5.08 -7.23 12.69
C VAL A 104 5.00 -8.34 11.65
N VAL A 105 5.27 -7.98 10.39
CA VAL A 105 5.23 -8.95 9.30
C VAL A 105 6.52 -9.76 9.23
N MET A 106 7.62 -9.14 9.66
CA MET A 106 8.92 -9.80 9.65
C MET A 106 9.49 -9.91 11.06
N GLY A 107 8.61 -9.85 12.05
CA GLY A 107 9.03 -9.95 13.43
C GLY A 107 9.93 -8.79 13.85
N VAL B 1 13.70 -10.94 3.78
CA VAL B 1 13.08 -9.66 3.49
C VAL B 1 13.11 -8.75 4.71
N GLY B 2 13.39 -9.33 5.88
CA GLY B 2 13.44 -8.55 7.11
C GLY B 2 14.48 -7.46 7.05
N THR B 3 15.73 -7.83 6.84
CA THR B 3 16.82 -6.86 6.78
C THR B 3 16.53 -5.77 5.76
N THR B 4 15.73 -6.11 4.74
CA THR B 4 15.37 -5.16 3.71
C THR B 4 14.43 -4.09 4.24
N VAL B 5 13.59 -4.48 5.19
CA VAL B 5 12.64 -3.56 5.79
C VAL B 5 13.34 -2.51 6.65
N ALA B 6 14.43 -2.92 7.30
CA ALA B 6 15.20 -2.03 8.14
C ALA B 6 16.08 -1.10 7.31
N SER B 7 16.20 -1.42 6.02
CA SER B 7 17.02 -0.62 5.11
C SER B 7 16.17 0.41 4.37
N THR B 8 14.97 0.00 3.98
CA THR B 8 14.06 0.88 3.26
C THR B 8 13.46 1.93 4.19
N THR B 9 13.08 1.51 5.39
CA THR B 9 12.50 2.41 6.37
C THR B 9 13.49 3.49 6.78
N SER B 10 14.78 3.16 6.75
CA SER B 10 15.82 4.10 7.12
C SER B 10 15.85 5.28 6.15
N ARG B 11 15.53 5.01 4.89
CA ARG B 11 15.52 6.05 3.86
C ARG B 11 14.20 6.83 3.89
N LEU B 12 13.12 6.13 4.23
CA LEU B 12 11.81 6.76 4.28
C LEU B 12 11.71 7.73 5.45
N SER B 13 12.61 7.57 6.42
CA SER B 13 12.63 8.43 7.59
C SER B 13 13.34 9.75 7.29
N THR B 14 13.69 9.94 6.03
CA THR B 14 14.38 11.15 5.60
C THR B 14 13.43 12.14 4.94
N ALA B 15 13.85 13.39 4.84
CA ALA B 15 13.04 14.44 4.24
C ALA B 15 12.62 14.05 2.82
N GLU B 16 13.46 13.25 2.16
CA GLU B 16 13.18 12.82 0.79
C GLU B 16 11.81 12.14 0.71
N ALA B 17 11.57 11.20 1.62
CA ALA B 17 10.30 10.48 1.64
C ALA B 17 9.13 11.44 1.86
N SER B 18 9.37 12.49 2.64
CA SER B 18 8.35 13.48 2.93
C SER B 18 7.87 14.17 1.65
N SER B 19 8.82 14.58 0.83
CA SER B 19 8.52 15.26 -0.42
C SER B 19 7.73 14.35 -1.35
N ARG B 20 8.30 13.18 -1.65
CA ARG B 20 7.65 12.21 -2.53
C ARG B 20 6.23 11.94 -2.08
N ILE B 21 6.07 11.60 -0.80
CA ILE B 21 4.75 11.32 -0.24
C ILE B 21 3.79 12.48 -0.47
N SER B 22 4.29 13.69 -0.30
CA SER B 22 3.48 14.89 -0.49
C SER B 22 2.96 14.98 -1.92
N THR B 23 3.84 14.67 -2.87
CA THR B 23 3.48 14.72 -4.29
C THR B 23 2.60 13.55 -4.68
N ALA B 24 2.81 12.40 -4.01
CA ALA B 24 2.03 11.21 -4.29
C ALA B 24 0.60 11.36 -3.80
N ALA B 25 0.43 11.99 -2.64
CA ALA B 25 -0.90 12.21 -2.07
C ALA B 25 -1.57 13.42 -2.70
N SER B 26 -0.77 14.45 -3.00
CA SER B 26 -1.30 15.67 -3.60
C SER B 26 -1.87 15.38 -4.99
N THR B 27 -1.26 14.44 -5.69
CA THR B 27 -1.71 14.09 -7.03
C THR B 27 -2.76 12.99 -6.98
N LEU B 28 -2.68 12.13 -5.97
CA LEU B 28 -3.64 11.04 -5.80
C LEU B 28 -5.06 11.58 -5.66
N VAL B 29 -5.20 12.65 -4.89
CA VAL B 29 -6.50 13.26 -4.66
C VAL B 29 -6.53 14.70 -5.16
N SER B 30 -5.73 14.98 -6.19
CA SER B 30 -5.65 16.32 -6.75
C SER B 30 -6.97 16.71 -7.40
N GLY B 31 -7.36 15.97 -8.44
CA GLY B 31 -8.61 16.25 -9.13
C GLY B 31 -9.78 16.36 -8.19
N GLY B 32 -9.68 15.71 -7.03
CA GLY B 32 -10.74 15.75 -6.05
C GLY B 32 -11.07 14.38 -5.49
N TYR B 33 -10.37 13.36 -5.99
CA TYR B 33 -10.59 12.00 -5.53
C TYR B 33 -9.53 11.05 -6.10
N LEU B 34 -9.70 9.75 -5.86
CA LEU B 34 -8.76 8.76 -6.34
C LEU B 34 -8.75 8.71 -7.86
N ASN B 35 -7.59 9.00 -8.45
CA ASN B 35 -7.45 8.98 -9.91
C ASN B 35 -6.64 7.78 -10.36
N THR B 36 -7.34 6.72 -10.75
CA THR B 36 -6.69 5.49 -11.21
C THR B 36 -5.75 5.78 -12.37
N ALA B 37 -6.03 6.84 -13.11
CA ALA B 37 -5.19 7.24 -14.25
C ALA B 37 -3.84 7.74 -13.77
N ALA B 38 -3.71 7.97 -12.47
CA ALA B 38 -2.46 8.46 -11.90
C ALA B 38 -1.81 7.41 -11.02
N LEU B 39 -2.61 6.44 -10.57
CA LEU B 39 -2.11 5.37 -9.72
C LEU B 39 -0.79 4.82 -10.24
N PRO B 40 -0.79 4.40 -11.52
CA PRO B 40 0.41 3.86 -12.18
C PRO B 40 1.48 4.91 -12.41
N SER B 41 1.06 6.17 -12.41
CA SER B 41 1.98 7.28 -12.64
C SER B 41 2.77 7.60 -11.37
N VAL B 42 2.08 7.63 -10.24
CA VAL B 42 2.72 7.91 -8.96
C VAL B 42 3.65 6.79 -8.54
N ILE B 43 3.20 5.55 -8.73
CA ILE B 43 4.00 4.38 -8.38
C ILE B 43 5.28 4.32 -9.21
N ALA B 44 5.16 4.63 -10.49
CA ALA B 44 6.31 4.62 -11.39
C ALA B 44 7.28 5.74 -11.06
N ASP B 45 6.75 6.85 -10.53
CA ASP B 45 7.57 7.99 -10.17
C ASP B 45 8.44 7.68 -8.96
N LEU B 46 7.81 7.25 -7.87
CA LEU B 46 8.53 6.90 -6.65
C LEU B 46 9.66 5.94 -6.93
N PHE B 47 9.37 4.91 -7.72
CA PHE B 47 10.38 3.91 -8.08
C PHE B 47 11.54 4.54 -8.84
N ALA B 48 11.24 5.59 -9.61
CA ALA B 48 12.24 6.28 -10.38
C ALA B 48 13.11 7.18 -9.49
N GLN B 49 12.45 7.90 -8.60
CA GLN B 49 13.16 8.80 -7.67
C GLN B 49 14.11 8.01 -6.78
N VAL B 50 13.57 7.00 -6.11
CA VAL B 50 14.39 6.17 -5.22
C VAL B 50 15.38 5.32 -6.00
N GLY B 51 14.95 4.84 -7.16
CA GLY B 51 15.82 4.02 -7.99
C GLY B 51 16.98 4.81 -8.56
N ALA B 52 16.83 6.13 -8.62
CA ALA B 52 17.89 7.00 -9.15
C ALA B 52 18.94 7.27 -8.09
N SER B 53 18.54 7.22 -6.83
CA SER B 53 19.46 7.47 -5.73
C SER B 53 20.24 6.21 -5.35
N SER B 54 19.64 5.05 -5.63
CA SER B 54 20.27 3.78 -5.34
C SER B 54 20.12 2.80 -6.50
N PRO B 55 20.87 3.05 -7.57
CA PRO B 55 20.84 2.21 -8.77
C PRO B 55 21.45 0.83 -8.53
N GLY B 56 22.32 0.74 -7.53
CA GLY B 56 22.97 -0.52 -7.22
C GLY B 56 22.13 -1.38 -6.29
N VAL B 57 20.98 -0.86 -5.89
CA VAL B 57 20.09 -1.60 -5.00
C VAL B 57 19.40 -2.75 -5.73
N SER B 58 18.69 -3.58 -4.97
CA SER B 58 17.99 -4.72 -5.54
C SER B 58 16.55 -4.36 -5.87
N ASP B 59 16.02 -4.97 -6.93
CA ASP B 59 14.65 -4.73 -7.36
C ASP B 59 13.68 -4.90 -6.20
N SER B 60 14.05 -5.76 -5.25
CA SER B 60 13.21 -6.04 -4.09
C SER B 60 13.20 -4.85 -3.13
N GLU B 61 14.38 -4.48 -2.64
CA GLU B 61 14.51 -3.36 -1.71
C GLU B 61 13.84 -2.11 -2.28
N VAL B 62 14.17 -1.79 -3.53
CA VAL B 62 13.58 -0.62 -4.18
C VAL B 62 12.07 -0.70 -4.21
N LEU B 63 11.54 -1.90 -4.36
CA LEU B 63 10.10 -2.12 -4.40
C LEU B 63 9.46 -1.80 -3.06
N ILE B 64 10.11 -2.24 -1.98
CA ILE B 64 9.61 -2.00 -0.64
C ILE B 64 9.52 -0.51 -0.34
N GLN B 65 10.34 0.28 -1.02
CA GLN B 65 10.35 1.71 -0.83
C GLN B 65 9.17 2.37 -1.54
N VAL B 66 8.86 1.87 -2.73
CA VAL B 66 7.75 2.40 -3.52
C VAL B 66 6.42 2.21 -2.79
N LEU B 67 6.28 1.07 -2.12
CA LEU B 67 5.07 0.76 -1.38
C LEU B 67 5.05 1.48 -0.04
N LEU B 68 6.22 1.84 0.46
CA LEU B 68 6.34 2.53 1.74
C LEU B 68 5.87 3.97 1.61
N GLU B 69 6.24 4.62 0.51
CA GLU B 69 5.84 6.00 0.28
C GLU B 69 4.37 6.09 -0.10
N ILE B 70 3.91 5.15 -0.92
CA ILE B 70 2.52 5.13 -1.36
C ILE B 70 1.57 5.02 -0.17
N VAL B 71 1.81 4.04 0.69
CA VAL B 71 0.98 3.84 1.88
C VAL B 71 0.98 5.08 2.77
N SER B 72 2.16 5.68 2.93
CA SER B 72 2.30 6.87 3.77
C SER B 72 1.41 8.00 3.25
N SER B 73 1.27 8.08 1.94
CA SER B 73 0.44 9.11 1.32
C SER B 73 -1.03 8.86 1.59
N LEU B 74 -1.54 7.74 1.06
CA LEU B 74 -2.95 7.38 1.25
C LEU B 74 -3.31 7.37 2.72
N ILE B 75 -2.47 6.73 3.53
CA ILE B 75 -2.72 6.65 4.97
C ILE B 75 -2.98 8.02 5.57
N HIS B 76 -2.10 8.98 5.24
CA HIS B 76 -2.24 10.34 5.75
C HIS B 76 -3.59 10.93 5.34
N ILE B 77 -4.11 10.50 4.20
CA ILE B 77 -5.38 11.00 3.69
C ILE B 77 -6.54 10.42 4.50
N LEU B 78 -6.47 9.12 4.77
CA LEU B 78 -7.52 8.45 5.54
C LEU B 78 -7.70 9.10 6.90
N SER B 79 -6.60 9.53 7.51
CA SER B 79 -6.64 10.19 8.81
C SER B 79 -7.71 11.26 8.85
N SER B 80 -7.98 11.86 7.70
CA SER B 80 -8.98 12.92 7.60
C SER B 80 -10.35 12.34 7.23
N SER B 81 -10.36 11.44 6.26
CA SER B 81 -11.60 10.81 5.82
C SER B 81 -12.05 9.74 6.81
N SER B 82 -13.03 8.94 6.39
CA SER B 82 -13.55 7.88 7.24
C SER B 82 -14.54 7.00 6.47
N VAL B 83 -15.29 6.18 7.20
CA VAL B 83 -16.27 5.29 6.59
C VAL B 83 -17.49 6.07 6.11
N GLY B 84 -17.33 6.77 5.00
CA GLY B 84 -18.43 7.56 4.46
C GLY B 84 -19.46 6.70 3.76
N GLN B 85 -19.50 6.78 2.43
CA GLN B 85 -20.45 6.01 1.65
C GLN B 85 -19.73 4.90 0.86
N VAL B 86 -18.59 4.46 1.37
CA VAL B 86 -17.82 3.41 0.72
C VAL B 86 -18.56 2.09 0.74
N ASP B 87 -18.76 1.51 -0.44
CA ASP B 87 -19.46 0.23 -0.56
C ASP B 87 -18.47 -0.90 -0.83
N PHE B 88 -18.64 -1.99 -0.08
CA PHE B 88 -17.76 -3.16 -0.24
C PHE B 88 -17.80 -3.69 -1.67
N SER B 89 -18.82 -3.28 -2.41
CA SER B 89 -18.98 -3.71 -3.80
C SER B 89 -18.06 -2.93 -4.73
N SER B 90 -16.84 -2.69 -4.26
CA SER B 90 -15.86 -1.94 -5.04
C SER B 90 -14.47 -2.53 -4.87
N VAL B 91 -14.39 -3.64 -4.15
CA VAL B 91 -13.11 -4.31 -3.90
C VAL B 91 -12.57 -4.94 -5.17
N GLY B 92 -13.48 -5.44 -6.01
CA GLY B 92 -13.08 -6.07 -7.26
C GLY B 92 -12.31 -5.14 -8.16
N SER B 93 -12.87 -3.95 -8.41
CA SER B 93 -12.23 -2.97 -9.26
C SER B 93 -10.98 -2.39 -8.59
N SER B 94 -11.01 -2.33 -7.27
CA SER B 94 -9.89 -1.80 -6.51
C SER B 94 -8.65 -2.69 -6.66
N ALA B 95 -8.85 -4.00 -6.47
CA ALA B 95 -7.76 -4.96 -6.58
C ALA B 95 -7.24 -5.03 -8.01
N ALA B 96 -8.12 -4.79 -8.97
CA ALA B 96 -7.74 -4.82 -10.37
C ALA B 96 -6.92 -3.59 -10.76
N ALA B 97 -7.35 -2.43 -10.28
CA ALA B 97 -6.65 -1.18 -10.56
C ALA B 97 -5.22 -1.23 -10.07
N VAL B 98 -5.02 -1.70 -8.85
CA VAL B 98 -3.70 -1.80 -8.26
C VAL B 98 -2.85 -2.84 -8.99
N GLY B 99 -3.48 -3.94 -9.37
CA GLY B 99 -2.77 -5.01 -10.08
C GLY B 99 -2.29 -4.56 -11.45
N GLN B 100 -2.95 -3.56 -12.01
CA GLN B 100 -2.58 -3.04 -13.33
C GLN B 100 -1.44 -2.03 -13.21
N SER B 101 -1.44 -1.28 -12.12
CA SER B 101 -0.40 -0.27 -11.89
C SER B 101 0.96 -0.92 -11.74
N MET B 102 1.01 -2.03 -11.02
CA MET B 102 2.26 -2.75 -10.79
C MET B 102 2.93 -3.09 -12.12
N GLN B 103 2.13 -3.24 -13.17
CA GLN B 103 2.65 -3.56 -14.50
C GLN B 103 3.49 -2.42 -15.05
N VAL B 104 3.25 -1.21 -14.54
CA VAL B 104 3.98 -0.04 -14.98
C VAL B 104 5.30 0.09 -14.24
N VAL B 105 5.39 -0.52 -13.06
CA VAL B 105 6.60 -0.48 -12.26
C VAL B 105 7.65 -1.43 -12.81
N MET B 106 7.20 -2.57 -13.33
CA MET B 106 8.11 -3.57 -13.88
C MET B 106 7.82 -3.81 -15.36
N GLY B 107 7.27 -2.80 -16.03
CA GLY B 107 6.94 -2.93 -17.43
C GLY B 107 5.95 -4.04 -17.71
N VAL A 1 10.93 -8.58 -10.26
CA VAL A 1 9.62 -8.40 -9.63
C VAL A 1 8.51 -8.52 -10.67
N GLY A 2 8.85 -8.32 -11.93
CA GLY A 2 7.86 -8.41 -12.99
C GLY A 2 7.18 -9.76 -13.03
N THR A 3 7.97 -10.82 -13.03
CA THR A 3 7.43 -12.18 -13.07
C THR A 3 6.69 -12.51 -11.78
N THR A 4 7.18 -11.97 -10.67
CA THR A 4 6.55 -12.20 -9.37
C THR A 4 5.19 -11.54 -9.27
N VAL A 5 5.04 -10.40 -9.95
CA VAL A 5 3.78 -9.67 -9.95
C VAL A 5 2.69 -10.45 -10.68
N ALA A 6 3.09 -11.17 -11.73
CA ALA A 6 2.15 -11.96 -12.52
C ALA A 6 1.71 -13.20 -11.76
N SER A 7 2.41 -13.50 -10.67
CA SER A 7 2.09 -14.67 -9.86
C SER A 7 1.15 -14.30 -8.72
N THR A 8 1.53 -13.28 -7.96
CA THR A 8 0.72 -12.81 -6.84
C THR A 8 -0.65 -12.33 -7.31
N THR A 9 -0.68 -11.75 -8.50
CA THR A 9 -1.93 -11.24 -9.06
C THR A 9 -2.84 -12.37 -9.51
N SER A 10 -2.24 -13.47 -9.95
CA SER A 10 -3.01 -14.62 -10.41
C SER A 10 -3.78 -15.25 -9.26
N ARG A 11 -3.21 -15.18 -8.06
CA ARG A 11 -3.84 -15.73 -6.87
C ARG A 11 -4.77 -14.71 -6.21
N LEU A 12 -4.51 -13.44 -6.47
CA LEU A 12 -5.32 -12.36 -5.90
C LEU A 12 -6.65 -12.24 -6.64
N SER A 13 -6.70 -12.78 -7.85
CA SER A 13 -7.91 -12.73 -8.65
C SER A 13 -8.90 -13.82 -8.23
N THR A 14 -8.56 -14.53 -7.16
CA THR A 14 -9.40 -15.59 -6.65
C THR A 14 -10.28 -15.11 -5.50
N ALA A 15 -11.34 -15.85 -5.21
CA ALA A 15 -12.26 -15.49 -4.13
C ALA A 15 -11.51 -15.32 -2.82
N GLU A 16 -10.37 -16.01 -2.69
CA GLU A 16 -9.58 -15.93 -1.47
C GLU A 16 -9.18 -14.48 -1.17
N ALA A 17 -8.60 -13.82 -2.17
CA ALA A 17 -8.17 -12.44 -2.02
C ALA A 17 -9.37 -11.52 -1.73
N SER A 18 -10.49 -11.80 -2.39
CA SER A 18 -11.69 -11.00 -2.21
C SER A 18 -12.11 -10.98 -0.75
N SER A 19 -12.14 -12.16 -0.13
CA SER A 19 -12.54 -12.28 1.28
C SER A 19 -11.57 -11.51 2.17
N ARG A 20 -10.28 -11.79 2.04
CA ARG A 20 -9.27 -11.13 2.83
C ARG A 20 -9.44 -9.61 2.79
N ILE A 21 -9.62 -9.08 1.59
CA ILE A 21 -9.79 -7.64 1.41
C ILE A 21 -10.99 -7.14 2.20
N SER A 22 -12.06 -7.92 2.21
CA SER A 22 -13.27 -7.55 2.93
C SER A 22 -12.98 -7.30 4.41
N THR A 23 -12.23 -8.21 5.01
CA THR A 23 -11.89 -8.10 6.42
C THR A 23 -10.84 -7.01 6.64
N ALA A 24 -9.97 -6.81 5.65
CA ALA A 24 -8.93 -5.80 5.72
C ALA A 24 -9.52 -4.40 5.71
N ALA A 25 -10.54 -4.20 4.88
CA ALA A 25 -11.20 -2.90 4.78
C ALA A 25 -12.26 -2.74 5.85
N SER A 26 -12.99 -3.82 6.12
CA SER A 26 -14.05 -3.80 7.13
C SER A 26 -13.49 -3.41 8.49
N THR A 27 -12.25 -3.82 8.75
CA THR A 27 -11.60 -3.52 10.02
C THR A 27 -10.81 -2.22 9.94
N LEU A 28 -10.27 -1.93 8.77
CA LEU A 28 -9.48 -0.72 8.56
C LEU A 28 -10.33 0.53 8.81
N VAL A 29 -11.63 0.42 8.53
CA VAL A 29 -12.55 1.53 8.74
C VAL A 29 -13.95 1.04 9.07
N SER A 30 -14.06 0.23 10.11
CA SER A 30 -15.34 -0.32 10.53
C SER A 30 -16.26 0.78 11.05
N GLY A 31 -16.90 1.49 10.12
CA GLY A 31 -17.80 2.57 10.50
C GLY A 31 -17.15 3.57 11.44
N GLY A 32 -15.88 3.87 11.20
CA GLY A 32 -15.17 4.80 12.05
C GLY A 32 -14.08 5.56 11.30
N TYR A 33 -12.94 4.89 11.10
CA TYR A 33 -11.82 5.51 10.40
C TYR A 33 -10.60 4.59 10.42
N LEU A 34 -9.48 5.10 9.93
CA LEU A 34 -8.24 4.33 9.89
C LEU A 34 -7.66 4.15 11.29
N ASN A 35 -7.68 2.92 11.78
CA ASN A 35 -7.15 2.61 13.10
C ASN A 35 -5.74 2.03 13.01
N THR A 36 -4.76 2.81 13.46
CA THR A 36 -3.37 2.37 13.42
C THR A 36 -3.15 1.15 14.30
N ALA A 37 -4.05 0.95 15.26
CA ALA A 37 -3.96 -0.17 16.18
C ALA A 37 -4.31 -1.48 15.46
N ALA A 38 -4.83 -1.37 14.24
CA ALA A 38 -5.19 -2.54 13.46
C ALA A 38 -4.33 -2.67 12.21
N LEU A 39 -3.72 -1.56 11.82
CA LEU A 39 -2.85 -1.54 10.64
C LEU A 39 -1.91 -2.74 10.64
N PRO A 40 -1.15 -2.89 11.73
CA PRO A 40 -0.19 -4.00 11.89
C PRO A 40 -0.88 -5.34 12.06
N SER A 41 -2.16 -5.30 12.46
CA SER A 41 -2.93 -6.52 12.66
C SER A 41 -3.41 -7.09 11.33
N VAL A 42 -3.93 -6.21 10.47
CA VAL A 42 -4.43 -6.63 9.16
C VAL A 42 -3.29 -7.13 8.28
N ILE A 43 -2.18 -6.40 8.29
CA ILE A 43 -1.02 -6.76 7.48
C ILE A 43 -0.47 -8.12 7.90
N ALA A 44 -0.42 -8.36 9.21
CA ALA A 44 0.08 -9.63 9.74
C ALA A 44 -0.88 -10.78 9.41
N ASP A 45 -2.15 -10.45 9.27
CA ASP A 45 -3.16 -11.45 8.96
C ASP A 45 -3.00 -11.97 7.53
N LEU A 46 -3.01 -11.04 6.57
CA LEU A 46 -2.86 -11.40 5.17
C LEU A 46 -1.62 -12.28 4.96
N PHE A 47 -0.51 -11.85 5.52
CA PHE A 47 0.75 -12.59 5.40
C PHE A 47 0.63 -13.97 6.05
N ALA A 48 -0.27 -14.08 7.01
CA ALA A 48 -0.49 -15.35 7.71
C ALA A 48 -1.34 -16.30 6.88
N GLN A 49 -2.45 -15.79 6.37
CA GLN A 49 -3.36 -16.60 5.55
C GLN A 49 -2.66 -17.08 4.28
N VAL A 50 -2.08 -16.14 3.55
CA VAL A 50 -1.37 -16.47 2.31
C VAL A 50 -0.10 -17.26 2.59
N GLY A 51 0.57 -16.91 3.69
CA GLY A 51 1.80 -17.59 4.06
C GLY A 51 1.55 -19.02 4.51
N ALA A 52 0.32 -19.31 4.93
CA ALA A 52 -0.03 -20.64 5.39
C ALA A 52 -0.38 -21.56 4.22
N SER A 53 -0.82 -20.96 3.12
CA SER A 53 -1.18 -21.72 1.93
C SER A 53 0.04 -21.99 1.06
N SER A 54 1.05 -21.13 1.19
CA SER A 54 2.28 -21.29 0.41
C SER A 54 3.51 -21.14 1.31
N PRO A 55 3.78 -22.17 2.12
CA PRO A 55 4.92 -22.18 3.04
C PRO A 55 6.25 -22.27 2.30
N GLY A 56 6.22 -22.85 1.10
CA GLY A 56 7.43 -22.99 0.31
C GLY A 56 7.70 -21.79 -0.57
N VAL A 57 6.82 -20.79 -0.48
CA VAL A 57 6.98 -19.57 -1.27
C VAL A 57 8.09 -18.69 -0.73
N SER A 58 8.49 -17.70 -1.53
CA SER A 58 9.56 -16.79 -1.13
C SER A 58 9.00 -15.60 -0.37
N ASP A 59 9.77 -15.09 0.60
CA ASP A 59 9.34 -13.96 1.40
C ASP A 59 8.91 -12.80 0.51
N SER A 60 9.49 -12.71 -0.68
CA SER A 60 9.16 -11.66 -1.63
C SER A 60 7.77 -11.86 -2.22
N GLU A 61 7.59 -12.97 -2.92
CA GLU A 61 6.30 -13.28 -3.53
C GLU A 61 5.16 -13.12 -2.53
N VAL A 62 5.33 -13.71 -1.36
CA VAL A 62 4.32 -13.63 -0.31
C VAL A 62 4.07 -12.19 0.10
N LEU A 63 5.13 -11.38 0.10
CA LEU A 63 5.02 -9.98 0.47
C LEU A 63 4.20 -9.19 -0.55
N ILE A 64 4.48 -9.45 -1.83
CA ILE A 64 3.77 -8.78 -2.91
C ILE A 64 2.26 -8.98 -2.78
N GLN A 65 1.87 -10.07 -2.14
CA GLN A 65 0.45 -10.38 -1.95
C GLN A 65 -0.12 -9.59 -0.76
N VAL A 66 0.68 -9.47 0.29
CA VAL A 66 0.26 -8.74 1.48
C VAL A 66 -0.02 -7.27 1.17
N LEU A 67 0.78 -6.71 0.27
CA LEU A 67 0.62 -5.31 -0.11
C LEU A 67 -0.50 -5.16 -1.13
N LEU A 68 -0.72 -6.20 -1.92
CA LEU A 68 -1.77 -6.18 -2.94
C LEU A 68 -3.15 -6.13 -2.30
N GLU A 69 -3.33 -6.89 -1.22
CA GLU A 69 -4.61 -6.93 -0.52
C GLU A 69 -4.83 -5.65 0.28
N ILE A 70 -3.76 -5.14 0.88
CA ILE A 70 -3.83 -3.92 1.68
C ILE A 70 -4.29 -2.74 0.82
N VAL A 71 -3.61 -2.54 -0.31
CA VAL A 71 -3.95 -1.45 -1.21
C VAL A 71 -5.39 -1.57 -1.71
N SER A 72 -5.80 -2.80 -2.01
CA SER A 72 -7.15 -3.06 -2.50
C SER A 72 -8.19 -2.66 -1.46
N SER A 73 -7.84 -2.82 -0.19
CA SER A 73 -8.76 -2.48 0.90
C SER A 73 -8.89 -0.97 1.03
N LEU A 74 -7.77 -0.28 1.24
CA LEU A 74 -7.76 1.16 1.39
C LEU A 74 -8.30 1.84 0.14
N ILE A 75 -7.80 1.42 -1.02
CA ILE A 75 -8.23 1.98 -2.29
C ILE A 75 -9.75 1.88 -2.45
N HIS A 76 -10.30 0.74 -2.05
CA HIS A 76 -11.74 0.51 -2.14
C HIS A 76 -12.51 1.55 -1.32
N ILE A 77 -11.94 1.94 -0.18
CA ILE A 77 -12.57 2.92 0.68
C ILE A 77 -12.54 4.31 0.07
N LEU A 78 -11.36 4.73 -0.37
CA LEU A 78 -11.20 6.04 -0.99
C LEU A 78 -12.12 6.20 -2.19
N SER A 79 -12.35 5.10 -2.91
CA SER A 79 -13.22 5.12 -4.08
C SER A 79 -14.55 5.81 -3.76
N SER A 80 -14.97 5.69 -2.51
CA SER A 80 -16.22 6.30 -2.07
C SER A 80 -15.97 7.52 -1.19
N SER A 81 -14.83 7.51 -0.49
CA SER A 81 -14.47 8.62 0.39
C SER A 81 -14.45 9.94 -0.38
N SER A 82 -14.25 11.03 0.35
CA SER A 82 -14.20 12.35 -0.26
C SER A 82 -12.81 12.94 -0.19
N VAL A 83 -12.46 13.49 0.99
CA VAL A 83 -11.14 14.08 1.19
C VAL A 83 -11.04 14.73 2.57
N GLY A 84 -12.17 15.19 3.08
CA GLY A 84 -12.19 15.82 4.39
C GLY A 84 -11.10 16.87 4.54
N GLN A 85 -10.75 17.18 5.79
CA GLN A 85 -9.72 18.17 6.07
C GLN A 85 -8.44 17.51 6.54
N VAL A 86 -7.58 17.14 5.60
CA VAL A 86 -6.31 16.50 5.92
C VAL A 86 -5.15 17.50 5.89
N ASP A 87 -4.43 17.58 7.00
CA ASP A 87 -3.30 18.50 7.11
C ASP A 87 -1.99 17.81 6.72
N PHE A 88 -1.33 18.35 5.71
CA PHE A 88 -0.08 17.78 5.23
C PHE A 88 0.97 17.73 6.36
N SER A 89 0.72 18.52 7.40
CA SER A 89 1.63 18.58 8.54
C SER A 89 1.45 17.37 9.45
N SER A 90 1.43 16.19 8.84
CA SER A 90 1.27 14.95 9.59
C SER A 90 1.82 13.76 8.81
N VAL A 91 2.66 14.05 7.81
CA VAL A 91 3.27 13.00 7.00
C VAL A 91 4.24 12.17 7.80
N GLY A 92 5.05 12.84 8.63
CA GLY A 92 6.02 12.13 9.45
C GLY A 92 5.39 11.05 10.28
N SER A 93 4.27 11.35 10.92
CA SER A 93 3.57 10.40 11.76
C SER A 93 2.97 9.28 10.93
N SER A 94 2.52 9.62 9.72
CA SER A 94 1.92 8.64 8.82
C SER A 94 2.95 7.61 8.37
N ALA A 95 4.10 8.10 7.92
CA ALA A 95 5.17 7.22 7.46
C ALA A 95 5.75 6.41 8.61
N ALA A 96 5.65 6.96 9.82
CA ALA A 96 6.17 6.27 11.01
C ALA A 96 5.30 5.07 11.36
N ALA A 97 3.99 5.27 11.36
CA ALA A 97 3.05 4.20 11.68
C ALA A 97 3.24 3.01 10.74
N VAL A 98 3.25 3.29 9.44
CA VAL A 98 3.42 2.24 8.43
C VAL A 98 4.75 1.52 8.61
N GLY A 99 5.79 2.29 8.92
CA GLY A 99 7.11 1.71 9.10
C GLY A 99 7.15 0.72 10.25
N GLN A 100 6.33 0.96 11.26
CA GLN A 100 6.28 0.09 12.44
C GLN A 100 5.47 -1.17 12.14
N SER A 101 4.47 -1.04 11.28
CA SER A 101 3.63 -2.17 10.91
C SER A 101 4.45 -3.27 10.25
N MET A 102 5.34 -2.88 9.34
CA MET A 102 6.19 -3.83 8.64
C MET A 102 6.93 -4.75 9.63
N GLN A 103 7.20 -4.21 10.81
CA GLN A 103 7.90 -4.97 11.85
C GLN A 103 7.06 -6.16 12.31
N VAL A 104 5.75 -6.07 12.11
CA VAL A 104 4.84 -7.13 12.51
C VAL A 104 4.75 -8.21 11.44
N VAL A 105 5.09 -7.83 10.21
CA VAL A 105 5.05 -8.77 9.08
C VAL A 105 6.27 -9.68 9.09
N MET A 106 7.39 -9.16 9.61
CA MET A 106 8.61 -9.94 9.67
C MET A 106 8.90 -10.40 11.10
N GLY A 107 7.97 -10.10 12.01
CA GLY A 107 8.13 -10.50 13.40
C GLY A 107 9.02 -9.54 14.17
N VAL B 1 13.61 -10.50 3.36
CA VAL B 1 12.73 -9.34 3.26
C VAL B 1 12.83 -8.48 4.51
N GLY B 2 13.31 -9.07 5.60
CA GLY B 2 13.45 -8.34 6.85
C GLY B 2 14.52 -7.28 6.78
N THR B 3 15.76 -7.71 6.54
CA THR B 3 16.89 -6.79 6.45
C THR B 3 16.63 -5.70 5.41
N THR B 4 15.86 -6.04 4.38
CA THR B 4 15.54 -5.08 3.33
C THR B 4 14.64 -3.98 3.85
N VAL B 5 13.78 -4.32 4.80
CA VAL B 5 12.86 -3.34 5.38
C VAL B 5 13.60 -2.31 6.22
N ALA B 6 14.65 -2.76 6.89
CA ALA B 6 15.46 -1.88 7.72
C ALA B 6 16.32 -0.94 6.89
N SER B 7 16.41 -1.25 5.59
CA SER B 7 17.21 -0.44 4.68
C SER B 7 16.34 0.63 4.01
N THR B 8 15.22 0.21 3.45
CA THR B 8 14.30 1.13 2.78
C THR B 8 13.72 2.14 3.76
N THR B 9 13.56 1.71 5.01
CA THR B 9 13.02 2.58 6.05
C THR B 9 14.02 3.64 6.46
N SER B 10 15.30 3.29 6.42
CA SER B 10 16.36 4.22 6.80
C SER B 10 16.43 5.39 5.83
N ARG B 11 16.10 5.13 4.57
CA ARG B 11 16.13 6.17 3.54
C ARG B 11 14.80 6.91 3.49
N LEU B 12 13.74 6.26 3.96
CA LEU B 12 12.42 6.86 3.98
C LEU B 12 12.28 7.86 5.11
N SER B 13 13.15 7.75 6.11
CA SER B 13 13.14 8.65 7.26
C SER B 13 13.81 9.97 6.92
N THR B 14 14.18 10.14 5.66
CA THR B 14 14.84 11.37 5.21
C THR B 14 13.83 12.32 4.58
N ALA B 15 14.25 13.57 4.41
CA ALA B 15 13.39 14.59 3.81
C ALA B 15 12.93 14.17 2.42
N GLU B 16 13.75 13.37 1.74
CA GLU B 16 13.43 12.91 0.41
C GLU B 16 12.07 12.23 0.38
N ALA B 17 11.86 11.28 1.29
CA ALA B 17 10.61 10.55 1.37
C ALA B 17 9.45 11.50 1.67
N SER B 18 9.73 12.55 2.45
CA SER B 18 8.70 13.52 2.81
C SER B 18 8.16 14.22 1.57
N SER B 19 9.06 14.62 0.68
CA SER B 19 8.66 15.31 -0.55
C SER B 19 7.81 14.39 -1.43
N ARG B 20 8.35 13.23 -1.77
CA ARG B 20 7.63 12.28 -2.61
C ARG B 20 6.22 12.03 -2.08
N ILE B 21 6.13 11.73 -0.79
CA ILE B 21 4.84 11.48 -0.15
C ILE B 21 3.89 12.65 -0.35
N SER B 22 4.43 13.86 -0.25
CA SER B 22 3.62 15.07 -0.41
C SER B 22 3.03 15.13 -1.81
N THR B 23 3.84 14.79 -2.81
CA THR B 23 3.39 14.82 -4.20
C THR B 23 2.46 13.65 -4.50
N ALA B 24 2.71 12.52 -3.84
CA ALA B 24 1.89 11.33 -4.03
C ALA B 24 0.49 11.52 -3.44
N ALA B 25 0.43 12.15 -2.27
CA ALA B 25 -0.84 12.40 -1.60
C ALA B 25 -1.54 13.61 -2.20
N SER B 26 -0.77 14.59 -2.61
CA SER B 26 -1.32 15.81 -3.21
C SER B 26 -2.10 15.49 -4.47
N THR B 27 -1.57 14.57 -5.26
CA THR B 27 -2.21 14.17 -6.51
C THR B 27 -3.25 13.07 -6.28
N LEU B 28 -3.00 12.25 -5.28
CA LEU B 28 -3.89 11.14 -4.94
C LEU B 28 -5.25 11.68 -4.48
N VAL B 29 -5.24 12.87 -3.91
CA VAL B 29 -6.47 13.49 -3.41
C VAL B 29 -6.38 15.02 -3.50
N SER B 30 -6.05 15.53 -4.68
CA SER B 30 -5.94 16.97 -4.89
C SER B 30 -7.29 17.65 -4.73
N GLY B 31 -7.71 17.86 -3.48
CA GLY B 31 -8.98 18.50 -3.22
C GLY B 31 -10.12 17.85 -3.98
N GLY B 32 -9.98 16.56 -4.28
CA GLY B 32 -11.02 15.86 -5.00
C GLY B 32 -11.28 14.47 -4.44
N TYR B 33 -10.38 13.54 -4.72
CA TYR B 33 -10.51 12.17 -4.24
C TYR B 33 -9.47 11.26 -4.89
N LEU B 34 -9.61 9.96 -4.67
CA LEU B 34 -8.68 8.99 -5.23
C LEU B 34 -8.87 8.87 -6.74
N ASN B 35 -7.87 9.34 -7.49
CA ASN B 35 -7.91 9.29 -8.94
C ASN B 35 -7.13 8.09 -9.48
N THR B 36 -7.85 7.11 -10.01
CA THR B 36 -7.23 5.91 -10.55
C THR B 36 -6.33 6.25 -11.73
N ALA B 37 -6.60 7.37 -12.39
CA ALA B 37 -5.82 7.80 -13.53
C ALA B 37 -4.44 8.30 -13.10
N ALA B 38 -4.26 8.45 -11.79
CA ALA B 38 -2.98 8.92 -11.25
C ALA B 38 -2.30 7.82 -10.43
N LEU B 39 -3.09 6.85 -9.99
CA LEU B 39 -2.56 5.75 -9.19
C LEU B 39 -1.28 5.20 -9.81
N PRO B 40 -1.33 4.82 -11.09
CA PRO B 40 -0.19 4.28 -11.82
C PRO B 40 0.88 5.34 -12.09
N SER B 41 0.47 6.61 -12.04
CA SER B 41 1.39 7.71 -12.28
C SER B 41 2.26 7.98 -11.06
N VAL B 42 1.62 8.00 -9.88
CA VAL B 42 2.34 8.24 -8.63
C VAL B 42 3.30 7.10 -8.32
N ILE B 43 2.83 5.87 -8.51
CA ILE B 43 3.65 4.69 -8.24
C ILE B 43 4.88 4.66 -9.15
N ALA B 44 4.68 5.01 -10.41
CA ALA B 44 5.77 5.03 -11.38
C ALA B 44 6.76 6.16 -11.07
N ASP B 45 6.26 7.22 -10.45
CA ASP B 45 7.10 8.36 -10.10
C ASP B 45 8.07 8.00 -8.98
N LEU B 46 7.52 7.53 -7.87
CA LEU B 46 8.34 7.15 -6.72
C LEU B 46 9.43 6.17 -7.13
N PHE B 47 9.06 5.18 -7.94
CA PHE B 47 10.00 4.18 -8.41
C PHE B 47 11.12 4.82 -9.24
N ALA B 48 10.80 5.96 -9.85
CA ALA B 48 11.77 6.67 -10.67
C ALA B 48 12.76 7.44 -9.80
N GLN B 49 12.24 8.19 -8.84
CA GLN B 49 13.09 8.98 -7.94
C GLN B 49 14.07 8.08 -7.20
N VAL B 50 13.55 7.05 -6.55
CA VAL B 50 14.38 6.12 -5.80
C VAL B 50 15.24 5.28 -6.73
N GLY B 51 14.66 4.89 -7.87
CA GLY B 51 15.38 4.08 -8.83
C GLY B 51 16.47 4.87 -9.54
N ALA B 52 16.40 6.19 -9.47
CA ALA B 52 17.39 7.04 -10.11
C ALA B 52 18.55 7.32 -9.16
N SER B 53 18.29 7.28 -7.86
CA SER B 53 19.32 7.53 -6.87
C SER B 53 20.08 6.25 -6.53
N SER B 54 19.44 5.11 -6.77
CA SER B 54 20.06 3.82 -6.49
C SER B 54 19.85 2.86 -7.66
N PRO B 55 20.60 3.09 -8.74
CA PRO B 55 20.53 2.26 -9.95
C PRO B 55 21.10 0.86 -9.73
N GLY B 56 22.01 0.75 -8.76
CA GLY B 56 22.62 -0.54 -8.46
C GLY B 56 21.84 -1.32 -7.41
N VAL B 57 20.72 -0.76 -6.97
CA VAL B 57 19.89 -1.41 -5.96
C VAL B 57 19.11 -2.58 -6.56
N SER B 58 18.56 -3.42 -5.69
CA SER B 58 17.79 -4.59 -6.14
C SER B 58 16.34 -4.21 -6.39
N ASP B 59 15.73 -4.82 -7.40
CA ASP B 59 14.34 -4.56 -7.74
C ASP B 59 13.44 -4.70 -6.51
N SER B 60 13.86 -5.55 -5.57
CA SER B 60 13.10 -5.77 -4.35
C SER B 60 13.17 -4.56 -3.42
N GLU B 61 14.38 -4.24 -2.98
CA GLU B 61 14.59 -3.10 -2.09
C GLU B 61 13.89 -1.85 -2.63
N VAL B 62 14.14 -1.56 -3.90
CA VAL B 62 13.53 -0.39 -4.53
C VAL B 62 12.01 -0.45 -4.46
N LEU B 63 11.46 -1.65 -4.57
CA LEU B 63 10.02 -1.84 -4.51
C LEU B 63 9.49 -1.55 -3.12
N ILE B 64 10.20 -2.04 -2.11
CA ILE B 64 9.79 -1.83 -0.72
C ILE B 64 9.66 -0.35 -0.40
N GLN B 65 10.42 0.47 -1.11
CA GLN B 65 10.39 1.92 -0.92
C GLN B 65 9.18 2.53 -1.61
N VAL B 66 8.88 2.04 -2.80
CA VAL B 66 7.75 2.54 -3.58
C VAL B 66 6.43 2.32 -2.83
N LEU B 67 6.33 1.18 -2.16
CA LEU B 67 5.13 0.86 -1.40
C LEU B 67 5.09 1.60 -0.06
N LEU B 68 6.27 1.92 0.45
CA LEU B 68 6.39 2.65 1.72
C LEU B 68 5.88 4.08 1.57
N GLU B 69 6.20 4.70 0.45
CA GLU B 69 5.77 6.08 0.20
C GLU B 69 4.28 6.13 -0.16
N ILE B 70 3.83 5.14 -0.93
CA ILE B 70 2.44 5.08 -1.33
C ILE B 70 1.51 4.93 -0.12
N VAL B 71 1.82 3.97 0.74
CA VAL B 71 1.02 3.74 1.93
C VAL B 71 1.04 4.95 2.85
N SER B 72 2.20 5.61 2.94
CA SER B 72 2.34 6.79 3.78
C SER B 72 1.44 7.92 3.30
N SER B 73 1.23 7.99 1.99
CA SER B 73 0.39 9.02 1.40
C SER B 73 -1.08 8.76 1.69
N LEU B 74 -1.56 7.59 1.29
CA LEU B 74 -2.95 7.21 1.50
C LEU B 74 -3.29 7.19 2.98
N ILE B 75 -2.39 6.61 3.78
CA ILE B 75 -2.59 6.52 5.22
C ILE B 75 -2.71 7.90 5.84
N HIS B 76 -1.90 8.84 5.35
CA HIS B 76 -1.92 10.22 5.86
C HIS B 76 -3.27 10.86 5.60
N ILE B 77 -3.89 10.52 4.48
CA ILE B 77 -5.19 11.07 4.11
C ILE B 77 -6.29 10.54 5.02
N LEU B 78 -6.42 9.21 5.05
CA LEU B 78 -7.44 8.57 5.88
C LEU B 78 -7.35 9.05 7.32
N SER B 79 -6.14 9.35 7.77
CA SER B 79 -5.91 9.82 9.13
C SER B 79 -6.90 10.92 9.50
N SER B 80 -7.33 11.68 8.50
CA SER B 80 -8.28 12.76 8.71
C SER B 80 -9.66 12.40 8.16
N SER B 81 -9.68 11.53 7.15
CA SER B 81 -10.94 11.10 6.54
C SER B 81 -11.86 10.50 7.59
N SER B 82 -13.09 10.18 7.16
CA SER B 82 -14.08 9.60 8.06
C SER B 82 -14.80 8.44 7.39
N VAL B 83 -14.43 8.16 6.14
CA VAL B 83 -15.04 7.07 5.38
C VAL B 83 -16.55 7.24 5.30
N GLY B 84 -17.01 7.88 4.23
CA GLY B 84 -18.43 8.10 4.06
C GLY B 84 -19.19 6.80 3.82
N GLN B 85 -19.89 6.73 2.69
CA GLN B 85 -20.66 5.54 2.35
C GLN B 85 -19.97 4.73 1.26
N VAL B 86 -19.22 3.71 1.66
CA VAL B 86 -18.51 2.87 0.72
C VAL B 86 -19.11 1.46 0.67
N ASP B 87 -19.62 1.08 -0.49
CA ASP B 87 -20.22 -0.24 -0.67
C ASP B 87 -19.15 -1.30 -0.87
N PHE B 88 -19.16 -2.31 -0.01
CA PHE B 88 -18.19 -3.39 -0.09
C PHE B 88 -18.31 -4.13 -1.43
N SER B 89 -19.42 -3.93 -2.11
CA SER B 89 -19.66 -4.57 -3.40
C SER B 89 -18.87 -3.87 -4.50
N SER B 90 -17.60 -3.58 -4.24
CA SER B 90 -16.76 -2.91 -5.22
C SER B 90 -15.29 -3.27 -5.00
N VAL B 91 -15.06 -4.31 -4.20
CA VAL B 91 -13.70 -4.77 -3.90
C VAL B 91 -13.03 -5.34 -5.15
N GLY B 92 -13.84 -5.96 -6.01
CA GLY B 92 -13.30 -6.54 -7.23
C GLY B 92 -12.66 -5.51 -8.14
N SER B 93 -13.36 -4.39 -8.35
CA SER B 93 -12.86 -3.33 -9.21
C SER B 93 -11.65 -2.65 -8.56
N SER B 94 -11.65 -2.58 -7.24
CA SER B 94 -10.56 -1.95 -6.51
C SER B 94 -9.26 -2.74 -6.66
N ALA B 95 -9.36 -4.05 -6.45
CA ALA B 95 -8.19 -4.93 -6.58
C ALA B 95 -7.67 -4.95 -8.01
N ALA B 96 -8.57 -4.73 -8.96
CA ALA B 96 -8.20 -4.72 -10.37
C ALA B 96 -7.42 -3.47 -10.73
N ALA B 97 -7.88 -2.33 -10.22
CA ALA B 97 -7.21 -1.06 -10.49
C ALA B 97 -5.75 -1.09 -10.05
N VAL B 98 -5.52 -1.58 -8.83
CA VAL B 98 -4.17 -1.66 -8.29
C VAL B 98 -3.32 -2.65 -9.08
N GLY B 99 -3.94 -3.77 -9.45
CA GLY B 99 -3.22 -4.78 -10.20
C GLY B 99 -2.71 -4.27 -11.53
N GLN B 100 -3.38 -3.26 -12.07
CA GLN B 100 -2.98 -2.67 -13.34
C GLN B 100 -1.86 -1.66 -13.15
N SER B 101 -1.88 -0.98 -12.01
CA SER B 101 -0.86 0.03 -11.71
C SER B 101 0.53 -0.61 -11.65
N MET B 102 0.60 -1.79 -11.02
CA MET B 102 1.87 -2.51 -10.90
C MET B 102 2.53 -2.70 -12.26
N GLN B 103 1.71 -2.78 -13.30
CA GLN B 103 2.22 -2.97 -14.65
C GLN B 103 3.01 -1.75 -15.11
N VAL B 104 2.75 -0.61 -14.47
CA VAL B 104 3.44 0.64 -14.81
C VAL B 104 4.76 0.75 -14.08
N VAL B 105 4.89 0.01 -12.97
CA VAL B 105 6.11 0.03 -12.17
C VAL B 105 7.20 -0.82 -12.82
N MET B 106 6.78 -1.88 -13.50
CA MET B 106 7.72 -2.78 -14.18
C MET B 106 7.58 -2.67 -15.69
N GLY B 107 6.96 -1.59 -16.15
CA GLY B 107 6.77 -1.39 -17.58
C GLY B 107 5.62 -2.20 -18.13
#